data_5Z71
# 
_entry.id   5Z71 
# 
_audit_conform.dict_name       mmcif_pdbx.dic 
_audit_conform.dict_version    5.387 
_audit_conform.dict_location   http://mmcif.pdb.org/dictionaries/ascii/mmcif_pdbx.dic 
# 
loop_
_database_2.database_id 
_database_2.database_code 
_database_2.pdbx_database_accession 
_database_2.pdbx_DOI 
PDB   5Z71         pdb_00005z71 10.2210/pdb5z71/pdb 
WWPDB D_1300006587 ?            ?                   
# 
loop_
_pdbx_audit_revision_history.ordinal 
_pdbx_audit_revision_history.data_content_type 
_pdbx_audit_revision_history.major_revision 
_pdbx_audit_revision_history.minor_revision 
_pdbx_audit_revision_history.revision_date 
1 'Structure model' 1 0 2019-01-30 
2 'Structure model' 1 1 2024-03-27 
# 
_pdbx_audit_revision_details.ordinal             1 
_pdbx_audit_revision_details.revision_ordinal    1 
_pdbx_audit_revision_details.data_content_type   'Structure model' 
_pdbx_audit_revision_details.provider            repository 
_pdbx_audit_revision_details.type                'Initial release' 
_pdbx_audit_revision_details.description         ? 
_pdbx_audit_revision_details.details             ? 
# 
loop_
_pdbx_audit_revision_group.ordinal 
_pdbx_audit_revision_group.revision_ordinal 
_pdbx_audit_revision_group.data_content_type 
_pdbx_audit_revision_group.group 
1 2 'Structure model' 'Data collection'     
2 2 'Structure model' 'Database references' 
# 
loop_
_pdbx_audit_revision_category.ordinal 
_pdbx_audit_revision_category.revision_ordinal 
_pdbx_audit_revision_category.data_content_type 
_pdbx_audit_revision_category.category 
1 2 'Structure model' chem_comp_atom 
2 2 'Structure model' chem_comp_bond 
3 2 'Structure model' database_2     
# 
loop_
_pdbx_audit_revision_item.ordinal 
_pdbx_audit_revision_item.revision_ordinal 
_pdbx_audit_revision_item.data_content_type 
_pdbx_audit_revision_item.item 
1 2 'Structure model' '_database_2.pdbx_DOI'                
2 2 'Structure model' '_database_2.pdbx_database_accession' 
# 
_pdbx_database_status.status_code                     REL 
_pdbx_database_status.status_code_sf                  REL 
_pdbx_database_status.status_code_mr                  ? 
_pdbx_database_status.entry_id                        5Z71 
_pdbx_database_status.recvd_initial_deposition_date   2018-01-26 
_pdbx_database_status.SG_entry                        N 
_pdbx_database_status.deposit_site                    PDBJ 
_pdbx_database_status.process_site                    PDBJ 
_pdbx_database_status.status_code_cs                  ? 
_pdbx_database_status.methods_development_category    ? 
_pdbx_database_status.pdb_format_compatible           Y 
_pdbx_database_status.status_code_nmr_data            ? 
# 
_pdbx_database_related.db_name        PDB 
_pdbx_database_related.details        'PDB entry for the same citation' 
_pdbx_database_related.db_id          5XZ1 
_pdbx_database_related.content_type   unspecified 
# 
loop_
_audit_author.name 
_audit_author.pdbx_ordinal 
_audit_author.identifier_ORCID 
'Kanazawa, H.' 1 ? 
'Tsurumi, N.'  2 ? 
'Kondo, J.'    3 ? 
# 
_citation.abstract                  ? 
_citation.abstract_id_CAS           ? 
_citation.book_id_ISBN              ? 
_citation.book_publisher            ? 
_citation.book_publisher_city       ? 
_citation.book_title                ? 
_citation.coordinate_linkage        ? 
_citation.country                   ? 
_citation.database_id_Medline       ? 
_citation.details                   ? 
_citation.id                        primary 
_citation.journal_abbrev            'To Be Published' 
_citation.journal_id_ASTM           ? 
_citation.journal_id_CSD            0353 
_citation.journal_id_ISSN           ? 
_citation.journal_full              ? 
_citation.journal_issue             ? 
_citation.journal_volume            ? 
_citation.language                  ? 
_citation.page_first                ? 
_citation.page_last                 ? 
_citation.title                     
'Structural studies of aminoglycoside antibiotics G418 and its derivatives with readthrough activities' 
_citation.year                      ? 
_citation.database_id_CSD           ? 
_citation.pdbx_database_id_DOI      ? 
_citation.pdbx_database_id_PubMed   ? 
_citation.unpublished_flag          ? 
# 
loop_
_citation_author.citation_id 
_citation_author.name 
_citation_author.ordinal 
_citation_author.identifier_ORCID 
primary 'Kanazawa, H.' 1 ? 
primary 'Tsurumi, N.'  2 ? 
primary 'Baasov, T.'   3 ? 
primary 'Kondo, J.'    4 ? 
# 
loop_
_entity.id 
_entity.type 
_entity.src_method 
_entity.pdbx_description 
_entity.formula_weight 
_entity.pdbx_number_of_molecules 
_entity.pdbx_ec 
_entity.pdbx_mutation 
_entity.pdbx_fragment 
_entity.details 
1 polymer     syn 
;RNA (5'-R(P*UP*GP*CP*GP*UP*CP*GP*CP*UP*CP*CP*GP*GP*AP*AP*AP*AP*GP*UP*CP*GP*C)-3')
;
7049.243 2 ? ? ? ? 
2 non-polymer syn GENETICIN                                                                           496.552  1 ? ? ? ? 
3 water       nat water                                                                               18.015   4 ? ? ? ? 
# 
_entity_poly.entity_id                      1 
_entity_poly.type                           polyribonucleotide 
_entity_poly.nstd_linkage                   no 
_entity_poly.nstd_monomer                   no 
_entity_poly.pdbx_seq_one_letter_code       UGCGUCGCUCCGGAAAAGUCGC 
_entity_poly.pdbx_seq_one_letter_code_can   UGCGUCGCUCCGGAAAAGUCGC 
_entity_poly.pdbx_strand_id                 A,B 
_entity_poly.pdbx_target_identifier         ? 
# 
loop_
_pdbx_entity_nonpoly.entity_id 
_pdbx_entity_nonpoly.name 
_pdbx_entity_nonpoly.comp_id 
2 GENETICIN GET 
3 water     HOH 
# 
loop_
_entity_poly_seq.entity_id 
_entity_poly_seq.num 
_entity_poly_seq.mon_id 
_entity_poly_seq.hetero 
1 1  U n 
1 2  G n 
1 3  C n 
1 4  G n 
1 5  U n 
1 6  C n 
1 7  G n 
1 8  C n 
1 9  U n 
1 10 C n 
1 11 C n 
1 12 G n 
1 13 G n 
1 14 A n 
1 15 A n 
1 16 A n 
1 17 A n 
1 18 G n 
1 19 U n 
1 20 C n 
1 21 G n 
1 22 C n 
# 
_pdbx_entity_src_syn.entity_id              1 
_pdbx_entity_src_syn.pdbx_src_id            1 
_pdbx_entity_src_syn.pdbx_alt_source_flag   sample 
_pdbx_entity_src_syn.pdbx_beg_seq_num       1 
_pdbx_entity_src_syn.pdbx_end_seq_num       22 
_pdbx_entity_src_syn.organism_scientific    'synthetic construct' 
_pdbx_entity_src_syn.organism_common_name   ? 
_pdbx_entity_src_syn.ncbi_taxonomy_id       32630 
_pdbx_entity_src_syn.details                ? 
# 
loop_
_chem_comp.id 
_chem_comp.type 
_chem_comp.mon_nstd_flag 
_chem_comp.name 
_chem_comp.pdbx_synonyms 
_chem_comp.formula 
_chem_comp.formula_weight 
A   'RNA linking' y "ADENOSINE-5'-MONOPHOSPHATE" ?    'C10 H14 N5 O7 P' 347.221 
C   'RNA linking' y "CYTIDINE-5'-MONOPHOSPHATE"  ?    'C9 H14 N3 O8 P'  323.197 
G   'RNA linking' y "GUANOSINE-5'-MONOPHOSPHATE" ?    'C10 H14 N5 O8 P' 363.221 
GET non-polymer   . GENETICIN                    G418 'C20 H40 N4 O10'  496.552 
HOH non-polymer   . WATER                        ?    'H2 O'            18.015  
U   'RNA linking' y "URIDINE-5'-MONOPHOSPHATE"   ?    'C9 H13 N2 O9 P'  324.181 
# 
loop_
_pdbx_poly_seq_scheme.asym_id 
_pdbx_poly_seq_scheme.entity_id 
_pdbx_poly_seq_scheme.seq_id 
_pdbx_poly_seq_scheme.mon_id 
_pdbx_poly_seq_scheme.ndb_seq_num 
_pdbx_poly_seq_scheme.pdb_seq_num 
_pdbx_poly_seq_scheme.auth_seq_num 
_pdbx_poly_seq_scheme.pdb_mon_id 
_pdbx_poly_seq_scheme.auth_mon_id 
_pdbx_poly_seq_scheme.pdb_strand_id 
_pdbx_poly_seq_scheme.pdb_ins_code 
_pdbx_poly_seq_scheme.hetero 
A 1 1  U 1  2  2  U U A . n 
A 1 2  G 2  3  3  G G A . n 
A 1 3  C 3  4  4  C C A . n 
A 1 4  G 4  5  5  G G A . n 
A 1 5  U 5  6  6  U U A . n 
A 1 6  C 6  7  7  C C A . n 
A 1 7  G 7  8  8  G G A . n 
A 1 8  C 8  9  9  C C A . n 
A 1 9  U 9  10 10 U U A . n 
A 1 10 C 10 11 11 C C A . n 
A 1 11 C 11 12 12 C C A . n 
A 1 12 G 12 13 13 G G A . n 
A 1 13 G 13 14 14 G G A . n 
A 1 14 A 14 15 15 A A A . n 
A 1 15 A 15 16 ?  ? ? A . n 
A 1 16 A 16 17 ?  ? ? A . n 
A 1 17 A 17 18 ?  ? ? A . n 
A 1 18 G 18 19 19 G G A . n 
A 1 19 U 19 20 20 U U A . n 
A 1 20 C 20 21 21 C C A . n 
A 1 21 G 21 22 22 G G A . n 
A 1 22 C 22 23 23 C C A . n 
B 1 1  U 1  25 25 U U B . n 
B 1 2  G 2  26 26 G G B . n 
B 1 3  C 3  27 27 C C B . n 
B 1 4  G 4  28 28 G G B . n 
B 1 5  U 5  29 29 U U B . n 
B 1 6  C 6  30 30 C C B . n 
B 1 7  G 7  31 31 G G B . n 
B 1 8  C 8  32 32 C C B . n 
B 1 9  U 9  33 33 U U B . n 
B 1 10 C 10 34 34 C C B . n 
B 1 11 C 11 35 35 C C B . n 
B 1 12 G 12 36 36 G G B . n 
B 1 13 G 13 37 37 G G B . n 
B 1 14 A 14 38 38 A A B . n 
B 1 15 A 15 39 39 A A B . n 
B 1 16 A 16 40 40 A A B . n 
B 1 17 A 17 41 41 A A B . n 
B 1 18 G 18 42 42 G G B . n 
B 1 19 U 19 43 43 U U B . n 
B 1 20 C 20 44 44 C C B . n 
B 1 21 G 21 45 45 G G B . n 
B 1 22 C 22 46 46 C C B . n 
# 
loop_
_pdbx_nonpoly_scheme.asym_id 
_pdbx_nonpoly_scheme.entity_id 
_pdbx_nonpoly_scheme.mon_id 
_pdbx_nonpoly_scheme.ndb_seq_num 
_pdbx_nonpoly_scheme.pdb_seq_num 
_pdbx_nonpoly_scheme.auth_seq_num 
_pdbx_nonpoly_scheme.pdb_mon_id 
_pdbx_nonpoly_scheme.auth_mon_id 
_pdbx_nonpoly_scheme.pdb_strand_id 
_pdbx_nonpoly_scheme.pdb_ins_code 
C 2 GET 1 201 201 GET GET B . 
D 3 HOH 1 301 102 HOH HOH B . 
D 3 HOH 2 302 104 HOH HOH B . 
D 3 HOH 3 303 103 HOH HOH B . 
D 3 HOH 4 304 101 HOH HOH B . 
# 
loop_
_software.citation_id 
_software.classification 
_software.compiler_name 
_software.compiler_version 
_software.contact_author 
_software.contact_author_email 
_software.date 
_software.description 
_software.dependencies 
_software.hardware 
_software.language 
_software.location 
_software.mods 
_software.name 
_software.os 
_software.os_version 
_software.type 
_software.version 
_software.pdbx_ordinal 
? 'data scaling'    ? ? ? ? ? ? ? ? ? ? ? XSCALE      ? ? ? .          1 
? refinement        ? ? ? ? ? ? ? ? ? ? ? PHENIX      ? ? ? 1.8.3_1479 2 
? 'data extraction' ? ? ? ? ? ? ? ? ? ? ? PDB_EXTRACT ? ? ? 3.24       3 
# 
_cell.angle_alpha                  90.000 
_cell.angle_alpha_esd              ? 
_cell.angle_beta                   90.000 
_cell.angle_beta_esd               ? 
_cell.angle_gamma                  90.000 
_cell.angle_gamma_esd              ? 
_cell.entry_id                     5Z71 
_cell.details                      ? 
_cell.formula_units_Z              ? 
_cell.length_a                     30.924 
_cell.length_a_esd                 ? 
_cell.length_b                     90.106 
_cell.length_b_esd                 ? 
_cell.length_c                     46.701 
_cell.length_c_esd                 ? 
_cell.volume                       ? 
_cell.volume_esd                   ? 
_cell.Z_PDB                        8 
_cell.reciprocal_angle_alpha       ? 
_cell.reciprocal_angle_beta        ? 
_cell.reciprocal_angle_gamma       ? 
_cell.reciprocal_angle_alpha_esd   ? 
_cell.reciprocal_angle_beta_esd    ? 
_cell.reciprocal_angle_gamma_esd   ? 
_cell.reciprocal_length_a          ? 
_cell.reciprocal_length_b          ? 
_cell.reciprocal_length_c          ? 
_cell.reciprocal_length_a_esd      ? 
_cell.reciprocal_length_b_esd      ? 
_cell.reciprocal_length_c_esd      ? 
_cell.pdbx_unique_axis             ? 
# 
_symmetry.entry_id                         5Z71 
_symmetry.cell_setting                     ? 
_symmetry.Int_Tables_number                18 
_symmetry.space_group_name_Hall            ? 
_symmetry.space_group_name_H-M             'P 21 21 2' 
_symmetry.pdbx_full_space_group_name_H-M   ? 
# 
_exptl.absorpt_coefficient_mu     ? 
_exptl.absorpt_correction_T_max   ? 
_exptl.absorpt_correction_T_min   ? 
_exptl.absorpt_correction_type    ? 
_exptl.absorpt_process_details    ? 
_exptl.entry_id                   5Z71 
_exptl.crystals_number            1 
_exptl.details                    ? 
_exptl.method                     'X-RAY DIFFRACTION' 
_exptl.method_details             ? 
# 
_exptl_crystal.colour                      ? 
_exptl_crystal.density_diffrn              ? 
_exptl_crystal.density_Matthews            2.31 
_exptl_crystal.density_method              ? 
_exptl_crystal.density_percent_sol         46.70 
_exptl_crystal.description                 'The entry contains friedel pairs in F_plus/minus columns and I_plus/minus columns' 
_exptl_crystal.F_000                       ? 
_exptl_crystal.id                          1 
_exptl_crystal.preparation                 ? 
_exptl_crystal.size_max                    ? 
_exptl_crystal.size_mid                    ? 
_exptl_crystal.size_min                    ? 
_exptl_crystal.size_rad                    ? 
_exptl_crystal.colour_lustre               ? 
_exptl_crystal.colour_modifier             ? 
_exptl_crystal.colour_primary              ? 
_exptl_crystal.density_meas                ? 
_exptl_crystal.density_meas_esd            ? 
_exptl_crystal.density_meas_gt             ? 
_exptl_crystal.density_meas_lt             ? 
_exptl_crystal.density_meas_temp           ? 
_exptl_crystal.density_meas_temp_esd       ? 
_exptl_crystal.density_meas_temp_gt        ? 
_exptl_crystal.density_meas_temp_lt        ? 
_exptl_crystal.pdbx_crystal_image_url      ? 
_exptl_crystal.pdbx_crystal_image_format   ? 
_exptl_crystal.pdbx_mosaicity              ? 
_exptl_crystal.pdbx_mosaicity_esd          ? 
# 
_exptl_crystal_grow.apparatus       ? 
_exptl_crystal_grow.atmosphere      ? 
_exptl_crystal_grow.crystal_id      1 
_exptl_crystal_grow.details         ? 
_exptl_crystal_grow.method          'VAPOR DIFFUSION, HANGING DROP' 
_exptl_crystal_grow.method_ref      ? 
_exptl_crystal_grow.pH              ? 
_exptl_crystal_grow.pressure        ? 
_exptl_crystal_grow.pressure_esd    ? 
_exptl_crystal_grow.seeding         ? 
_exptl_crystal_grow.seeding_ref     ? 
_exptl_crystal_grow.temp            293 
_exptl_crystal_grow.temp_details    ? 
_exptl_crystal_grow.temp_esd        ? 
_exptl_crystal_grow.time            ? 
_exptl_crystal_grow.pdbx_details    'MPD, Sodium chloride, Sprimine 4HCl, Sodium cacodylate (pH 5.0)' 
_exptl_crystal_grow.pdbx_pH_range   ? 
# 
_diffrn.ambient_environment    ? 
_diffrn.ambient_temp           100 
_diffrn.ambient_temp_details   ? 
_diffrn.ambient_temp_esd       ? 
_diffrn.crystal_id             1 
_diffrn.crystal_support        ? 
_diffrn.crystal_treatment      ? 
_diffrn.details                ? 
_diffrn.id                     1 
_diffrn.ambient_pressure       ? 
_diffrn.ambient_pressure_esd   ? 
_diffrn.ambient_pressure_gt    ? 
_diffrn.ambient_pressure_lt    ? 
_diffrn.ambient_temp_gt        ? 
_diffrn.ambient_temp_lt        ? 
# 
_diffrn_detector.details                      ? 
_diffrn_detector.detector                     CCD 
_diffrn_detector.diffrn_id                    1 
_diffrn_detector.type                         'ADSC QUANTUM 270' 
_diffrn_detector.area_resol_mean              ? 
_diffrn_detector.dtime                        ? 
_diffrn_detector.pdbx_frames_total            ? 
_diffrn_detector.pdbx_collection_time_total   ? 
_diffrn_detector.pdbx_collection_date         2011-12-10 
# 
_diffrn_radiation.collimation                      ? 
_diffrn_radiation.diffrn_id                        1 
_diffrn_radiation.filter_edge                      ? 
_diffrn_radiation.inhomogeneity                    ? 
_diffrn_radiation.monochromator                    ? 
_diffrn_radiation.polarisn_norm                    ? 
_diffrn_radiation.polarisn_ratio                   ? 
_diffrn_radiation.probe                            ? 
_diffrn_radiation.type                             ? 
_diffrn_radiation.xray_symbol                      ? 
_diffrn_radiation.wavelength_id                    1 
_diffrn_radiation.pdbx_monochromatic_or_laue_m_l   M 
_diffrn_radiation.pdbx_wavelength_list             ? 
_diffrn_radiation.pdbx_wavelength                  ? 
_diffrn_radiation.pdbx_diffrn_protocol             'SINGLE WAVELENGTH' 
_diffrn_radiation.pdbx_analyzer                    ? 
_diffrn_radiation.pdbx_scattering_type             x-ray 
# 
_diffrn_radiation_wavelength.id           1 
_diffrn_radiation_wavelength.wavelength   0.98 
_diffrn_radiation_wavelength.wt           1.0 
# 
_diffrn_source.current                     ? 
_diffrn_source.details                     ? 
_diffrn_source.diffrn_id                   1 
_diffrn_source.power                       ? 
_diffrn_source.size                        ? 
_diffrn_source.source                      SYNCHROTRON 
_diffrn_source.target                      ? 
_diffrn_source.type                        'PHOTON FACTORY BEAMLINE BL-17A' 
_diffrn_source.voltage                     ? 
_diffrn_source.take-off_angle              ? 
_diffrn_source.pdbx_wavelength_list        0.98 
_diffrn_source.pdbx_wavelength             ? 
_diffrn_source.pdbx_synchrotron_beamline   BL-17A 
_diffrn_source.pdbx_synchrotron_site       'Photon Factory' 
# 
_reflns.B_iso_Wilson_estimate            65.460 
_reflns.entry_id                         5Z71 
_reflns.data_reduction_details           ? 
_reflns.data_reduction_method            ? 
_reflns.d_resolution_high                2.500 
_reflns.d_resolution_low                 45.053 
_reflns.details                          ? 
_reflns.limit_h_max                      ? 
_reflns.limit_h_min                      ? 
_reflns.limit_k_max                      ? 
_reflns.limit_k_min                      ? 
_reflns.limit_l_max                      ? 
_reflns.limit_l_min                      ? 
_reflns.number_all                       ? 
_reflns.number_obs                       8669 
_reflns.observed_criterion               ? 
_reflns.observed_criterion_F_max         ? 
_reflns.observed_criterion_F_min         ? 
_reflns.observed_criterion_I_max         ? 
_reflns.observed_criterion_I_min         ? 
_reflns.observed_criterion_sigma_F       ? 
_reflns.observed_criterion_sigma_I       ? 
_reflns.percent_possible_obs             98.900 
_reflns.R_free_details                   ? 
_reflns.Rmerge_F_all                     ? 
_reflns.Rmerge_F_obs                     ? 
_reflns.Friedel_coverage                 ? 
_reflns.number_gt                        ? 
_reflns.threshold_expression             ? 
_reflns.pdbx_redundancy                  3.827 
_reflns.pdbx_Rmerge_I_obs                0.029 
_reflns.pdbx_Rmerge_I_all                ? 
_reflns.pdbx_Rsym_value                  ? 
_reflns.pdbx_netI_over_av_sigmaI         ? 
_reflns.pdbx_netI_over_sigmaI            25.530 
_reflns.pdbx_res_netI_over_av_sigmaI_2   ? 
_reflns.pdbx_res_netI_over_sigmaI_2      ? 
_reflns.pdbx_chi_squared                 1.087 
_reflns.pdbx_scaling_rejects             ? 
_reflns.pdbx_d_res_high_opt              ? 
_reflns.pdbx_d_res_low_opt               ? 
_reflns.pdbx_d_res_opt_method            ? 
_reflns.phase_calculation_details        ? 
_reflns.pdbx_Rrim_I_all                  0.034 
_reflns.pdbx_Rpim_I_all                  ? 
_reflns.pdbx_d_opt                       ? 
_reflns.pdbx_number_measured_all         ? 
_reflns.pdbx_diffrn_id                   1 
_reflns.pdbx_ordinal                     1 
_reflns.pdbx_CC_half                     0.999 
_reflns.pdbx_R_split                     ? 
# 
loop_
_reflns_shell.d_res_high 
_reflns_shell.d_res_low 
_reflns_shell.meanI_over_sigI_all 
_reflns_shell.meanI_over_sigI_obs 
_reflns_shell.number_measured_all 
_reflns_shell.number_measured_obs 
_reflns_shell.number_possible 
_reflns_shell.number_unique_all 
_reflns_shell.number_unique_obs 
_reflns_shell.percent_possible_all 
_reflns_shell.percent_possible_obs 
_reflns_shell.Rmerge_F_all 
_reflns_shell.Rmerge_F_obs 
_reflns_shell.Rmerge_I_all 
_reflns_shell.Rmerge_I_obs 
_reflns_shell.meanI_over_sigI_gt 
_reflns_shell.meanI_over_uI_all 
_reflns_shell.meanI_over_uI_gt 
_reflns_shell.number_measured_gt 
_reflns_shell.number_unique_gt 
_reflns_shell.percent_possible_gt 
_reflns_shell.Rmerge_F_gt 
_reflns_shell.Rmerge_I_gt 
_reflns_shell.pdbx_redundancy 
_reflns_shell.pdbx_Rsym_value 
_reflns_shell.pdbx_chi_squared 
_reflns_shell.pdbx_netI_over_sigmaI_all 
_reflns_shell.pdbx_netI_over_sigmaI_obs 
_reflns_shell.pdbx_Rrim_I_all 
_reflns_shell.pdbx_Rpim_I_all 
_reflns_shell.pdbx_rejects 
_reflns_shell.pdbx_ordinal 
_reflns_shell.pdbx_diffrn_id 
_reflns_shell.pdbx_CC_half 
_reflns_shell.pdbx_R_split 
2.500  2.560  ? 3.610  ? ? ? ? 648 97.900  ? ? ? ? 0.313 ? ? ? ? ? ? ? ? 3.730 ? ? ? ? 0.364 ? ? 1  1 0.909 ? 
2.560  2.630  ? 5.220  ? ? ? ? 597 98.200  ? ? ? ? 0.233 ? ? ? ? ? ? ? ? 3.955 ? ? ? ? 0.269 ? ? 2  1 0.960 ? 
2.630  2.710  ? 6.250  ? ? ? ? 622 100.000 ? ? ? ? 0.195 ? ? ? ? ? ? ? ? 3.944 ? ? ? ? 0.226 ? ? 3  1 0.967 ? 
2.710  2.790  ? 8.500  ? ? ? ? 611 100.000 ? ? ? ? 0.137 ? ? ? ? ? ? ? ? 3.817 ? ? ? ? 0.159 ? ? 4  1 0.982 ? 
2.790  2.880  ? 11.770 ? ? ? ? 573 98.500  ? ? ? ? 0.096 ? ? ? ? ? ? ? ? 3.925 ? ? ? ? 0.111 ? ? 5  1 0.993 ? 
2.880  2.980  ? 17.070 ? ? ? ? 543 100.000 ? ? ? ? 0.068 ? ? ? ? ? ? ? ? 3.912 ? ? ? ? 0.079 ? ? 6  1 0.997 ? 
2.980  3.100  ? 23.400 ? ? ? ? 554 98.200  ? ? ? ? 0.039 ? ? ? ? ? ? ? ? 3.774 ? ? ? ? 0.045 ? ? 7  1 0.999 ? 
3.100  3.220  ? 28.220 ? ? ? ? 493 100.000 ? ? ? ? 0.031 ? ? ? ? ? ? ? ? 3.848 ? ? ? ? 0.037 ? ? 8  1 0.999 ? 
3.220  3.370  ? 32.620 ? ? ? ? 504 100.000 ? ? ? ? 0.032 ? ? ? ? ? ? ? ? 3.831 ? ? ? ? 0.038 ? ? 9  1 0.999 ? 
3.370  3.530  ? 34.780 ? ? ? ? 482 99.200  ? ? ? ? 0.028 ? ? ? ? ? ? ? ? 3.768 ? ? ? ? 0.033 ? ? 10 1 0.999 ? 
3.530  3.720  ? 36.320 ? ? ? ? 446 100.000 ? ? ? ? 0.026 ? ? ? ? ? ? ? ? 3.857 ? ? ? ? 0.031 ? ? 11 1 0.999 ? 
3.720  3.950  ? 39.440 ? ? ? ? 422 99.100  ? ? ? ? 0.029 ? ? ? ? ? ? ? ? 3.803 ? ? ? ? 0.034 ? ? 12 1 0.999 ? 
3.950  4.220  ? 41.230 ? ? ? ? 400 100.000 ? ? ? ? 0.025 ? ? ? ? ? ? ? ? 3.820 ? ? ? ? 0.028 ? ? 13 1 0.999 ? 
4.220  4.560  ? 44.030 ? ? ? ? 377 98.700  ? ? ? ? 0.025 ? ? ? ? ? ? ? ? 3.764 ? ? ? ? 0.029 ? ? 14 1 0.999 ? 
4.560  4.990  ? 45.690 ? ? ? ? 338 100.000 ? ? ? ? 0.023 ? ? ? ? ? ? ? ? 3.825 ? ? ? ? 0.027 ? ? 15 1 0.999 ? 
4.990  5.580  ? 46.530 ? ? ? ? 312 99.400  ? ? ? ? 0.024 ? ? ? ? ? ? ? ? 3.747 ? ? ? ? 0.027 ? ? 16 1 0.999 ? 
5.580  6.450  ? 45.140 ? ? ? ? 268 99.300  ? ? ? ? 0.025 ? ? ? ? ? ? ? ? 3.709 ? ? ? ? 0.029 ? ? 17 1 0.999 ? 
6.450  7.900  ? 46.600 ? ? ? ? 239 99.600  ? ? ? ? 0.021 ? ? ? ? ? ? ? ? 3.695 ? ? ? ? 0.024 ? ? 18 1 0.999 ? 
7.900  11.170 ? 49.020 ? ? ? ? 174 98.900  ? ? ? ? 0.020 ? ? ? ? ? ? ? ? 3.816 ? ? ? ? 0.023 ? ? 19 1 1.000 ? 
11.170 45.053 ? 46.260 ? ? ? ? 66  66.700  ? ? ? ? 0.022 ? ? ? ? ? ? ? ? 3.424 ? ? ? ? 0.026 ? ? 20 1 0.999 ? 
# 
_refine.aniso_B[1][1]                            ? 
_refine.aniso_B[1][2]                            ? 
_refine.aniso_B[1][3]                            ? 
_refine.aniso_B[2][2]                            ? 
_refine.aniso_B[2][3]                            ? 
_refine.aniso_B[3][3]                            ? 
_refine.B_iso_max                                89.790 
_refine.B_iso_mean                               63.5000 
_refine.B_iso_min                                41.300 
_refine.correlation_coeff_Fo_to_Fc               ? 
_refine.correlation_coeff_Fo_to_Fc_free          ? 
_refine.details                                  
'The entry contains friedel pairs in F_plus/minus columns and I_plus/minus columns' 
_refine.diff_density_max                         ? 
_refine.diff_density_max_esd                     ? 
_refine.diff_density_min                         ? 
_refine.diff_density_min_esd                     ? 
_refine.diff_density_rms                         ? 
_refine.diff_density_rms_esd                     ? 
_refine.entry_id                                 5Z71 
_refine.pdbx_refine_id                           'X-RAY DIFFRACTION' 
_refine.ls_abs_structure_details                 ? 
_refine.ls_abs_structure_Flack                   ? 
_refine.ls_abs_structure_Flack_esd               ? 
_refine.ls_abs_structure_Rogers                  ? 
_refine.ls_abs_structure_Rogers_esd              ? 
_refine.ls_d_res_high                            2.5 
_refine.ls_d_res_low                             45.0530 
_refine.ls_extinction_coef                       ? 
_refine.ls_extinction_coef_esd                   ? 
_refine.ls_extinction_expression                 ? 
_refine.ls_extinction_method                     ? 
_refine.ls_goodness_of_fit_all                   ? 
_refine.ls_goodness_of_fit_all_esd               ? 
_refine.ls_goodness_of_fit_obs                   ? 
_refine.ls_goodness_of_fit_obs_esd               ? 
_refine.ls_hydrogen_treatment                    ? 
_refine.ls_matrix_type                           ? 
_refine.ls_number_constraints                    ? 
_refine.ls_number_parameters                     ? 
_refine.ls_number_reflns_all                     ? 
_refine.ls_number_reflns_obs                     8659 
_refine.ls_number_reflns_R_free                  936 
_refine.ls_number_reflns_R_work                  ? 
_refine.ls_number_restraints                     ? 
_refine.ls_percent_reflns_obs                    98.7000 
_refine.ls_percent_reflns_R_free                 10.8100 
_refine.ls_R_factor_all                          ? 
_refine.ls_R_factor_obs                          0.2731 
_refine.ls_R_factor_R_free                       0.3051 
_refine.ls_R_factor_R_free_error                 ? 
_refine.ls_R_factor_R_free_error_details         ? 
_refine.ls_R_factor_R_work                       0.2695 
_refine.ls_R_Fsqd_factor_obs                     ? 
_refine.ls_R_I_factor_obs                        ? 
_refine.ls_redundancy_reflns_all                 ? 
_refine.ls_redundancy_reflns_obs                 ? 
_refine.ls_restrained_S_all                      ? 
_refine.ls_restrained_S_obs                      ? 
_refine.ls_shift_over_esd_max                    ? 
_refine.ls_shift_over_esd_mean                   ? 
_refine.ls_structure_factor_coef                 ? 
_refine.ls_weighting_details                     ? 
_refine.ls_weighting_scheme                      ? 
_refine.ls_wR_factor_all                         ? 
_refine.ls_wR_factor_obs                         ? 
_refine.ls_wR_factor_R_free                      ? 
_refine.ls_wR_factor_R_work                      ? 
_refine.occupancy_max                            ? 
_refine.occupancy_min                            ? 
_refine.solvent_model_details                    ? 
_refine.solvent_model_param_bsol                 ? 
_refine.solvent_model_param_ksol                 ? 
_refine.ls_R_factor_gt                           ? 
_refine.ls_goodness_of_fit_gt                    ? 
_refine.ls_goodness_of_fit_ref                   ? 
_refine.ls_shift_over_su_max                     ? 
_refine.ls_shift_over_su_max_lt                  ? 
_refine.ls_shift_over_su_mean                    ? 
_refine.ls_shift_over_su_mean_lt                 ? 
_refine.pdbx_ls_sigma_I                          ? 
_refine.pdbx_ls_sigma_F                          1.360 
_refine.pdbx_ls_sigma_Fsqd                       ? 
_refine.pdbx_data_cutoff_high_absF               ? 
_refine.pdbx_data_cutoff_high_rms_absF           ? 
_refine.pdbx_data_cutoff_low_absF                ? 
_refine.pdbx_isotropic_thermal_model             ? 
_refine.pdbx_ls_cross_valid_method               THROUGHOUT 
_refine.pdbx_method_to_determine_struct          ? 
_refine.pdbx_starting_model                      ? 
_refine.pdbx_stereochemistry_target_values       ? 
_refine.pdbx_R_Free_selection_details            ? 
_refine.pdbx_stereochem_target_val_spec_case     ? 
_refine.pdbx_overall_ESU_R                       ? 
_refine.pdbx_overall_ESU_R_Free                  ? 
_refine.pdbx_solvent_vdw_probe_radii             1.1100 
_refine.pdbx_solvent_ion_probe_radii             ? 
_refine.pdbx_solvent_shrinkage_radii             0.9000 
_refine.pdbx_real_space_R                        ? 
_refine.pdbx_density_correlation                 ? 
_refine.pdbx_pd_number_of_powder_patterns        ? 
_refine.pdbx_pd_number_of_points                 ? 
_refine.pdbx_pd_meas_number_of_points            ? 
_refine.pdbx_pd_proc_ls_prof_R_factor            ? 
_refine.pdbx_pd_proc_ls_prof_wR_factor           ? 
_refine.pdbx_pd_Marquardt_correlation_coeff      ? 
_refine.pdbx_pd_Fsqrd_R_factor                   ? 
_refine.pdbx_pd_ls_matrix_band_width             ? 
_refine.pdbx_overall_phase_error                 35.3100 
_refine.pdbx_overall_SU_R_free_Cruickshank_DPI   ? 
_refine.pdbx_overall_SU_R_free_Blow_DPI          ? 
_refine.pdbx_overall_SU_R_Blow_DPI               ? 
_refine.pdbx_TLS_residual_ADP_flag               ? 
_refine.pdbx_diffrn_id                           1 
_refine.overall_SU_B                             ? 
_refine.overall_SU_ML                            0.4400 
_refine.overall_SU_R_Cruickshank_DPI             ? 
_refine.overall_SU_R_free                        ? 
_refine.overall_FOM_free_R_set                   ? 
_refine.overall_FOM_work_R_set                   ? 
_refine.pdbx_average_fsc_overall                 ? 
_refine.pdbx_average_fsc_work                    ? 
_refine.pdbx_average_fsc_free                    ? 
# 
_refine_hist.cycle_id                         final 
_refine_hist.pdbx_refine_id                   'X-RAY DIFFRACTION' 
_refine_hist.d_res_high                       2.5 
_refine_hist.d_res_low                        45.0530 
_refine_hist.pdbx_number_atoms_ligand         34 
_refine_hist.number_atoms_solvent             4 
_refine_hist.number_atoms_total               910 
_refine_hist.pdbx_number_residues_total       41 
_refine_hist.pdbx_B_iso_mean_ligand           59.85 
_refine_hist.pdbx_B_iso_mean_solvent          61.20 
_refine_hist.pdbx_number_atoms_protein        0 
_refine_hist.pdbx_number_atoms_nucleic_acid   872 
# 
loop_
_refine_ls_restr.pdbx_refine_id 
_refine_ls_restr.criterion 
_refine_ls_restr.dev_ideal 
_refine_ls_restr.dev_ideal_target 
_refine_ls_restr.number 
_refine_ls_restr.rejects 
_refine_ls_restr.type 
_refine_ls_restr.weight 
_refine_ls_restr.pdbx_restraint_function 
'X-RAY DIFFRACTION' ? 0.015  ? 1006 ? f_bond_d           ? ? 
'X-RAY DIFFRACTION' ? 1.487  ? 1560 ? f_angle_d          ? ? 
'X-RAY DIFFRACTION' ? 0.508  ? 220  ? f_chiral_restr     ? ? 
'X-RAY DIFFRACTION' ? 0.020  ? 41   ? f_plane_restr      ? ? 
'X-RAY DIFFRACTION' ? 12.956 ? 484  ? f_dihedral_angle_d ? ? 
# 
loop_
_refine_ls_shell.pdbx_refine_id 
_refine_ls_shell.d_res_high 
_refine_ls_shell.d_res_low 
_refine_ls_shell.number_reflns_all 
_refine_ls_shell.number_reflns_obs 
_refine_ls_shell.number_reflns_R_free 
_refine_ls_shell.number_reflns_R_work 
_refine_ls_shell.percent_reflns_obs 
_refine_ls_shell.percent_reflns_R_free 
_refine_ls_shell.R_factor_all 
_refine_ls_shell.R_factor_obs 
_refine_ls_shell.R_factor_R_free 
_refine_ls_shell.R_factor_R_free_error 
_refine_ls_shell.R_factor_R_work 
_refine_ls_shell.redundancy_reflns_all 
_refine_ls_shell.redundancy_reflns_obs 
_refine_ls_shell.wR_factor_all 
_refine_ls_shell.wR_factor_obs 
_refine_ls_shell.wR_factor_R_free 
_refine_ls_shell.wR_factor_R_work 
_refine_ls_shell.pdbx_total_number_of_bins_used 
_refine_ls_shell.pdbx_phase_error 
_refine_ls_shell.pdbx_fsc_work 
_refine_ls_shell.pdbx_fsc_free 
'X-RAY DIFFRACTION' 2.4966 2.6282  1219 . 132 1087 98.0000  . . . 0.4520 0.0000 0.4389 . . . . . . 7 . . . 
'X-RAY DIFFRACTION' 2.6282 2.7928  1268 . 132 1136 100.0000 . . . 0.4854 0.0000 0.4167 . . . . . . 7 . . . 
'X-RAY DIFFRACTION' 2.7928 3.0084  1222 . 147 1075 99.0000  . . . 0.3924 0.0000 0.3624 . . . . . . 7 . . . 
'X-RAY DIFFRACTION' 3.0084 3.3111  1247 . 141 1106 98.0000  . . . 0.3196 0.0000 0.2843 . . . . . . 7 . . . 
'X-RAY DIFFRACTION' 3.3111 3.7900  1249 . 137 1112 100.0000 . . . 0.2546 0.0000 0.2514 . . . . . . 7 . . . 
'X-RAY DIFFRACTION' 3.7900 4.7742  1238 . 126 1112 99.0000  . . . 0.2738 0.0000 0.2408 . . . . . . 7 . . . 
'X-RAY DIFFRACTION' 4.7742 45.0603 1216 . 121 1095 97.0000  . . . 0.2797 0.0000 0.2345 . . . . . . 7 . . . 
# 
_struct.entry_id                     5Z71 
_struct.title                        
'Crystal structure of the Homo Sapiens cytoplasmic ribosomal decoding site in complex with G418 (P21212 form)' 
_struct.pdbx_model_details           ? 
_struct.pdbx_formula_weight          ? 
_struct.pdbx_formula_weight_method   ? 
_struct.pdbx_model_type_details      ? 
_struct.pdbx_CASP_flag               N 
# 
_struct_keywords.entry_id        5Z71 
_struct_keywords.text            'ribosome, decoding site, G418, RNA' 
_struct_keywords.pdbx_keywords   RNA 
# 
loop_
_struct_asym.id 
_struct_asym.pdbx_blank_PDB_chainid_flag 
_struct_asym.pdbx_modified 
_struct_asym.entity_id 
_struct_asym.details 
A N N 1 ? 
B N N 1 ? 
C N N 2 ? 
D N N 3 ? 
# 
_struct_ref.id                         1 
_struct_ref.db_name                    PDB 
_struct_ref.db_code                    5Z71 
_struct_ref.pdbx_db_accession          5Z71 
_struct_ref.pdbx_db_isoform            ? 
_struct_ref.entity_id                  1 
_struct_ref.pdbx_seq_one_letter_code   ? 
_struct_ref.pdbx_align_begin           1 
# 
loop_
_struct_ref_seq.align_id 
_struct_ref_seq.ref_id 
_struct_ref_seq.pdbx_PDB_id_code 
_struct_ref_seq.pdbx_strand_id 
_struct_ref_seq.seq_align_beg 
_struct_ref_seq.pdbx_seq_align_beg_ins_code 
_struct_ref_seq.seq_align_end 
_struct_ref_seq.pdbx_seq_align_end_ins_code 
_struct_ref_seq.pdbx_db_accession 
_struct_ref_seq.db_align_beg 
_struct_ref_seq.pdbx_db_align_beg_ins_code 
_struct_ref_seq.db_align_end 
_struct_ref_seq.pdbx_db_align_end_ins_code 
_struct_ref_seq.pdbx_auth_seq_align_beg 
_struct_ref_seq.pdbx_auth_seq_align_end 
1 1 5Z71 A 1 ? 22 ? 5Z71 2  ? 23 ? 2  23 
2 1 5Z71 B 1 ? 22 ? 5Z71 25 ? 46 ? 25 46 
# 
_pdbx_struct_assembly.id                   1 
_pdbx_struct_assembly.details              author_and_software_defined_assembly 
_pdbx_struct_assembly.method_details       PISA 
_pdbx_struct_assembly.oligomeric_details   dimeric 
_pdbx_struct_assembly.oligomeric_count     2 
# 
loop_
_pdbx_struct_assembly_prop.biol_id 
_pdbx_struct_assembly_prop.type 
_pdbx_struct_assembly_prop.value 
_pdbx_struct_assembly_prop.details 
1 'ABSA (A^2)' 2860 ? 
1 MORE         -30  ? 
1 'SSA (A^2)'  7910 ? 
# 
_pdbx_struct_assembly_gen.assembly_id       1 
_pdbx_struct_assembly_gen.oper_expression   1 
_pdbx_struct_assembly_gen.asym_id_list      A,B,C,D 
# 
_pdbx_struct_assembly_auth_evidence.id                     1 
_pdbx_struct_assembly_auth_evidence.assembly_id            1 
_pdbx_struct_assembly_auth_evidence.experimental_support   none 
_pdbx_struct_assembly_auth_evidence.details                ? 
# 
_pdbx_struct_oper_list.id                   1 
_pdbx_struct_oper_list.type                 'identity operation' 
_pdbx_struct_oper_list.name                 1_555 
_pdbx_struct_oper_list.symmetry_operation   x,y,z 
_pdbx_struct_oper_list.matrix[1][1]         1.0000000000 
_pdbx_struct_oper_list.matrix[1][2]         0.0000000000 
_pdbx_struct_oper_list.matrix[1][3]         0.0000000000 
_pdbx_struct_oper_list.vector[1]            0.0000000000 
_pdbx_struct_oper_list.matrix[2][1]         0.0000000000 
_pdbx_struct_oper_list.matrix[2][2]         1.0000000000 
_pdbx_struct_oper_list.matrix[2][3]         0.0000000000 
_pdbx_struct_oper_list.vector[2]            0.0000000000 
_pdbx_struct_oper_list.matrix[3][1]         0.0000000000 
_pdbx_struct_oper_list.matrix[3][2]         0.0000000000 
_pdbx_struct_oper_list.matrix[3][3]         1.0000000000 
_pdbx_struct_oper_list.vector[3]            0.0000000000 
# 
loop_
_struct_conn.id 
_struct_conn.conn_type_id 
_struct_conn.pdbx_leaving_atom_flag 
_struct_conn.pdbx_PDB_id 
_struct_conn.ptnr1_label_asym_id 
_struct_conn.ptnr1_label_comp_id 
_struct_conn.ptnr1_label_seq_id 
_struct_conn.ptnr1_label_atom_id 
_struct_conn.pdbx_ptnr1_label_alt_id 
_struct_conn.pdbx_ptnr1_PDB_ins_code 
_struct_conn.pdbx_ptnr1_standard_comp_id 
_struct_conn.ptnr1_symmetry 
_struct_conn.ptnr2_label_asym_id 
_struct_conn.ptnr2_label_comp_id 
_struct_conn.ptnr2_label_seq_id 
_struct_conn.ptnr2_label_atom_id 
_struct_conn.pdbx_ptnr2_label_alt_id 
_struct_conn.pdbx_ptnr2_PDB_ins_code 
_struct_conn.ptnr1_auth_asym_id 
_struct_conn.ptnr1_auth_comp_id 
_struct_conn.ptnr1_auth_seq_id 
_struct_conn.ptnr2_auth_asym_id 
_struct_conn.ptnr2_auth_comp_id 
_struct_conn.ptnr2_auth_seq_id 
_struct_conn.ptnr2_symmetry 
_struct_conn.pdbx_ptnr3_label_atom_id 
_struct_conn.pdbx_ptnr3_label_seq_id 
_struct_conn.pdbx_ptnr3_label_comp_id 
_struct_conn.pdbx_ptnr3_label_asym_id 
_struct_conn.pdbx_ptnr3_label_alt_id 
_struct_conn.pdbx_ptnr3_PDB_ins_code 
_struct_conn.details 
_struct_conn.pdbx_dist_value 
_struct_conn.pdbx_value_order 
_struct_conn.pdbx_role 
hydrog1  hydrog ? ? A G 2  N1 ? ? ? 1_555 B C 22 N3 ? ? A G 3  B C 46 1_555 ? ? ? ? ? ? WATSON-CRICK  ? ? ? 
hydrog2  hydrog ? ? A G 2  N2 ? ? ? 1_555 B C 22 O2 ? ? A G 3  B C 46 1_555 ? ? ? ? ? ? WATSON-CRICK  ? ? ? 
hydrog3  hydrog ? ? A G 2  O6 ? ? ? 1_555 B C 22 N4 ? ? A G 3  B C 46 1_555 ? ? ? ? ? ? WATSON-CRICK  ? ? ? 
hydrog4  hydrog ? ? A C 3  N3 ? ? ? 1_555 B G 21 N1 ? ? A C 4  B G 45 1_555 ? ? ? ? ? ? WATSON-CRICK  ? ? ? 
hydrog5  hydrog ? ? A C 3  N4 ? ? ? 1_555 B G 21 O6 ? ? A C 4  B G 45 1_555 ? ? ? ? ? ? WATSON-CRICK  ? ? ? 
hydrog6  hydrog ? ? A C 3  O2 ? ? ? 1_555 B G 21 N2 ? ? A C 4  B G 45 1_555 ? ? ? ? ? ? WATSON-CRICK  ? ? ? 
hydrog7  hydrog ? ? A G 4  N1 ? ? ? 1_555 B C 20 N3 ? ? A G 5  B C 44 1_555 ? ? ? ? ? ? WATSON-CRICK  ? ? ? 
hydrog8  hydrog ? ? A G 4  N2 ? ? ? 1_555 B C 20 O2 ? ? A G 5  B C 44 1_555 ? ? ? ? ? ? WATSON-CRICK  ? ? ? 
hydrog9  hydrog ? ? A G 4  O6 ? ? ? 1_555 B C 20 N4 ? ? A G 5  B C 44 1_555 ? ? ? ? ? ? WATSON-CRICK  ? ? ? 
hydrog10 hydrog ? ? A U 5  O4 ? ? ? 1_555 B U 19 N3 ? ? A U 6  B U 43 1_555 ? ? ? ? ? ? 'U-U MISPAIR' ? ? ? 
hydrog11 hydrog ? ? A C 6  N3 ? ? ? 1_555 B G 18 N1 ? ? A C 7  B G 42 1_555 ? ? ? ? ? ? WATSON-CRICK  ? ? ? 
hydrog12 hydrog ? ? A C 6  N4 ? ? ? 1_555 B G 18 O6 ? ? A C 7  B G 42 1_555 ? ? ? ? ? ? WATSON-CRICK  ? ? ? 
hydrog13 hydrog ? ? A C 6  O2 ? ? ? 1_555 B G 18 N2 ? ? A C 7  B G 42 1_555 ? ? ? ? ? ? WATSON-CRICK  ? ? ? 
hydrog14 hydrog ? ? A C 8  N4 ? ? ? 1_555 B A 15 N1 ? ? A C 9  B A 39 1_555 ? ? ? ? ? ? 'C-A MISPAIR' ? ? ? 
hydrog15 hydrog ? ? A U 9  N3 ? ? ? 1_555 B A 14 N1 ? ? A U 10 B A 38 1_555 ? ? ? ? ? ? WATSON-CRICK  ? ? ? 
hydrog16 hydrog ? ? A U 9  O4 ? ? ? 1_555 B A 14 N6 ? ? A U 10 B A 38 1_555 ? ? ? ? ? ? WATSON-CRICK  ? ? ? 
hydrog17 hydrog ? ? A C 10 N3 ? ? ? 1_555 B G 13 N1 ? ? A C 11 B G 37 1_555 ? ? ? ? ? ? WATSON-CRICK  ? ? ? 
hydrog18 hydrog ? ? A C 10 N4 ? ? ? 1_555 B G 13 O6 ? ? A C 11 B G 37 1_555 ? ? ? ? ? ? WATSON-CRICK  ? ? ? 
hydrog19 hydrog ? ? A C 10 O2 ? ? ? 1_555 B G 13 N2 ? ? A C 11 B G 37 1_555 ? ? ? ? ? ? WATSON-CRICK  ? ? ? 
hydrog20 hydrog ? ? A C 11 N3 ? ? ? 1_555 B G 12 N1 ? ? A C 12 B G 36 1_555 ? ? ? ? ? ? WATSON-CRICK  ? ? ? 
hydrog21 hydrog ? ? A C 11 N4 ? ? ? 1_555 B G 12 O6 ? ? A C 12 B G 36 1_555 ? ? ? ? ? ? WATSON-CRICK  ? ? ? 
hydrog22 hydrog ? ? A C 11 O2 ? ? ? 1_555 B G 12 N2 ? ? A C 12 B G 36 1_555 ? ? ? ? ? ? WATSON-CRICK  ? ? ? 
hydrog23 hydrog ? ? A G 12 N1 ? ? ? 1_555 B C 11 N3 ? ? A G 13 B C 35 1_555 ? ? ? ? ? ? WATSON-CRICK  ? ? ? 
hydrog24 hydrog ? ? A G 12 N2 ? ? ? 1_555 B C 11 O2 ? ? A G 13 B C 35 1_555 ? ? ? ? ? ? WATSON-CRICK  ? ? ? 
hydrog25 hydrog ? ? A G 12 O6 ? ? ? 1_555 B C 11 N4 ? ? A G 13 B C 35 1_555 ? ? ? ? ? ? WATSON-CRICK  ? ? ? 
hydrog26 hydrog ? ? A G 13 N1 ? ? ? 1_555 B C 10 N3 ? ? A G 14 B C 34 1_555 ? ? ? ? ? ? WATSON-CRICK  ? ? ? 
hydrog27 hydrog ? ? A G 13 N2 ? ? ? 1_555 B C 10 O2 ? ? A G 14 B C 34 1_555 ? ? ? ? ? ? WATSON-CRICK  ? ? ? 
hydrog28 hydrog ? ? A G 13 O6 ? ? ? 1_555 B C 10 N4 ? ? A G 14 B C 34 1_555 ? ? ? ? ? ? WATSON-CRICK  ? ? ? 
hydrog29 hydrog ? ? A A 14 N1 ? ? ? 1_555 B U 9  N3 ? ? A A 15 B U 33 1_555 ? ? ? ? ? ? WATSON-CRICK  ? ? ? 
hydrog30 hydrog ? ? A A 14 N6 ? ? ? 1_555 B U 9  O4 ? ? A A 15 B U 33 1_555 ? ? ? ? ? ? WATSON-CRICK  ? ? ? 
hydrog31 hydrog ? ? A G 18 N1 ? ? ? 1_555 B C 6  N3 ? ? A G 19 B C 30 1_555 ? ? ? ? ? ? WATSON-CRICK  ? ? ? 
hydrog32 hydrog ? ? A G 18 N2 ? ? ? 1_555 B C 6  O2 ? ? A G 19 B C 30 1_555 ? ? ? ? ? ? WATSON-CRICK  ? ? ? 
hydrog33 hydrog ? ? A G 18 O6 ? ? ? 1_555 B C 6  N4 ? ? A G 19 B C 30 1_555 ? ? ? ? ? ? WATSON-CRICK  ? ? ? 
hydrog34 hydrog ? ? A U 19 N3 ? ? ? 1_555 B U 5  O4 ? ? A U 20 B U 29 1_555 ? ? ? ? ? ? TYPE_16_PAIR  ? ? ? 
hydrog35 hydrog ? ? A U 19 O2 ? ? ? 1_555 B U 5  N3 ? ? A U 20 B U 29 1_555 ? ? ? ? ? ? TYPE_16_PAIR  ? ? ? 
hydrog36 hydrog ? ? A C 20 N3 ? ? ? 1_555 B G 4  N1 ? ? A C 21 B G 28 1_555 ? ? ? ? ? ? WATSON-CRICK  ? ? ? 
hydrog37 hydrog ? ? A C 20 N4 ? ? ? 1_555 B G 4  O6 ? ? A C 21 B G 28 1_555 ? ? ? ? ? ? WATSON-CRICK  ? ? ? 
hydrog38 hydrog ? ? A C 20 O2 ? ? ? 1_555 B G 4  N2 ? ? A C 21 B G 28 1_555 ? ? ? ? ? ? WATSON-CRICK  ? ? ? 
hydrog39 hydrog ? ? A G 21 N1 ? ? ? 1_555 B C 3  N3 ? ? A G 22 B C 27 1_555 ? ? ? ? ? ? WATSON-CRICK  ? ? ? 
hydrog40 hydrog ? ? A G 21 N2 ? ? ? 1_555 B C 3  O2 ? ? A G 22 B C 27 1_555 ? ? ? ? ? ? WATSON-CRICK  ? ? ? 
hydrog41 hydrog ? ? A G 21 O6 ? ? ? 1_555 B C 3  N4 ? ? A G 22 B C 27 1_555 ? ? ? ? ? ? WATSON-CRICK  ? ? ? 
hydrog42 hydrog ? ? A C 22 N3 ? ? ? 1_555 B G 2  N1 ? ? A C 23 B G 26 1_555 ? ? ? ? ? ? WATSON-CRICK  ? ? ? 
hydrog43 hydrog ? ? A C 22 N4 ? ? ? 1_555 B G 2  O6 ? ? A C 23 B G 26 1_555 ? ? ? ? ? ? WATSON-CRICK  ? ? ? 
hydrog44 hydrog ? ? A C 22 O2 ? ? ? 1_555 B G 2  N2 ? ? A C 23 B G 26 1_555 ? ? ? ? ? ? WATSON-CRICK  ? ? ? 
# 
_struct_conn_type.id          hydrog 
_struct_conn_type.criteria    ? 
_struct_conn_type.reference   ? 
# 
_struct_site.id                   AC1 
_struct_site.pdbx_evidence_code   Software 
_struct_site.pdbx_auth_asym_id    B 
_struct_site.pdbx_auth_comp_id    GET 
_struct_site.pdbx_auth_seq_id     201 
_struct_site.pdbx_auth_ins_code   ? 
_struct_site.pdbx_num_residues    10 
_struct_site.details              'binding site for residue GET B 201' 
# 
loop_
_struct_site_gen.id 
_struct_site_gen.site_id 
_struct_site_gen.pdbx_num_res 
_struct_site_gen.label_comp_id 
_struct_site_gen.label_asym_id 
_struct_site_gen.label_seq_id 
_struct_site_gen.pdbx_auth_ins_code 
_struct_site_gen.auth_comp_id 
_struct_site_gen.auth_asym_id 
_struct_site_gen.auth_seq_id 
_struct_site_gen.label_atom_id 
_struct_site_gen.label_alt_id 
_struct_site_gen.symmetry 
_struct_site_gen.details 
1  AC1 10 G A 4  ? G A 5  . ? 1_555 ? 
2  AC1 10 U A 5  ? U A 6  . ? 1_555 ? 
3  AC1 10 C A 6  ? C A 7  . ? 1_555 ? 
4  AC1 10 G A 7  ? G A 8  . ? 1_555 ? 
5  AC1 10 C A 8  ? C A 9  . ? 1_555 ? 
6  AC1 10 A B 15 ? A B 39 . ? 1_555 ? 
7  AC1 10 A B 16 ? A B 40 . ? 1_555 ? 
8  AC1 10 A B 17 ? A B 41 . ? 1_555 ? 
9  AC1 10 G B 18 ? G B 42 . ? 1_555 ? 
10 AC1 10 U B 19 ? U B 43 . ? 1_555 ? 
# 
loop_
_pdbx_unobs_or_zero_occ_residues.id 
_pdbx_unobs_or_zero_occ_residues.PDB_model_num 
_pdbx_unobs_or_zero_occ_residues.polymer_flag 
_pdbx_unobs_or_zero_occ_residues.occupancy_flag 
_pdbx_unobs_or_zero_occ_residues.auth_asym_id 
_pdbx_unobs_or_zero_occ_residues.auth_comp_id 
_pdbx_unobs_or_zero_occ_residues.auth_seq_id 
_pdbx_unobs_or_zero_occ_residues.PDB_ins_code 
_pdbx_unobs_or_zero_occ_residues.label_asym_id 
_pdbx_unobs_or_zero_occ_residues.label_comp_id 
_pdbx_unobs_or_zero_occ_residues.label_seq_id 
1 1 Y 1 A A 16 ? A A 15 
2 1 Y 1 A A 17 ? A A 16 
3 1 Y 1 A A 18 ? A A 17 
# 
loop_
_chem_comp_atom.comp_id 
_chem_comp_atom.atom_id 
_chem_comp_atom.type_symbol 
_chem_comp_atom.pdbx_aromatic_flag 
_chem_comp_atom.pdbx_stereo_config 
_chem_comp_atom.pdbx_ordinal 
A   OP3    O N N 1   
A   P      P N N 2   
A   OP1    O N N 3   
A   OP2    O N N 4   
A   "O5'"  O N N 5   
A   "C5'"  C N N 6   
A   "C4'"  C N R 7   
A   "O4'"  O N N 8   
A   "C3'"  C N S 9   
A   "O3'"  O N N 10  
A   "C2'"  C N R 11  
A   "O2'"  O N N 12  
A   "C1'"  C N R 13  
A   N9     N Y N 14  
A   C8     C Y N 15  
A   N7     N Y N 16  
A   C5     C Y N 17  
A   C6     C Y N 18  
A   N6     N N N 19  
A   N1     N Y N 20  
A   C2     C Y N 21  
A   N3     N Y N 22  
A   C4     C Y N 23  
A   HOP3   H N N 24  
A   HOP2   H N N 25  
A   "H5'"  H N N 26  
A   "H5''" H N N 27  
A   "H4'"  H N N 28  
A   "H3'"  H N N 29  
A   "HO3'" H N N 30  
A   "H2'"  H N N 31  
A   "HO2'" H N N 32  
A   "H1'"  H N N 33  
A   H8     H N N 34  
A   H61    H N N 35  
A   H62    H N N 36  
A   H2     H N N 37  
C   OP3    O N N 38  
C   P      P N N 39  
C   OP1    O N N 40  
C   OP2    O N N 41  
C   "O5'"  O N N 42  
C   "C5'"  C N N 43  
C   "C4'"  C N R 44  
C   "O4'"  O N N 45  
C   "C3'"  C N S 46  
C   "O3'"  O N N 47  
C   "C2'"  C N R 48  
C   "O2'"  O N N 49  
C   "C1'"  C N R 50  
C   N1     N N N 51  
C   C2     C N N 52  
C   O2     O N N 53  
C   N3     N N N 54  
C   C4     C N N 55  
C   N4     N N N 56  
C   C5     C N N 57  
C   C6     C N N 58  
C   HOP3   H N N 59  
C   HOP2   H N N 60  
C   "H5'"  H N N 61  
C   "H5''" H N N 62  
C   "H4'"  H N N 63  
C   "H3'"  H N N 64  
C   "HO3'" H N N 65  
C   "H2'"  H N N 66  
C   "HO2'" H N N 67  
C   "H1'"  H N N 68  
C   H41    H N N 69  
C   H42    H N N 70  
C   H5     H N N 71  
C   H6     H N N 72  
G   OP3    O N N 73  
G   P      P N N 74  
G   OP1    O N N 75  
G   OP2    O N N 76  
G   "O5'"  O N N 77  
G   "C5'"  C N N 78  
G   "C4'"  C N R 79  
G   "O4'"  O N N 80  
G   "C3'"  C N S 81  
G   "O3'"  O N N 82  
G   "C2'"  C N R 83  
G   "O2'"  O N N 84  
G   "C1'"  C N R 85  
G   N9     N Y N 86  
G   C8     C Y N 87  
G   N7     N Y N 88  
G   C5     C Y N 89  
G   C6     C N N 90  
G   O6     O N N 91  
G   N1     N N N 92  
G   C2     C N N 93  
G   N2     N N N 94  
G   N3     N N N 95  
G   C4     C Y N 96  
G   HOP3   H N N 97  
G   HOP2   H N N 98  
G   "H5'"  H N N 99  
G   "H5''" H N N 100 
G   "H4'"  H N N 101 
G   "H3'"  H N N 102 
G   "HO3'" H N N 103 
G   "H2'"  H N N 104 
G   "HO2'" H N N 105 
G   "H1'"  H N N 106 
G   H8     H N N 107 
G   H1     H N N 108 
G   H21    H N N 109 
G   H22    H N N 110 
GET C11    C N S 111 
GET O11    O N N 112 
GET C21    C N R 113 
GET N21    N N N 114 
GET C31    C N R 115 
GET O31    O N N 116 
GET C41    C N S 117 
GET O41    O N N 118 
GET C51    C N R 119 
GET O51    O N N 120 
GET C61    C N R 121 
GET O61    O N N 122 
GET C71    C N N 123 
GET C12    C N R 124 
GET N12    N N N 125 
GET C22    C N N 126 
GET C32    C N S 127 
GET N32    N N N 128 
GET C42    C N R 129 
GET C52    C N S 130 
GET O52    O N N 131 
GET C62    C N S 132 
GET O62    O N N 133 
GET C13    C N R 134 
GET C23    C N R 135 
GET O23    O N N 136 
GET C33    C N R 137 
GET N33    N N N 138 
GET C93    C N N 139 
GET C43    C N R 140 
GET O43    O N N 141 
GET C83    C N N 142 
GET C53    C N N 143 
GET O53    O N N 144 
GET H111   H N N 145 
GET H21    H N N 146 
GET H211   H N N 147 
GET H212   H N N 148 
GET H311   H N N 149 
GET H31    H N N 150 
GET H411   H N N 151 
GET H41    H N N 152 
GET H511   H N N 153 
GET H611   H N N 154 
GET H61    H N N 155 
GET H711   H N N 156 
GET H712   H N N 157 
GET H713   H N N 158 
GET H12    H N N 159 
GET H121   H N N 160 
GET H122   H N N 161 
GET H221   H N N 162 
GET H222   H N N 163 
GET H32    H N N 164 
GET H321   H N N 165 
GET H322   H N N 166 
GET H421   H N N 167 
GET H521   H N N 168 
GET H52    H N N 169 
GET H621   H N N 170 
GET H131   H N N 171 
GET H231   H N N 172 
GET H23    H N N 173 
GET H331   H N N 174 
GET H33    H N N 175 
GET H931   H N N 176 
GET H932   H N N 177 
GET H933   H N N 178 
GET H43    H N N 179 
GET H831   H N N 180 
GET H832   H N N 181 
GET H833   H N N 182 
GET H531   H N N 183 
GET H532   H N N 184 
HOH O      O N N 185 
HOH H1     H N N 186 
HOH H2     H N N 187 
U   OP3    O N N 188 
U   P      P N N 189 
U   OP1    O N N 190 
U   OP2    O N N 191 
U   "O5'"  O N N 192 
U   "C5'"  C N N 193 
U   "C4'"  C N R 194 
U   "O4'"  O N N 195 
U   "C3'"  C N S 196 
U   "O3'"  O N N 197 
U   "C2'"  C N R 198 
U   "O2'"  O N N 199 
U   "C1'"  C N R 200 
U   N1     N N N 201 
U   C2     C N N 202 
U   O2     O N N 203 
U   N3     N N N 204 
U   C4     C N N 205 
U   O4     O N N 206 
U   C5     C N N 207 
U   C6     C N N 208 
U   HOP3   H N N 209 
U   HOP2   H N N 210 
U   "H5'"  H N N 211 
U   "H5''" H N N 212 
U   "H4'"  H N N 213 
U   "H3'"  H N N 214 
U   "HO3'" H N N 215 
U   "H2'"  H N N 216 
U   "HO2'" H N N 217 
U   "H1'"  H N N 218 
U   H3     H N N 219 
U   H5     H N N 220 
U   H6     H N N 221 
# 
loop_
_chem_comp_bond.comp_id 
_chem_comp_bond.atom_id_1 
_chem_comp_bond.atom_id_2 
_chem_comp_bond.value_order 
_chem_comp_bond.pdbx_aromatic_flag 
_chem_comp_bond.pdbx_stereo_config 
_chem_comp_bond.pdbx_ordinal 
A   OP3   P      sing N N 1   
A   OP3   HOP3   sing N N 2   
A   P     OP1    doub N N 3   
A   P     OP2    sing N N 4   
A   P     "O5'"  sing N N 5   
A   OP2   HOP2   sing N N 6   
A   "O5'" "C5'"  sing N N 7   
A   "C5'" "C4'"  sing N N 8   
A   "C5'" "H5'"  sing N N 9   
A   "C5'" "H5''" sing N N 10  
A   "C4'" "O4'"  sing N N 11  
A   "C4'" "C3'"  sing N N 12  
A   "C4'" "H4'"  sing N N 13  
A   "O4'" "C1'"  sing N N 14  
A   "C3'" "O3'"  sing N N 15  
A   "C3'" "C2'"  sing N N 16  
A   "C3'" "H3'"  sing N N 17  
A   "O3'" "HO3'" sing N N 18  
A   "C2'" "O2'"  sing N N 19  
A   "C2'" "C1'"  sing N N 20  
A   "C2'" "H2'"  sing N N 21  
A   "O2'" "HO2'" sing N N 22  
A   "C1'" N9     sing N N 23  
A   "C1'" "H1'"  sing N N 24  
A   N9    C8     sing Y N 25  
A   N9    C4     sing Y N 26  
A   C8    N7     doub Y N 27  
A   C8    H8     sing N N 28  
A   N7    C5     sing Y N 29  
A   C5    C6     sing Y N 30  
A   C5    C4     doub Y N 31  
A   C6    N6     sing N N 32  
A   C6    N1     doub Y N 33  
A   N6    H61    sing N N 34  
A   N6    H62    sing N N 35  
A   N1    C2     sing Y N 36  
A   C2    N3     doub Y N 37  
A   C2    H2     sing N N 38  
A   N3    C4     sing Y N 39  
C   OP3   P      sing N N 40  
C   OP3   HOP3   sing N N 41  
C   P     OP1    doub N N 42  
C   P     OP2    sing N N 43  
C   P     "O5'"  sing N N 44  
C   OP2   HOP2   sing N N 45  
C   "O5'" "C5'"  sing N N 46  
C   "C5'" "C4'"  sing N N 47  
C   "C5'" "H5'"  sing N N 48  
C   "C5'" "H5''" sing N N 49  
C   "C4'" "O4'"  sing N N 50  
C   "C4'" "C3'"  sing N N 51  
C   "C4'" "H4'"  sing N N 52  
C   "O4'" "C1'"  sing N N 53  
C   "C3'" "O3'"  sing N N 54  
C   "C3'" "C2'"  sing N N 55  
C   "C3'" "H3'"  sing N N 56  
C   "O3'" "HO3'" sing N N 57  
C   "C2'" "O2'"  sing N N 58  
C   "C2'" "C1'"  sing N N 59  
C   "C2'" "H2'"  sing N N 60  
C   "O2'" "HO2'" sing N N 61  
C   "C1'" N1     sing N N 62  
C   "C1'" "H1'"  sing N N 63  
C   N1    C2     sing N N 64  
C   N1    C6     sing N N 65  
C   C2    O2     doub N N 66  
C   C2    N3     sing N N 67  
C   N3    C4     doub N N 68  
C   C4    N4     sing N N 69  
C   C4    C5     sing N N 70  
C   N4    H41    sing N N 71  
C   N4    H42    sing N N 72  
C   C5    C6     doub N N 73  
C   C5    H5     sing N N 74  
C   C6    H6     sing N N 75  
G   OP3   P      sing N N 76  
G   OP3   HOP3   sing N N 77  
G   P     OP1    doub N N 78  
G   P     OP2    sing N N 79  
G   P     "O5'"  sing N N 80  
G   OP2   HOP2   sing N N 81  
G   "O5'" "C5'"  sing N N 82  
G   "C5'" "C4'"  sing N N 83  
G   "C5'" "H5'"  sing N N 84  
G   "C5'" "H5''" sing N N 85  
G   "C4'" "O4'"  sing N N 86  
G   "C4'" "C3'"  sing N N 87  
G   "C4'" "H4'"  sing N N 88  
G   "O4'" "C1'"  sing N N 89  
G   "C3'" "O3'"  sing N N 90  
G   "C3'" "C2'"  sing N N 91  
G   "C3'" "H3'"  sing N N 92  
G   "O3'" "HO3'" sing N N 93  
G   "C2'" "O2'"  sing N N 94  
G   "C2'" "C1'"  sing N N 95  
G   "C2'" "H2'"  sing N N 96  
G   "O2'" "HO2'" sing N N 97  
G   "C1'" N9     sing N N 98  
G   "C1'" "H1'"  sing N N 99  
G   N9    C8     sing Y N 100 
G   N9    C4     sing Y N 101 
G   C8    N7     doub Y N 102 
G   C8    H8     sing N N 103 
G   N7    C5     sing Y N 104 
G   C5    C6     sing N N 105 
G   C5    C4     doub Y N 106 
G   C6    O6     doub N N 107 
G   C6    N1     sing N N 108 
G   N1    C2     sing N N 109 
G   N1    H1     sing N N 110 
G   C2    N2     sing N N 111 
G   C2    N3     doub N N 112 
G   N2    H21    sing N N 113 
G   N2    H22    sing N N 114 
G   N3    C4     sing N N 115 
GET C11   O11    sing N N 116 
GET C11   C21    sing N N 117 
GET C11   O51    sing N N 118 
GET C11   H111   sing N N 119 
GET O11   C42    sing N N 120 
GET C21   N21    sing N N 121 
GET C21   C31    sing N N 122 
GET C21   H21    sing N N 123 
GET N21   H211   sing N N 124 
GET N21   H212   sing N N 125 
GET C31   O31    sing N N 126 
GET C31   C41    sing N N 127 
GET C31   H311   sing N N 128 
GET O31   H31    sing N N 129 
GET C41   O41    sing N N 130 
GET C41   C51    sing N N 131 
GET C41   H411   sing N N 132 
GET O41   H41    sing N N 133 
GET C51   O51    sing N N 134 
GET C51   C61    sing N N 135 
GET C51   H511   sing N N 136 
GET C61   O61    sing N N 137 
GET C61   C71    sing N N 138 
GET C61   H611   sing N N 139 
GET O61   H61    sing N N 140 
GET C71   H711   sing N N 141 
GET C71   H712   sing N N 142 
GET C71   H713   sing N N 143 
GET C12   N12    sing N N 144 
GET C12   C22    sing N N 145 
GET C12   C62    sing N N 146 
GET C12   H12    sing N N 147 
GET N12   H121   sing N N 148 
GET N12   H122   sing N N 149 
GET C22   C32    sing N N 150 
GET C22   H221   sing N N 151 
GET C22   H222   sing N N 152 
GET C32   N32    sing N N 153 
GET C32   C42    sing N N 154 
GET C32   H32    sing N N 155 
GET N32   H321   sing N N 156 
GET N32   H322   sing N N 157 
GET C42   C52    sing N N 158 
GET C42   H421   sing N N 159 
GET C52   O52    sing N N 160 
GET C52   C62    sing N N 161 
GET C52   H521   sing N N 162 
GET O52   H52    sing N N 163 
GET C62   O62    sing N N 164 
GET C62   H621   sing N N 165 
GET O62   C13    sing N N 166 
GET C13   C23    sing N N 167 
GET C13   O53    sing N N 168 
GET C13   H131   sing N N 169 
GET C23   O23    sing N N 170 
GET C23   C33    sing N N 171 
GET C23   H231   sing N N 172 
GET O23   H23    sing N N 173 
GET C33   N33    sing N N 174 
GET C33   C43    sing N N 175 
GET C33   H331   sing N N 176 
GET N33   C93    sing N N 177 
GET N33   H33    sing N N 178 
GET C93   H931   sing N N 179 
GET C93   H932   sing N N 180 
GET C93   H933   sing N N 181 
GET C43   O43    sing N N 182 
GET C43   C83    sing N N 183 
GET C43   C53    sing N N 184 
GET O43   H43    sing N N 185 
GET C83   H831   sing N N 186 
GET C83   H832   sing N N 187 
GET C83   H833   sing N N 188 
GET C53   O53    sing N N 189 
GET C53   H531   sing N N 190 
GET C53   H532   sing N N 191 
HOH O     H1     sing N N 192 
HOH O     H2     sing N N 193 
U   OP3   P      sing N N 194 
U   OP3   HOP3   sing N N 195 
U   P     OP1    doub N N 196 
U   P     OP2    sing N N 197 
U   P     "O5'"  sing N N 198 
U   OP2   HOP2   sing N N 199 
U   "O5'" "C5'"  sing N N 200 
U   "C5'" "C4'"  sing N N 201 
U   "C5'" "H5'"  sing N N 202 
U   "C5'" "H5''" sing N N 203 
U   "C4'" "O4'"  sing N N 204 
U   "C4'" "C3'"  sing N N 205 
U   "C4'" "H4'"  sing N N 206 
U   "O4'" "C1'"  sing N N 207 
U   "C3'" "O3'"  sing N N 208 
U   "C3'" "C2'"  sing N N 209 
U   "C3'" "H3'"  sing N N 210 
U   "O3'" "HO3'" sing N N 211 
U   "C2'" "O2'"  sing N N 212 
U   "C2'" "C1'"  sing N N 213 
U   "C2'" "H2'"  sing N N 214 
U   "O2'" "HO2'" sing N N 215 
U   "C1'" N1     sing N N 216 
U   "C1'" "H1'"  sing N N 217 
U   N1    C2     sing N N 218 
U   N1    C6     sing N N 219 
U   C2    O2     doub N N 220 
U   C2    N3     sing N N 221 
U   N3    C4     sing N N 222 
U   N3    H3     sing N N 223 
U   C4    O4     doub N N 224 
U   C4    C5     sing N N 225 
U   C5    C6     doub N N 226 
U   C5    H5     sing N N 227 
U   C6    H6     sing N N 228 
# 
loop_
_ndb_struct_conf_na.entry_id 
_ndb_struct_conf_na.feature 
5Z71 'double helix'         
5Z71 'a-form double helix'  
5Z71 'mismatched base pair' 
# 
loop_
_ndb_struct_na_base_pair.model_number 
_ndb_struct_na_base_pair.i_label_asym_id 
_ndb_struct_na_base_pair.i_label_comp_id 
_ndb_struct_na_base_pair.i_label_seq_id 
_ndb_struct_na_base_pair.i_symmetry 
_ndb_struct_na_base_pair.j_label_asym_id 
_ndb_struct_na_base_pair.j_label_comp_id 
_ndb_struct_na_base_pair.j_label_seq_id 
_ndb_struct_na_base_pair.j_symmetry 
_ndb_struct_na_base_pair.shear 
_ndb_struct_na_base_pair.stretch 
_ndb_struct_na_base_pair.stagger 
_ndb_struct_na_base_pair.buckle 
_ndb_struct_na_base_pair.propeller 
_ndb_struct_na_base_pair.opening 
_ndb_struct_na_base_pair.pair_number 
_ndb_struct_na_base_pair.pair_name 
_ndb_struct_na_base_pair.i_auth_asym_id 
_ndb_struct_na_base_pair.i_auth_seq_id 
_ndb_struct_na_base_pair.i_PDB_ins_code 
_ndb_struct_na_base_pair.j_auth_asym_id 
_ndb_struct_na_base_pair.j_auth_seq_id 
_ndb_struct_na_base_pair.j_PDB_ins_code 
_ndb_struct_na_base_pair.hbond_type_28 
_ndb_struct_na_base_pair.hbond_type_12 
1 A G 2  1_555 B C 22 1_555 -0.890 -0.522 0.627  6.071  7.192   3.149   1  A_G3:C46_B  A 3  ? B 46 ? 19 1 
1 A C 3  1_555 B G 21 1_555 -0.434 -0.345 0.038  2.347  5.625   -1.525  2  A_C4:G45_B  A 4  ? B 45 ? 19 1 
1 A G 4  1_555 B C 20 1_555 -0.643 -0.637 -0.111 5.661  -1.830  2.170   3  A_G5:C44_B  A 5  ? B 44 ? 19 1 
1 A U 5  1_555 B U 19 1_555 -1.941 -1.369 -0.213 3.411  -7.506  -12.115 4  A_U6:U43_B  A 6  ? B 43 ? ?  ? 
1 A C 6  1_555 B G 18 1_555 0.664  -0.529 -0.364 -3.486 1.180   -8.297  5  A_C7:G42_B  A 7  ? B 42 ? 19 1 
1 A C 8  1_555 B A 15 1_555 -1.518 -0.068 0.321  8.515  -17.478 8.998   6  A_C9:A39_B  A 9  ? B 39 ? ?  1 
1 A U 9  1_555 B A 14 1_555 -0.219 -0.494 -0.229 7.836  -9.956  1.536   7  A_U10:A38_B A 10 ? B 38 ? 20 1 
1 A C 10 1_555 B G 13 1_555 0.596  -0.015 -0.193 12.406 -11.742 8.534   8  A_C11:G37_B A 11 ? B 37 ? 19 1 
1 A C 11 1_555 B G 12 1_555 0.274  -0.207 -0.261 5.516  -5.843  -0.705  9  A_C12:G36_B A 12 ? B 36 ? 19 1 
1 A G 12 1_555 B C 11 1_555 -0.146 -0.098 -0.072 -3.211 -9.065  6.796   10 A_G13:C35_B A 13 ? B 35 ? 19 1 
1 A G 13 1_555 B C 10 1_555 -0.122 -0.692 0.195  3.791  -5.714  -3.889  11 A_G14:C34_B A 14 ? B 34 ? 19 1 
1 A A 14 1_555 B U 9  1_555 0.638  -0.302 0.005  0.160  -7.536  -3.851  12 A_A15:U33_B A 15 ? B 33 ? 20 1 
1 A G 18 1_555 B C 6  1_555 -0.062 -0.294 -0.093 1.796  0.971   -10.029 13 A_G19:C30_B A 19 ? B 30 ? 19 1 
1 A U 19 1_555 B U 5  1_555 1.169  -2.045 0.053  -1.873 -14.449 -5.986  14 A_U20:U29_B A 20 ? B 29 ? 16 1 
1 A C 20 1_555 B G 4  1_555 0.997  -0.580 0.052  3.581  -15.225 3.704   15 A_C21:G28_B A 21 ? B 28 ? 19 1 
1 A G 21 1_555 B C 3  1_555 0.351  0.344  -0.058 -7.187 -8.912  2.465   16 A_G22:C27_B A 22 ? B 27 ? 19 1 
1 A C 22 1_555 B G 2  1_555 0.187  0.093  -0.088 3.998  -1.138  -5.453  17 A_C23:G26_B A 23 ? B 26 ? 19 1 
# 
loop_
_ndb_struct_na_base_pair_step.model_number 
_ndb_struct_na_base_pair_step.i_label_asym_id_1 
_ndb_struct_na_base_pair_step.i_label_comp_id_1 
_ndb_struct_na_base_pair_step.i_label_seq_id_1 
_ndb_struct_na_base_pair_step.i_symmetry_1 
_ndb_struct_na_base_pair_step.j_label_asym_id_1 
_ndb_struct_na_base_pair_step.j_label_comp_id_1 
_ndb_struct_na_base_pair_step.j_label_seq_id_1 
_ndb_struct_na_base_pair_step.j_symmetry_1 
_ndb_struct_na_base_pair_step.i_label_asym_id_2 
_ndb_struct_na_base_pair_step.i_label_comp_id_2 
_ndb_struct_na_base_pair_step.i_label_seq_id_2 
_ndb_struct_na_base_pair_step.i_symmetry_2 
_ndb_struct_na_base_pair_step.j_label_asym_id_2 
_ndb_struct_na_base_pair_step.j_label_comp_id_2 
_ndb_struct_na_base_pair_step.j_label_seq_id_2 
_ndb_struct_na_base_pair_step.j_symmetry_2 
_ndb_struct_na_base_pair_step.shift 
_ndb_struct_na_base_pair_step.slide 
_ndb_struct_na_base_pair_step.rise 
_ndb_struct_na_base_pair_step.tilt 
_ndb_struct_na_base_pair_step.roll 
_ndb_struct_na_base_pair_step.twist 
_ndb_struct_na_base_pair_step.x_displacement 
_ndb_struct_na_base_pair_step.y_displacement 
_ndb_struct_na_base_pair_step.helical_rise 
_ndb_struct_na_base_pair_step.inclination 
_ndb_struct_na_base_pair_step.tip 
_ndb_struct_na_base_pair_step.helical_twist 
_ndb_struct_na_base_pair_step.step_number 
_ndb_struct_na_base_pair_step.step_name 
_ndb_struct_na_base_pair_step.i_auth_asym_id_1 
_ndb_struct_na_base_pair_step.i_auth_seq_id_1 
_ndb_struct_na_base_pair_step.i_PDB_ins_code_1 
_ndb_struct_na_base_pair_step.j_auth_asym_id_1 
_ndb_struct_na_base_pair_step.j_auth_seq_id_1 
_ndb_struct_na_base_pair_step.j_PDB_ins_code_1 
_ndb_struct_na_base_pair_step.i_auth_asym_id_2 
_ndb_struct_na_base_pair_step.i_auth_seq_id_2 
_ndb_struct_na_base_pair_step.i_PDB_ins_code_2 
_ndb_struct_na_base_pair_step.j_auth_asym_id_2 
_ndb_struct_na_base_pair_step.j_auth_seq_id_2 
_ndb_struct_na_base_pair_step.j_PDB_ins_code_2 
1 A G 2  1_555 B C 22 1_555 A C 3  1_555 B G 21 1_555 -0.389 -1.770 3.434 2.478   5.535  32.821 -4.005  1.090  3.066 9.692  -4.339 
33.361 1  AA_G3C4:G45C46_BB   A 3  ? B 46 ? A 4  ? B 45 ? 
1 A C 3  1_555 B G 21 1_555 A G 4  1_555 B C 20 1_555 -0.031 -1.878 3.091 -0.080  4.588  28.647 -4.661  0.046  2.763 9.197  0.160  
29.004 2  AA_C4G5:C44G45_BB   A 4  ? B 45 ? A 5  ? B 44 ? 
1 A G 4  1_555 B C 20 1_555 A U 5  1_555 B U 19 1_555 -0.879 -2.521 3.127 -2.858  2.366  24.767 -6.472  1.236  2.957 5.478  6.616  
25.039 3  AA_G5U6:U43C44_BB   A 5  ? B 44 ? A 6  ? B 43 ? 
1 A U 5  1_555 B U 19 1_555 A C 6  1_555 B G 18 1_555 0.749  -2.343 3.564 0.868   -0.064 48.460 -2.848  -0.839 3.579 -0.078 -1.057 
48.467 4  AA_U6C7:G42U43_BB   A 6  ? B 43 ? A 7  ? B 42 ? 
1 A C 6  1_555 B G 18 1_555 A C 8  1_555 B A 15 1_555 1.449  -3.547 6.316 -15.428 16.556 67.003 -4.127  -2.234 5.037 14.578 13.584 
70.297 5  AA_C7C9:A39G42_BB   A 7  ? B 42 ? A 9  ? B 39 ? 
1 A C 8  1_555 B A 15 1_555 A U 9  1_555 B A 14 1_555 -0.081 -1.411 3.229 2.514   10.951 37.097 -3.377  0.409  2.710 16.747 -3.845 
38.704 6  AA_C9U10:A38A39_BB  A 9  ? B 39 ? A 10 ? B 38 ? 
1 A U 9  1_555 B A 14 1_555 A C 10 1_555 B G 13 1_555 0.381  -1.161 3.128 0.555   5.496  36.633 -2.516  -0.531 2.934 8.683  -0.877 
37.033 7  AA_U10C11:G37A38_BB A 10 ? B 38 ? A 11 ? B 37 ? 
1 A C 10 1_555 B G 13 1_555 A C 11 1_555 B G 12 1_555 -1.047 -1.995 3.435 0.222   12.190 26.129 -6.521  2.151  2.286 25.285 -0.461 
28.788 8  AA_C11C12:G36G37_BB A 11 ? B 37 ? A 12 ? B 36 ? 
1 A C 11 1_555 B G 12 1_555 A G 12 1_555 B C 11 1_555 0.688  -1.658 3.432 -0.777  9.853  27.091 -5.449  -1.549 2.657 20.200 1.593  
28.806 9  AA_C12G13:C35G36_BB A 12 ? B 36 ? A 13 ? B 35 ? 
1 A G 12 1_555 B C 11 1_555 A G 13 1_555 B C 10 1_555 -0.550 -1.909 3.092 -0.969  1.678  33.273 -3.589  0.808  3.010 2.928  1.690  
33.328 10 AA_G13G14:C34C35_BB A 13 ? B 35 ? A 14 ? B 34 ? 
1 A G 13 1_555 B C 10 1_555 A A 14 1_555 B U 9  1_555 0.160  -1.707 3.235 4.205   11.364 39.077 -3.600  0.198  2.660 16.513 -6.110 
40.843 11 AA_G14A15:U33C34_BB A 14 ? B 34 ? A 15 ? B 33 ? 
1 A G 18 1_555 B C 6  1_555 A U 19 1_555 B U 5  1_555 -0.748 -1.451 3.512 -1.544  4.326  44.671 -2.314  0.832  3.387 5.674  2.025  
44.894 12 AA_G19U20:U29C30_BB A 19 ? B 30 ? A 20 ? B 29 ? 
1 A U 19 1_555 B U 5  1_555 A C 20 1_555 B G 4  1_555 0.600  -1.929 2.956 1.805   5.989  36.718 -3.707  -0.733 2.645 9.423  -2.840 
37.229 13 AA_U20C21:G28U29_BB A 20 ? B 29 ? A 21 ? B 28 ? 
1 A C 20 1_555 B G 4  1_555 A G 21 1_555 B C 3  1_555 -1.720 -2.454 3.428 -0.625  5.076  16.701 -11.030 5.304  2.633 16.965 2.089  
17.462 14 AA_C21G22:C27G28_BB A 21 ? B 28 ? A 22 ? B 27 ? 
1 A G 21 1_555 B C 3  1_555 A C 22 1_555 B G 2  1_555 0.618  -1.834 3.100 3.066   -0.261 30.598 -3.410  -0.590 3.161 -0.493 -5.792 
30.749 15 AA_G22C23:G26C27_BB A 22 ? B 27 ? A 23 ? B 26 ? 
# 
_atom_sites.entry_id                    5Z71 
_atom_sites.fract_transf_matrix[1][1]   -0.01940412 
_atom_sites.fract_transf_matrix[1][2]   0.02017872 
_atom_sites.fract_transf_matrix[1][3]   -0.01618582 
_atom_sites.fract_transf_matrix[2][1]   -0.00710959 
_atom_sites.fract_transf_matrix[2][2]   -0.00000121 
_atom_sites.fract_transf_matrix[2][3]   0.00852170 
_atom_sites.fract_transf_matrix[3][1]   0.01025896 
_atom_sites.fract_transf_matrix[3][2]   0.01673241 
_atom_sites.fract_transf_matrix[3][3]   0.00856135 
_atom_sites.fract_transf_vector[1]      -0.499669 
_atom_sites.fract_transf_vector[2]      0.135734 
_atom_sites.fract_transf_vector[3]      0.019706 
# 
loop_
_atom_type.symbol 
C 
N 
O 
P 
# 
loop_
_atom_site.group_PDB 
_atom_site.id 
_atom_site.type_symbol 
_atom_site.label_atom_id 
_atom_site.label_alt_id 
_atom_site.label_comp_id 
_atom_site.label_asym_id 
_atom_site.label_entity_id 
_atom_site.label_seq_id 
_atom_site.pdbx_PDB_ins_code 
_atom_site.Cartn_x 
_atom_site.Cartn_y 
_atom_site.Cartn_z 
_atom_site.occupancy 
_atom_site.B_iso_or_equiv 
_atom_site.pdbx_formal_charge 
_atom_site.auth_seq_id 
_atom_site.auth_comp_id 
_atom_site.auth_asym_id 
_atom_site.auth_atom_id 
_atom_site.pdbx_PDB_model_num 
ATOM   1   P P     . U   A 1 1  ? 19.083  19.982  17.285  1.00 89.22 ? 2   U   A P     1 
ATOM   2   O OP1   . U   A 1 1  ? 20.218  20.130  18.291  1.00 81.12 ? 2   U   A OP1   1 
ATOM   3   O OP2   . U   A 1 1  ? 19.384  20.658  15.953  1.00 79.85 ? 2   U   A OP2   1 
ATOM   4   O "O5'" . U   A 1 1  ? 18.983  18.384  16.978  1.00 78.69 ? 2   U   A "O5'" 1 
ATOM   5   C "C5'" . U   A 1 1  ? 18.157  17.884  15.914  1.00 79.06 ? 2   U   A "C5'" 1 
ATOM   6   C "C4'" . U   A 1 1  ? 17.430  16.645  16.366  1.00 83.64 ? 2   U   A "C4'" 1 
ATOM   7   O "O4'" . U   A 1 1  ? 17.852  16.285  17.697  1.00 81.51 ? 2   U   A "O4'" 1 
ATOM   8   C "C3'" . U   A 1 1  ? 15.917  16.753  16.352  1.00 79.99 ? 2   U   A "C3'" 1 
ATOM   9   O "O3'" . U   A 1 1  ? 15.433  15.796  15.439  1.00 77.14 ? 2   U   A "O3'" 1 
ATOM   10  C "C2'" . U   A 1 1  ? 15.449  16.402  17.768  1.00 81.28 ? 2   U   A "C2'" 1 
ATOM   11  O "O2'" . U   A 1 1  ? 14.527  15.324  17.779  1.00 84.73 ? 2   U   A "O2'" 1 
ATOM   12  C "C1'" . U   A 1 1  ? 16.736  16.027  18.511  1.00 77.49 ? 2   U   A "C1'" 1 
ATOM   13  N N1    . U   A 1 1  ? 16.921  16.771  19.765  1.00 78.71 ? 2   U   A N1    1 
ATOM   14  C C2    . U   A 1 1  ? 16.271  16.313  20.898  1.00 77.70 ? 2   U   A C2    1 
ATOM   15  O O2    . U   A 1 1  ? 15.550  15.329  20.891  1.00 76.61 ? 2   U   A O2    1 
ATOM   16  N N3    . U   A 1 1  ? 16.502  17.051  22.039  1.00 75.29 ? 2   U   A N3    1 
ATOM   17  C C4    . U   A 1 1  ? 17.306  18.176  22.156  1.00 74.30 ? 2   U   A C4    1 
ATOM   18  O O4    . U   A 1 1  ? 17.415  18.733  23.249  1.00 77.76 ? 2   U   A O4    1 
ATOM   19  C C5    . U   A 1 1  ? 17.939  18.589  20.941  1.00 76.24 ? 2   U   A C5    1 
ATOM   20  C C6    . U   A 1 1  ? 17.728  17.894  19.814  1.00 78.59 ? 2   U   A C6    1 
ATOM   21  P P     . G   A 1 2  ? 14.540  16.271  14.200  1.00 81.32 ? 3   G   A P     1 
ATOM   22  O OP1   . G   A 1 2  ? 14.507  17.759  14.198  1.00 83.24 ? 3   G   A OP1   1 
ATOM   23  O OP2   . G   A 1 2  ? 13.278  15.491  14.237  1.00 69.84 ? 3   G   A OP2   1 
ATOM   24  O "O5'" . G   A 1 2  ? 15.353  15.763  12.931  1.00 81.79 ? 3   G   A "O5'" 1 
ATOM   25  C "C5'" . G   A 1 2  ? 16.280  16.609  12.265  1.00 77.45 ? 3   G   A "C5'" 1 
ATOM   26  C "C4'" . G   A 1 2  ? 17.254  15.779  11.467  1.00 69.33 ? 3   G   A "C4'" 1 
ATOM   27  O "O4'" . G   A 1 2  ? 18.202  15.135  12.357  1.00 65.97 ? 3   G   A "O4'" 1 
ATOM   28  C "C3'" . G   A 1 2  ? 16.652  14.632  10.674  1.00 69.11 ? 3   G   A "C3'" 1 
ATOM   29  O "O3'" . G   A 1 2  ? 16.100  15.072  9.437   1.00 64.14 ? 3   G   A "O3'" 1 
ATOM   30  C "C2'" . G   A 1 2  ? 17.860  13.722  10.475  1.00 69.72 ? 3   G   A "C2'" 1 
ATOM   31  O "O2'" . G   A 1 2  ? 18.686  14.108  9.387   1.00 65.41 ? 3   G   A "O2'" 1 
ATOM   32  C "C1'" . G   A 1 2  ? 18.593  13.895  11.811  1.00 64.71 ? 3   G   A "C1'" 1 
ATOM   33  N N9    . G   A 1 2  ? 18.236  12.861  12.768  1.00 66.42 ? 3   G   A N9    1 
ATOM   34  C C8    . G   A 1 2  ? 17.372  12.967  13.828  1.00 67.04 ? 3   G   A C8    1 
ATOM   35  N N7    . G   A 1 2  ? 17.229  11.846  14.486  1.00 64.60 ? 3   G   A N7    1 
ATOM   36  C C5    . G   A 1 2  ? 18.057  10.951  13.827  1.00 60.47 ? 3   G   A C5    1 
ATOM   37  C C6    . G   A 1 2  ? 18.323  9.577   14.076  1.00 59.06 ? 3   G   A C6    1 
ATOM   38  O O6    . G   A 1 2  ? 17.849  8.842   14.942  1.00 54.46 ? 3   G   A O6    1 
ATOM   39  N N1    . G   A 1 2  ? 19.243  9.064   13.166  1.00 57.15 ? 3   G   A N1    1 
ATOM   40  C C2    . G   A 1 2  ? 19.822  9.772   12.145  1.00 58.42 ? 3   G   A C2    1 
ATOM   41  N N2    . G   A 1 2  ? 20.672  9.112   11.371  1.00 64.63 ? 3   G   A N2    1 
ATOM   42  N N3    . G   A 1 2  ? 19.580  11.040  11.898  1.00 61.86 ? 3   G   A N3    1 
ATOM   43  C C4    . G   A 1 2  ? 18.696  11.566  12.770  1.00 66.38 ? 3   G   A C4    1 
ATOM   44  P P     . C   A 1 3  ? 15.066  14.125  8.668   1.00 62.37 ? 4   C   A P     1 
ATOM   45  O OP1   . C   A 1 3  ? 14.532  14.802  7.463   1.00 57.99 ? 4   C   A OP1   1 
ATOM   46  O OP2   . C   A 1 3  ? 14.132  13.596  9.699   1.00 65.29 ? 4   C   A OP2   1 
ATOM   47  O "O5'" . C   A 1 3  ? 15.952  12.911  8.167   1.00 64.72 ? 4   C   A "O5'" 1 
ATOM   48  C "C5'" . C   A 1 3  ? 16.726  13.019  6.988   1.00 62.14 ? 4   C   A "C5'" 1 
ATOM   49  C "C4'" . C   A 1 3  ? 17.403  11.712  6.720   1.00 59.54 ? 4   C   A "C4'" 1 
ATOM   50  O "O4'" . C   A 1 3  ? 18.155  11.348  7.908   1.00 61.09 ? 4   C   A "O4'" 1 
ATOM   51  C "C3'" . C   A 1 3  ? 16.450  10.545  6.566   1.00 61.96 ? 4   C   A "C3'" 1 
ATOM   52  O "O3'" . C   A 1 3  ? 15.997  10.467  5.240   1.00 65.08 ? 4   C   A "O3'" 1 
ATOM   53  C "C2'" . C   A 1 3  ? 17.347  9.364   6.881   1.00 64.22 ? 4   C   A "C2'" 1 
ATOM   54  O "O2'" . C   A 1 3  ? 18.118  8.921   5.780   1.00 63.22 ? 4   C   A "O2'" 1 
ATOM   55  C "C1'" . C   A 1 3  ? 18.193  9.939   8.020   1.00 64.51 ? 4   C   A "C1'" 1 
ATOM   56  N N1    . C   A 1 3  ? 17.601  9.561   9.300   1.00 61.62 ? 4   C   A N1    1 
ATOM   57  C C2    . C   A 1 3  ? 17.749  8.249   9.712   1.00 60.71 ? 4   C   A C2    1 
ATOM   58  O O2    . C   A 1 3  ? 18.437  7.493   9.020   1.00 64.93 ? 4   C   A O2    1 
ATOM   59  N N3    . C   A 1 3  ? 17.145  7.831   10.840  1.00 55.42 ? 4   C   A N3    1 
ATOM   60  C C4    . C   A 1 3  ? 16.412  8.682   11.553  1.00 59.78 ? 4   C   A C4    1 
ATOM   61  N N4    . C   A 1 3  ? 15.788  8.207   12.624  1.00 55.32 ? 4   C   A N4    1 
ATOM   62  C C5    . C   A 1 3  ? 16.281  10.056  11.185  1.00 63.06 ? 4   C   A C5    1 
ATOM   63  C C6    . C   A 1 3  ? 16.890  10.451  10.056  1.00 63.61 ? 4   C   A C6    1 
ATOM   64  P P     . G   A 1 4  ? 14.659  9.659   4.910   1.00 66.28 ? 5   G   A P     1 
ATOM   65  O OP1   . G   A 1 4  ? 14.381  9.955   3.488   1.00 65.44 ? 5   G   A OP1   1 
ATOM   66  O OP2   . G   A 1 4  ? 13.639  9.973   5.941   1.00 64.84 ? 5   G   A OP2   1 
ATOM   67  O "O5'" . G   A 1 4  ? 15.087  8.133   5.055   1.00 63.72 ? 5   G   A "O5'" 1 
ATOM   68  C "C5'" . G   A 1 4  ? 15.985  7.558   4.115   1.00 65.76 ? 5   G   A "C5'" 1 
ATOM   69  C "C4'" . G   A 1 4  ? 16.279  6.132   4.477   1.00 64.68 ? 5   G   A "C4'" 1 
ATOM   70  O "O4'" . G   A 1 4  ? 16.976  6.098   5.748   1.00 65.32 ? 5   G   A "O4'" 1 
ATOM   71  C "C3'" . G   A 1 4  ? 15.080  5.230   4.708   1.00 68.73 ? 5   G   A "C3'" 1 
ATOM   72  O "O3'" . G   A 1 4  ? 14.518  4.762   3.489   1.00 71.16 ? 5   G   A "O3'" 1 
ATOM   73  C "C2'" . G   A 1 4  ? 15.705  4.110   5.527   1.00 68.20 ? 5   G   A "C2'" 1 
ATOM   74  O "O2'" . G   A 1 4  ? 16.417  3.148   4.775   1.00 66.09 ? 5   G   A "O2'" 1 
ATOM   75  C "C1'" . G   A 1 4  ? 16.630  4.912   6.442   1.00 64.69 ? 5   G   A "C1'" 1 
ATOM   76  N N9    . G   A 1 4  ? 15.907  5.292   7.645   1.00 62.65 ? 5   G   A N9    1 
ATOM   77  C C8    . G   A 1 4  ? 15.393  6.528   7.960   1.00 63.80 ? 5   G   A C8    1 
ATOM   78  N N7    . G   A 1 4  ? 14.740  6.536   9.090   1.00 61.25 ? 5   G   A N7    1 
ATOM   79  C C5    . G   A 1 4  ? 14.841  5.228   9.549   1.00 61.45 ? 5   G   A C5    1 
ATOM   80  C C6    . G   A 1 4  ? 14.319  4.626   10.708  1.00 63.08 ? 5   G   A C6    1 
ATOM   81  O O6    . G   A 1 4  ? 13.659  5.146   11.608  1.00 62.82 ? 5   G   A O6    1 
ATOM   82  N N1    . G   A 1 4  ? 14.640  3.272   10.772  1.00 62.66 ? 5   G   A N1    1 
ATOM   83  C C2    . G   A 1 4  ? 15.381  2.590   9.843   1.00 57.53 ? 5   G   A C2    1 
ATOM   84  N N2    . G   A 1 4  ? 15.577  1.293   10.086  1.00 56.99 ? 5   G   A N2    1 
ATOM   85  N N3    . G   A 1 4  ? 15.885  3.145   8.761   1.00 57.89 ? 5   G   A N3    1 
ATOM   86  C C4    . G   A 1 4  ? 15.572  4.456   8.675   1.00 61.76 ? 5   G   A C4    1 
ATOM   87  P P     . U   A 1 5  ? 13.049  4.114   3.490   1.00 67.48 ? 6   U   A P     1 
ATOM   88  O OP1   . U   A 1 5  ? 12.738  3.789   2.081   1.00 70.91 ? 6   U   A OP1   1 
ATOM   89  O OP2   . U   A 1 5  ? 12.133  4.993   4.245   1.00 75.54 ? 6   U   A OP2   1 
ATOM   90  O "O5'" . U   A 1 5  ? 13.231  2.755   4.296   1.00 63.07 ? 6   U   A "O5'" 1 
ATOM   91  C "C5'" . U   A 1 5  ? 14.115  1.762   3.815   1.00 63.38 ? 6   U   A "C5'" 1 
ATOM   92  C "C4'" . U   A 1 5  ? 14.110  0.575   4.729   1.00 64.27 ? 6   U   A "C4'" 1 
ATOM   93  O "O4'" . U   A 1 5  ? 14.561  0.952   6.053   1.00 69.23 ? 6   U   A "O4'" 1 
ATOM   94  C "C3'" . U   A 1 5  ? 12.762  -0.040  5.023   1.00 63.86 ? 6   U   A "C3'" 1 
ATOM   95  O "O3'" . U   A 1 5  ? 12.309  -0.828  3.942   1.00 65.28 ? 6   U   A "O3'" 1 
ATOM   96  C "C2'" . U   A 1 5  ? 13.109  -0.904  6.222   1.00 66.54 ? 6   U   A "C2'" 1 
ATOM   97  O "O2'" . U   A 1 5  ? 13.843  -2.066  5.907   1.00 65.52 ? 6   U   A "O2'" 1 
ATOM   98  C "C1'" . U   A 1 5  ? 13.997  0.056   7.006   1.00 65.26 ? 6   U   A "C1'" 1 
ATOM   99  N N1    . U   A 1 5  ? 13.185  0.819   7.961   1.00 62.67 ? 6   U   A N1    1 
ATOM   100 C C2    . U   A 1 5  ? 12.658  0.126   9.032   1.00 64.61 ? 6   U   A C2    1 
ATOM   101 O O2    . U   A 1 5  ? 12.839  -1.075  9.196   1.00 64.08 ? 6   U   A O2    1 
ATOM   102 N N3    . U   A 1 5  ? 11.913  0.884   9.903   1.00 65.67 ? 6   U   A N3    1 
ATOM   103 C C4    . U   A 1 5  ? 11.652  2.239   9.811   1.00 68.62 ? 6   U   A C4    1 
ATOM   104 O O4    . U   A 1 5  ? 10.991  2.798   10.698  1.00 68.14 ? 6   U   A O4    1 
ATOM   105 C C5    . U   A 1 5  ? 12.227  2.878   8.665   1.00 66.36 ? 6   U   A C5    1 
ATOM   106 C C6    . U   A 1 5  ? 12.954  2.162   7.801   1.00 66.77 ? 6   U   A C6    1 
ATOM   107 P P     . C   A 1 6  ? 10.733  -0.921  3.624   1.00 72.16 ? 7   C   A P     1 
ATOM   108 O OP1   . C   A 1 6  ? 10.610  -1.911  2.528   1.00 74.22 ? 7   C   A OP1   1 
ATOM   109 O OP2   . C   A 1 6  ? 10.239  0.466   3.408   1.00 68.41 ? 7   C   A OP2   1 
ATOM   110 O "O5'" . C   A 1 6  ? 10.077  -1.538  4.949   1.00 62.56 ? 7   C   A "O5'" 1 
ATOM   111 C "C5'" . C   A 1 6  ? 10.412  -2.853  5.389   1.00 58.81 ? 7   C   A "C5'" 1 
ATOM   112 C "C4'" . C   A 1 6  ? 9.680   -3.199  6.671   1.00 64.25 ? 7   C   A "C4'" 1 
ATOM   113 O "O4'" . C   A 1 6  ? 10.184  -2.430  7.796   1.00 70.14 ? 7   C   A "O4'" 1 
ATOM   114 C "C3'" . C   A 1 6  ? 8.186   -2.953  6.728   1.00 65.82 ? 7   C   A "C3'" 1 
ATOM   115 O "O3'" . C   A 1 6  ? 7.442   -3.965  6.079   1.00 73.54 ? 7   C   A "O3'" 1 
ATOM   116 C "C2'" . C   A 1 6  ? 7.928   -3.000  8.227   1.00 66.04 ? 7   C   A "C2'" 1 
ATOM   117 O "O2'" . C   A 1 6  ? 7.885   -4.305  8.748   1.00 69.58 ? 7   C   A "O2'" 1 
ATOM   118 C "C1'" . C   A 1 6  ? 9.148   -2.257  8.758   1.00 63.48 ? 7   C   A "C1'" 1 
ATOM   119 N N1    . C   A 1 6  ? 8.855   -0.827  8.863   1.00 61.76 ? 7   C   A N1    1 
ATOM   120 C C2    . C   A 1 6  ? 8.066   -0.378  9.918   1.00 64.64 ? 7   C   A C2    1 
ATOM   121 O O2    . C   A 1 6  ? 7.640   -1.204  10.749  1.00 65.25 ? 7   C   A O2    1 
ATOM   122 N N3    . C   A 1 6  ? 7.784   0.937   10.010  1.00 59.79 ? 7   C   A N3    1 
ATOM   123 C C4    . C   A 1 6  ? 8.263   1.788   9.102   1.00 60.26 ? 7   C   A C4    1 
ATOM   124 N N4    . C   A 1 6  ? 7.969   3.091   9.232   1.00 63.15 ? 7   C   A N4    1 
ATOM   125 C C5    . C   A 1 6  ? 9.068   1.351   8.018   1.00 64.39 ? 7   C   A C5    1 
ATOM   126 C C6    . C   A 1 6  ? 9.339   0.049   7.939   1.00 63.79 ? 7   C   A C6    1 
ATOM   127 P P     . G   A 1 7  ? 5.900   -3.697  5.707   1.00 74.89 ? 8   G   A P     1 
ATOM   128 O OP1   . G   A 1 7  ? 5.364   -4.910  5.048   1.00 66.64 ? 8   G   A OP1   1 
ATOM   129 O OP2   . G   A 1 7  ? 5.869   -2.393  4.994   1.00 68.07 ? 8   G   A OP2   1 
ATOM   130 O "O5'" . G   A 1 7  ? 5.166   -3.546  7.113   1.00 70.00 ? 8   G   A "O5'" 1 
ATOM   131 C "C5'" . G   A 1 7  ? 5.020   -4.671  7.981   1.00 70.07 ? 8   G   A "C5'" 1 
ATOM   132 C "C4'" . G   A 1 7  ? 4.172   -4.308  9.183   1.00 70.16 ? 8   G   A "C4'" 1 
ATOM   133 O "O4'" . G   A 1 7  ? 4.858   -3.301  9.974   1.00 70.92 ? 8   G   A "O4'" 1 
ATOM   134 C "C3'" . G   A 1 7  ? 2.798   -3.716  8.885   1.00 69.46 ? 8   G   A "C3'" 1 
ATOM   135 O "O3'" . G   A 1 7  ? 1.828   -4.749  8.806   1.00 73.09 ? 8   G   A "O3'" 1 
ATOM   136 C "C2'" . G   A 1 7  ? 2.531   -2.861  10.117  1.00 63.80 ? 8   G   A "C2'" 1 
ATOM   137 O "O2'" . G   A 1 7  ? 2.020   -3.594  11.206  1.00 66.97 ? 8   G   A "O2'" 1 
ATOM   138 C "C1'" . G   A 1 7  ? 3.925   -2.336  10.426  1.00 62.76 ? 8   G   A "C1'" 1 
ATOM   139 N N9    . G   A 1 7  ? 4.179   -1.094  9.720   1.00 65.68 ? 8   G   A N9    1 
ATOM   140 C C8    . G   A 1 7  ? 4.942   -0.904  8.600   1.00 64.19 ? 8   G   A C8    1 
ATOM   141 N N7    . G   A 1 7  ? 4.984   0.343   8.218   1.00 61.46 ? 8   G   A N7    1 
ATOM   142 C C5    . G   A 1 7  ? 4.199   1.007   9.145   1.00 58.15 ? 8   G   A C5    1 
ATOM   143 C C6    . G   A 1 7  ? 3.887   2.364   9.260   1.00 57.54 ? 8   G   A C6    1 
ATOM   144 O O6    . G   A 1 7  ? 4.272   3.298   8.553   1.00 54.21 ? 8   G   A O6    1 
ATOM   145 N N1    . G   A 1 7  ? 3.039   2.603   10.342  1.00 59.94 ? 8   G   A N1    1 
ATOM   146 C C2    . G   A 1 7  ? 2.570   1.638   11.206  1.00 58.59 ? 8   G   A C2    1 
ATOM   147 N N2    . G   A 1 7  ? 1.751   2.038   12.191  1.00 60.79 ? 8   G   A N2    1 
ATOM   148 N N3    . G   A 1 7  ? 2.876   0.372   11.113  1.00 59.85 ? 8   G   A N3    1 
ATOM   149 C C4    . G   A 1 7  ? 3.686   0.127   10.068  1.00 61.75 ? 8   G   A C4    1 
ATOM   150 P P     . C   A 1 8  ? 0.549   -4.580  7.847   1.00 73.62 ? 9   C   A P     1 
ATOM   151 O OP1   . C   A 1 8  ? -0.260  -5.818  7.988   1.00 80.63 ? 9   C   A OP1   1 
ATOM   152 O OP2   . C   A 1 8  ? 1.023   -4.144  6.514   1.00 67.17 ? 9   C   A OP2   1 
ATOM   153 O "O5'" . C   A 1 8  ? -0.332  -3.442  8.516   1.00 66.54 ? 9   C   A "O5'" 1 
ATOM   154 C "C5'" . C   A 1 8  ? -1.230  -3.770  9.564   1.00 70.10 ? 9   C   A "C5'" 1 
ATOM   155 C "C4'" . C   A 1 8  ? -1.993  -2.549  9.976   1.00 67.34 ? 9   C   A "C4'" 1 
ATOM   156 O "O4'" . C   A 1 8  ? -1.019  -1.542  10.352  1.00 66.86 ? 9   C   A "O4'" 1 
ATOM   157 C "C3'" . C   A 1 8  ? -2.745  -1.888  8.839   1.00 72.09 ? 9   C   A "C3'" 1 
ATOM   158 O "O3'" . C   A 1 8  ? -3.987  -2.507  8.577   1.00 76.90 ? 9   C   A "O3'" 1 
ATOM   159 C "C2'" . C   A 1 8  ? -2.866  -0.456  9.329   1.00 70.77 ? 9   C   A "C2'" 1 
ATOM   160 O "O2'" . C   A 1 8  ? -3.910  -0.226  10.251  1.00 74.48 ? 9   C   A "O2'" 1 
ATOM   161 C "C1'" . C   A 1 8  ? -1.499  -0.262  9.986   1.00 67.04 ? 9   C   A "C1'" 1 
ATOM   162 N N1    . C   A 1 8  ? -0.556  0.344   9.043   1.00 61.20 ? 9   C   A N1    1 
ATOM   163 C C2    . C   A 1 8  ? -0.635  1.708   8.861   1.00 64.48 ? 9   C   A C2    1 
ATOM   164 O O2    . C   A 1 8  ? -1.440  2.343   9.544   1.00 70.45 ? 9   C   A O2    1 
ATOM   165 N N3    . C   A 1 8  ? 0.158   2.308   7.960   1.00 60.43 ? 9   C   A N3    1 
ATOM   166 C C4    . C   A 1 8  ? 1.026   1.589   7.259   1.00 61.17 ? 9   C   A C4    1 
ATOM   167 N N4    . C   A 1 8  ? 1.764   2.237   6.370   1.00 61.33 ? 9   C   A N4    1 
ATOM   168 C C5    . C   A 1 8  ? 1.162   0.180   7.442   1.00 61.21 ? 9   C   A C5    1 
ATOM   169 C C6    . C   A 1 8  ? 0.355   -0.401  8.343   1.00 61.65 ? 9   C   A C6    1 
ATOM   170 P P     . U   A 1 9  ? -4.548  -2.514  7.076   1.00 86.26 ? 10  U   A P     1 
ATOM   171 O OP1   . U   A 1 9  ? -5.835  -3.267  7.028   1.00 81.42 ? 10  U   A OP1   1 
ATOM   172 O OP2   . U   A 1 9  ? -3.440  -2.891  6.166   1.00 80.79 ? 10  U   A OP2   1 
ATOM   173 O "O5'" . U   A 1 9  ? -4.863  -0.986  6.805   1.00 74.08 ? 10  U   A "O5'" 1 
ATOM   174 C "C5'" . U   A 1 9  ? -5.984  -0.378  7.396   1.00 65.37 ? 10  U   A "C5'" 1 
ATOM   175 C "C4'" . U   A 1 9  ? -6.109  1.006   6.871   1.00 69.15 ? 10  U   A "C4'" 1 
ATOM   176 O "O4'" . U   A 1 9  ? -4.877  1.696   7.175   1.00 71.46 ? 10  U   A "O4'" 1 
ATOM   177 C "C3'" . U   A 1 9  ? -6.148  1.110   5.359   1.00 70.13 ? 10  U   A "C3'" 1 
ATOM   178 O "O3'" . U   A 1 9  ? -7.451  0.867   4.853   1.00 74.69 ? 10  U   A "O3'" 1 
ATOM   179 C "C2'" . U   A 1 9  ? -5.774  2.569   5.166   1.00 68.28 ? 10  U   A "C2'" 1 
ATOM   180 O "O2'" . U   A 1 9  ? -6.870  3.420   5.441   1.00 71.08 ? 10  U   A "O2'" 1 
ATOM   181 C "C1'" . U   A 1 9  ? -4.687  2.740   6.232   1.00 69.00 ? 10  U   A "C1'" 1 
ATOM   182 N N1    . U   A 1 9  ? -3.334  2.628   5.673   1.00 62.00 ? 10  U   A N1    1 
ATOM   183 C C2    . U   A 1 9  ? -2.746  3.776   5.211   1.00 61.57 ? 10  U   A C2    1 
ATOM   184 O O2    . U   A 1 9  ? -3.274  4.866   5.300   1.00 63.05 ? 10  U   A O2    1 
ATOM   185 N N3    . U   A 1 9  ? -1.513  3.610   4.646   1.00 57.22 ? 10  U   A N3    1 
ATOM   186 C C4    . U   A 1 9  ? -0.817  2.434   4.511   1.00 60.42 ? 10  U   A C4    1 
ATOM   187 O O4    . U   A 1 9  ? 0.277   2.437   3.935   1.00 63.96 ? 10  U   A O4    1 
ATOM   188 C C5    . U   A 1 9  ? -1.481  1.286   5.046   1.00 60.74 ? 10  U   A C5    1 
ATOM   189 C C6    . U   A 1 9  ? -2.686  1.423   5.596   1.00 65.92 ? 10  U   A C6    1 
ATOM   190 P P     . C   A 1 10 ? -7.649  0.547   3.291   1.00 78.49 ? 11  C   A P     1 
ATOM   191 O OP1   . C   A 1 10 ? -9.054  0.100   3.097   1.00 81.80 ? 11  C   A OP1   1 
ATOM   192 O OP2   . C   A 1 10 ? -6.536  -0.342  2.857   1.00 80.39 ? 11  C   A OP2   1 
ATOM   193 O "O5'" . C   A 1 10 ? -7.450  1.961   2.581   1.00 71.25 ? 11  C   A "O5'" 1 
ATOM   194 C "C5'" . C   A 1 10 ? -8.334  3.035   2.853   1.00 67.54 ? 11  C   A "C5'" 1 
ATOM   195 C "C4'" . C   A 1 10 ? -7.848  4.296   2.183   1.00 65.78 ? 11  C   A "C4'" 1 
ATOM   196 O "O4'" . C   A 1 10 ? -6.630  4.767   2.823   1.00 68.94 ? 11  C   A "O4'" 1 
ATOM   197 C "C3'" . C   A 1 10 ? -7.484  4.193   0.712   1.00 64.97 ? 11  C   A "C3'" 1 
ATOM   198 O "O3'" . C   A 1 10 ? -8.630  4.317   -0.109  1.00 57.20 ? 11  C   A "O3'" 1 
ATOM   199 C "C2'" . C   A 1 10 ? -6.546  5.384   0.550   1.00 66.60 ? 11  C   A "C2'" 1 
ATOM   200 O "O2'" . C   A 1 10 ? -7.225  6.628   0.510   1.00 61.57 ? 11  C   A "O2'" 1 
ATOM   201 C "C1'" . C   A 1 10 ? -5.733  5.272   1.840   1.00 64.52 ? 11  C   A "C1'" 1 
ATOM   202 N N1    . C   A 1 10 ? -4.594  4.339   1.729   1.00 61.89 ? 11  C   A N1    1 
ATOM   203 C C2    . C   A 1 10 ? -3.356  4.824   1.273   1.00 59.81 ? 11  C   A C2    1 
ATOM   204 O O2    . C   A 1 10 ? -3.248  6.028   0.998   1.00 65.02 ? 11  C   A O2    1 
ATOM   205 N N3    . C   A 1 10 ? -2.311  3.969   1.156   1.00 52.63 ? 11  C   A N3    1 
ATOM   206 C C4    . C   A 1 10 ? -2.459  2.685   1.493   1.00 57.84 ? 11  C   A C4    1 
ATOM   207 N N4    . C   A 1 10 ? -1.396  1.879   1.386   1.00 57.59 ? 11  C   A N4    1 
ATOM   208 C C5    . C   A 1 10 ? -3.706  2.165   1.962   1.00 63.44 ? 11  C   A C5    1 
ATOM   209 C C6    . C   A 1 10 ? -4.736  3.018   2.062   1.00 62.98 ? 11  C   A C6    1 
ATOM   210 P P     . C   A 1 11 ? -8.655  3.598   -1.543  1.00 68.88 ? 12  C   A P     1 
ATOM   211 O OP1   . C   A 1 11 ? -10.036 3.702   -2.049  1.00 80.71 ? 12  C   A OP1   1 
ATOM   212 O OP2   . C   A 1 11 ? -8.025  2.258   -1.409  1.00 63.67 ? 12  C   A OP2   1 
ATOM   213 O "O5'" . C   A 1 11 ? -7.738  4.536   -2.444  1.00 70.68 ? 12  C   A "O5'" 1 
ATOM   214 C "C5'" . C   A 1 11 ? -8.078  5.903   -2.659  1.00 68.23 ? 12  C   A "C5'" 1 
ATOM   215 C "C4'" . C   A 1 11 ? -7.036  6.571   -3.536  1.00 65.44 ? 12  C   A "C4'" 1 
ATOM   216 O "O4'" . C   A 1 11 ? -5.805  6.743   -2.787  1.00 64.32 ? 12  C   A "O4'" 1 
ATOM   217 C "C3'" . C   A 1 11 ? -6.591  5.793   -4.767  1.00 69.36 ? 12  C   A "C3'" 1 
ATOM   218 O "O3'" . C   A 1 11 ? -7.520  5.835   -5.847  1.00 69.00 ? 12  C   A "O3'" 1 
ATOM   219 C "C2'" . C   A 1 11 ? -5.237  6.427   -5.071  1.00 64.58 ? 12  C   A "C2'" 1 
ATOM   220 O "O2'" . C   A 1 11 ? -5.253  7.655   -5.768  1.00 66.66 ? 12  C   A "O2'" 1 
ATOM   221 C "C1'" . C   A 1 11 ? -4.691  6.626   -3.662  1.00 62.35 ? 12  C   A "C1'" 1 
ATOM   222 N N1    . C   A 1 11 ? -3.867  5.476   -3.248  1.00 61.41 ? 12  C   A N1    1 
ATOM   223 C C2    . C   A 1 11 ? -2.538  5.471   -3.630  1.00 57.53 ? 12  C   A C2    1 
ATOM   224 O O2    . C   A 1 11 ? -2.122  6.407   -4.307  1.00 58.56 ? 12  C   A O2    1 
ATOM   225 N N3    . C   A 1 11 ? -1.739  4.451   -3.259  1.00 57.93 ? 12  C   A N3    1 
ATOM   226 C C4    . C   A 1 11 ? -2.229  3.450   -2.531  1.00 56.93 ? 12  C   A C4    1 
ATOM   227 N N4    . C   A 1 11 ? -1.385  2.477   -2.172  1.00 50.25 ? 12  C   A N4    1 
ATOM   228 C C5    . C   A 1 11 ? -3.605  3.409   -2.136  1.00 56.21 ? 12  C   A C5    1 
ATOM   229 C C6    . C   A 1 11 ? -4.381  4.440   -2.512  1.00 59.22 ? 12  C   A C6    1 
ATOM   230 P P     . G   A 1 12 ? -7.598  4.593   -6.879  1.00 68.63 ? 13  G   A P     1 
ATOM   231 O OP1   . G   A 1 12 ? -8.736  4.873   -7.785  1.00 76.77 ? 13  G   A OP1   1 
ATOM   232 O OP2   . G   A 1 12 ? -7.540  3.305   -6.148  1.00 65.53 ? 13  G   A OP2   1 
ATOM   233 O "O5'" . G   A 1 12 ? -6.263  4.706   -7.730  1.00 63.98 ? 13  G   A "O5'" 1 
ATOM   234 C "C5'" . G   A 1 12 ? -5.990  5.871   -8.485  1.00 63.34 ? 13  G   A "C5'" 1 
ATOM   235 C "C4'" . G   A 1 12 ? -4.561  5.852   -8.956  1.00 67.65 ? 13  G   A "C4'" 1 
ATOM   236 O "O4'" . G   A 1 12 ? -3.650  5.954   -7.826  1.00 65.39 ? 13  G   A "O4'" 1 
ATOM   237 C "C3'" . G   A 1 12 ? -4.107  4.570   -9.627  1.00 64.21 ? 13  G   A "C3'" 1 
ATOM   238 O "O3'" . G   A 1 12 ? -4.484  4.560   -10.982 1.00 67.62 ? 13  G   A "O3'" 1 
ATOM   239 C "C2'" . G   A 1 12 ? -2.611  4.739   -9.562  1.00 64.94 ? 13  G   A "C2'" 1 
ATOM   240 O "O2'" . G   A 1 12 ? -2.203  5.705   -10.509 1.00 66.93 ? 13  G   A "O2'" 1 
ATOM   241 C "C1'" . G   A 1 12 ? -2.461  5.245   -8.128  1.00 62.63 ? 13  G   A "C1'" 1 
ATOM   242 N N9    . G   A 1 12 ? -2.337  4.109   -7.225  1.00 61.30 ? 13  G   A N9    1 
ATOM   243 C C8    . G   A 1 12 ? -3.275  3.565   -6.378  1.00 60.35 ? 13  G   A C8    1 
ATOM   244 N N7    . G   A 1 12 ? -2.832  2.515   -5.735  1.00 50.39 ? 13  G   A N7    1 
ATOM   245 C C5    . G   A 1 12 ? -1.530  2.372   -6.188  1.00 52.33 ? 13  G   A C5    1 
ATOM   246 C C6    . G   A 1 12 ? -0.561  1.415   -5.877  1.00 53.96 ? 13  G   A C6    1 
ATOM   247 O O6    . G   A 1 12 ? -0.664  0.460   -5.137  1.00 54.52 ? 13  G   A O6    1 
ATOM   248 N N1    . G   A 1 12 ? 0.633   1.646   -6.553  1.00 50.62 ? 13  G   A N1    1 
ATOM   249 C C2    . G   A 1 12 ? 0.842   2.668   -7.435  1.00 54.92 ? 13  G   A C2    1 
ATOM   250 N N2    . G   A 1 12 ? 2.050   2.757   -8.000  1.00 56.81 ? 13  G   A N2    1 
ATOM   251 N N3    . G   A 1 12 ? -0.068  3.557   -7.749  1.00 57.13 ? 13  G   A N3    1 
ATOM   252 C C4    . G   A 1 12 ? -1.216  3.354   -7.093  1.00 57.18 ? 13  G   A C4    1 
ATOM   253 P P     . G   A 1 13 ? -4.588  3.167   -11.748 1.00 70.88 ? 14  G   A P     1 
ATOM   254 O OP1   . G   A 1 13 ? -5.332  3.477   -12.990 1.00 66.87 ? 14  G   A OP1   1 
ATOM   255 O OP2   . G   A 1 13 ? -5.099  2.131   -10.811 1.00 69.22 ? 14  G   A OP2   1 
ATOM   256 O "O5'" . G   A 1 13 ? -3.082  2.796   -12.091 1.00 62.76 ? 14  G   A "O5'" 1 
ATOM   257 C "C5'" . G   A 1 13 ? -2.370  3.505   -13.093 1.00 63.45 ? 14  G   A "C5'" 1 
ATOM   258 C "C4'" . G   A 1 13 ? -0.969  2.964   -13.206 1.00 65.99 ? 14  G   A "C4'" 1 
ATOM   259 O "O4'" . G   A 1 13 ? -0.370  2.993   -11.884 1.00 64.77 ? 14  G   A "O4'" 1 
ATOM   260 C "C3'" . G   A 1 13 ? -0.821  1.499   -13.594 1.00 64.61 ? 14  G   A "C3'" 1 
ATOM   261 O "O3'" . G   A 1 13 ? -0.935  1.294   -14.995 1.00 67.65 ? 14  G   A "O3'" 1 
ATOM   262 C "C2'" . G   A 1 13 ? 0.591   1.221   -13.113 1.00 65.78 ? 14  G   A "C2'" 1 
ATOM   263 O "O2'" . G   A 1 13 ? 1.554   1.870   -13.918 1.00 75.87 ? 14  G   A "O2'" 1 
ATOM   264 C "C1'" . G   A 1 13 ? 0.559   1.925   -11.762 1.00 61.84 ? 14  G   A "C1'" 1 
ATOM   265 N N9    . G   A 1 13 ? 0.101   1.042   -10.704 1.00 56.53 ? 14  G   A N9    1 
ATOM   266 C C8    . G   A 1 13 ? -1.144  1.005   -10.128 1.00 57.65 ? 14  G   A C8    1 
ATOM   267 N N7    . G   A 1 13 ? -1.247  0.093   -9.199  1.00 51.28 ? 14  G   A N7    1 
ATOM   268 C C5    . G   A 1 13 ? 0.003   -0.505  -9.169  1.00 48.50 ? 14  G   A C5    1 
ATOM   269 C C6    . G   A 1 13 ? 0.482   -1.552  -8.383  1.00 54.64 ? 14  G   A C6    1 
ATOM   270 O O6    . G   A 1 13 ? -0.118  -2.197  -7.518  1.00 56.21 ? 14  G   A O6    1 
ATOM   271 N N1    . G   A 1 13 ? 1.806   -1.847  -8.671  1.00 51.57 ? 14  G   A N1    1 
ATOM   272 C C2    . G   A 1 13 ? 2.565   -1.214  -9.604  1.00 53.58 ? 14  G   A C2    1 
ATOM   273 N N2    . G   A 1 13 ? 3.832   -1.643  -9.723  1.00 56.79 ? 14  G   A N2    1 
ATOM   274 N N3    . G   A 1 13 ? 2.124   -0.233  -10.362 1.00 52.24 ? 14  G   A N3    1 
ATOM   275 C C4    . G   A 1 13 ? 0.844   0.070   -10.090 1.00 52.17 ? 14  G   A C4    1 
ATOM   276 P P     . A   A 1 14 ? -1.522  -0.060  -15.512 1.00 75.78 ? 15  A   A P     1 
ATOM   277 O OP1   . A   A 1 14 ? -1.779  0.081   -16.939 1.00 73.87 ? 15  A   A OP1   1 
ATOM   278 O OP2   . A   A 1 14 ? -2.601  -0.456  -14.616 1.00 66.89 ? 15  A   A OP2   1 
ATOM   279 O "O5'" . A   A 1 14 ? -0.346  -1.084  -15.248 1.00 70.14 ? 15  A   A "O5'" 1 
ATOM   280 C "C5'" . A   A 1 14 ? 0.849   -1.031  -16.021 1.00 67.30 ? 15  A   A "C5'" 1 
ATOM   281 C "C4'" . A   A 1 14 ? 1.797   -2.107  -15.573 1.00 63.43 ? 15  A   A "C4'" 1 
ATOM   282 O "O4'" . A   A 1 14 ? 2.093   -1.899  -14.179 1.00 59.80 ? 15  A   A "O4'" 1 
ATOM   283 C "C3'" . A   A 1 14 ? 1.259   -3.529  -15.658 1.00 65.89 ? 15  A   A "C3'" 1 
ATOM   284 O "O3'" . A   A 1 14 ? 1.385   -4.144  -16.946 1.00 68.24 ? 15  A   A "O3'" 1 
ATOM   285 C "C2'" . A   A 1 14 ? 2.064   -4.232  -14.582 1.00 60.07 ? 15  A   A "C2'" 1 
ATOM   286 O "O2'" . A   A 1 14 ? 3.321   -4.636  -15.038 1.00 66.96 ? 15  A   A "O2'" 1 
ATOM   287 C "C1'" . A   A 1 14 ? 2.208   -3.138  -13.528 1.00 61.99 ? 15  A   A "C1'" 1 
ATOM   288 N N9    . A   A 1 14 ? 1.168   -3.211  -12.514 1.00 57.87 ? 15  A   A N9    1 
ATOM   289 C C8    . A   A 1 14 ? -0.004  -2.505  -12.462 1.00 59.89 ? 15  A   A C8    1 
ATOM   290 N N7    . A   A 1 14 ? -0.768  -2.821  -11.449 1.00 57.30 ? 15  A   A N7    1 
ATOM   291 C C5    . A   A 1 14 ? -0.048  -3.800  -10.784 1.00 51.88 ? 15  A   A C5    1 
ATOM   292 C C6    . A   A 1 14 ? -0.303  -4.535  -9.613  1.00 54.18 ? 15  A   A C6    1 
ATOM   293 N N6    . A   A 1 14 ? -1.409  -4.397  -8.884  1.00 53.72 ? 15  A   A N6    1 
ATOM   294 N N1    . A   A 1 14 ? 0.622   -5.437  -9.218  1.00 56.59 ? 15  A   A N1    1 
ATOM   295 C C2    . A   A 1 14 ? 1.727   -5.582  -9.957  1.00 57.35 ? 15  A   A C2    1 
ATOM   296 N N3    . A   A 1 14 ? 2.082   -4.946  -11.073 1.00 54.89 ? 15  A   A N3    1 
ATOM   297 C C4    . A   A 1 14 ? 1.143   -4.056  -11.434 1.00 50.66 ? 15  A   A C4    1 
ATOM   298 P P     . G   A 1 18 ? -8.611  -17.014 -14.277 1.00 76.26 ? 19  G   A P     1 
ATOM   299 O OP1   . G   A 1 18 ? -9.784  -17.305 -15.209 1.00 79.25 ? 19  G   A OP1   1 
ATOM   300 O OP2   . G   A 1 18 ? -7.497  -18.058 -14.304 1.00 70.62 ? 19  G   A OP2   1 
ATOM   301 O "O5'" . G   A 1 18 ? -9.277  -17.085 -12.787 1.00 83.89 ? 19  G   A "O5'" 1 
ATOM   302 C "C5'" . G   A 1 18 ? -9.352  -18.320 -12.057 1.00 68.73 ? 19  G   A "C5'" 1 
ATOM   303 C "C4'" . G   A 1 18 ? -9.251  -18.049 -10.569 1.00 72.04 ? 19  G   A "C4'" 1 
ATOM   304 O "O4'" . G   A 1 18 ? -8.107  -17.193 -10.275 1.00 74.32 ? 19  G   A "O4'" 1 
ATOM   305 C "C3'" . G   A 1 18 ? -10.409 -17.284 -9.954  1.00 69.11 ? 19  G   A "C3'" 1 
ATOM   306 O "O3'" . G   A 1 18 ? -11.517 -18.131 -9.737  1.00 78.82 ? 19  G   A "O3'" 1 
ATOM   307 C "C2'" . G   A 1 18 ? -9.792  -16.779 -8.653  1.00 71.90 ? 19  G   A "C2'" 1 
ATOM   308 O "O2'" . G   A 1 18 ? -9.732  -17.714 -7.591  1.00 70.28 ? 19  G   A "O2'" 1 
ATOM   309 C "C1'" . G   A 1 18 ? -8.395  -16.382 -9.132  1.00 70.37 ? 19  G   A "C1'" 1 
ATOM   310 N N9    . G   A 1 18 ? -8.360  -14.983 -9.545  1.00 62.62 ? 19  G   A N9    1 
ATOM   311 C C8    . G   A 1 18 ? -7.847  -14.492 -10.719 1.00 68.13 ? 19  G   A C8    1 
ATOM   312 N N7    . G   A 1 18 ? -8.003  -13.201 -10.847 1.00 74.51 ? 19  G   A N7    1 
ATOM   313 C C5    . G   A 1 18 ? -8.647  -12.810 -9.679  1.00 64.80 ? 19  G   A C5    1 
ATOM   314 C C6    . G   A 1 18 ? -9.091  -11.525 -9.266  1.00 59.95 ? 19  G   A C6    1 
ATOM   315 O O6    . G   A 1 18 ? -9.003  -10.448 -9.871  1.00 61.49 ? 19  G   A O6    1 
ATOM   316 N N1    . G   A 1 18 ? -9.697  -11.573 -8.019  1.00 57.55 ? 19  G   A N1    1 
ATOM   317 C C2    . G   A 1 18 ? -9.861  -12.707 -7.266  1.00 62.11 ? 19  G   A C2    1 
ATOM   318 N N2    . G   A 1 18 ? -10.471 -12.539 -6.080  1.00 59.59 ? 19  G   A N2    1 
ATOM   319 N N3    . G   A 1 18 ? -9.457  -13.918 -7.644  1.00 61.23 ? 19  G   A N3    1 
ATOM   320 C C4    . G   A 1 18 ? -8.863  -13.893 -8.855  1.00 61.61 ? 19  G   A C4    1 
ATOM   321 P P     . U   A 1 19 ? -12.965 -17.705 -10.296 1.00 80.31 ? 20  U   A P     1 
ATOM   322 O OP1   . U   A 1 19 ? -13.663 -18.990 -10.590 1.00 76.50 ? 20  U   A OP1   1 
ATOM   323 O OP2   . U   A 1 19 ? -12.816 -16.700 -11.385 1.00 69.34 ? 20  U   A OP2   1 
ATOM   324 O "O5'" . U   A 1 19 ? -13.647 -16.982 -9.036  1.00 78.79 ? 20  U   A "O5'" 1 
ATOM   325 C "C5'" . U   A 1 19 ? -13.427 -17.431 -7.684  1.00 65.07 ? 20  U   A "C5'" 1 
ATOM   326 C "C4'" . U   A 1 19 ? -13.910 -16.375 -6.693  1.00 64.35 ? 20  U   A "C4'" 1 
ATOM   327 O "O4'" . U   A 1 19 ? -12.931 -15.314 -6.556  1.00 65.83 ? 20  U   A "O4'" 1 
ATOM   328 C "C3'" . U   A 1 19 ? -15.191 -15.640 -7.065  1.00 66.22 ? 20  U   A "C3'" 1 
ATOM   329 O "O3'" . U   A 1 19 ? -16.360 -16.340 -6.728  1.00 68.62 ? 20  U   A "O3'" 1 
ATOM   330 C "C2'" . U   A 1 19 ? -15.056 -14.319 -6.333  1.00 60.67 ? 20  U   A "C2'" 1 
ATOM   331 O "O2'" . U   A 1 19 ? -15.322 -14.395 -4.953  1.00 65.97 ? 20  U   A "O2'" 1 
ATOM   332 C "C1'" . U   A 1 19 ? -13.578 -14.048 -6.555  1.00 58.42 ? 20  U   A "C1'" 1 
ATOM   333 N N1    . U   A 1 19 ? -13.326 -13.436 -7.849  1.00 56.04 ? 20  U   A N1    1 
ATOM   334 C C2    . U   A 1 19 ? -13.535 -12.078 -7.980  1.00 52.82 ? 20  U   A C2    1 
ATOM   335 O O2    . U   A 1 19 ? -14.048 -11.403 -7.106  1.00 57.18 ? 20  U   A O2    1 
ATOM   336 N N3    . U   A 1 19 ? -13.116 -11.531 -9.176  1.00 55.34 ? 20  U   A N3    1 
ATOM   337 C C4    . U   A 1 19 ? -12.528 -12.200 -10.226 1.00 55.43 ? 20  U   A C4    1 
ATOM   338 O O4    . U   A 1 19 ? -12.196 -11.599 -11.254 1.00 55.53 ? 20  U   A O4    1 
ATOM   339 C C5    . U   A 1 19 ? -12.356 -13.615 -10.001 1.00 55.19 ? 20  U   A C5    1 
ATOM   340 C C6    . U   A 1 19 ? -12.745 -14.184 -8.843  1.00 57.55 ? 20  U   A C6    1 
ATOM   341 P P     . C   A 1 20 ? -17.496 -16.486 -7.833  1.00 71.57 ? 21  C   A P     1 
ATOM   342 O OP1   . C   A 1 20 ? -18.450 -17.506 -7.327  1.00 80.09 ? 21  C   A OP1   1 
ATOM   343 O OP2   . C   A 1 20 ? -16.840 -16.670 -9.157  1.00 69.85 ? 21  C   A OP2   1 
ATOM   344 O "O5'" . C   A 1 20 ? -18.176 -15.050 -7.817  1.00 67.09 ? 21  C   A "O5'" 1 
ATOM   345 C "C5'" . C   A 1 20 ? -18.669 -14.527 -6.598  1.00 61.35 ? 21  C   A "C5'" 1 
ATOM   346 C "C4'" . C   A 1 20 ? -18.971 -13.076 -6.757  1.00 57.37 ? 21  C   A "C4'" 1 
ATOM   347 O "O4'" . C   A 1 20 ? -17.741 -12.317 -6.878  1.00 60.20 ? 21  C   A "O4'" 1 
ATOM   348 C "C3'" . C   A 1 20 ? -19.742 -12.730 -8.010  1.00 55.89 ? 21  C   A "C3'" 1 
ATOM   349 O "O3'" . C   A 1 20 ? -21.113 -12.851 -7.710  1.00 56.22 ? 21  C   A "O3'" 1 
ATOM   350 C "C2'" . C   A 1 20 ? -19.430 -11.258 -8.117  1.00 57.72 ? 21  C   A "C2'" 1 
ATOM   351 O "O2'" . C   A 1 20 ? -20.211 -10.668 -7.116  1.00 59.71 ? 21  C   A "O2'" 1 
ATOM   352 C "C1'" . C   A 1 20 ? -17.937 -11.242 -7.779  1.00 52.98 ? 21  C   A "C1'" 1 
ATOM   353 N N1    . C   A 1 20 ? -17.110 -11.521 -8.952  1.00 52.50 ? 21  C   A N1    1 
ATOM   354 C C2    . C   A 1 20 ? -16.689 -10.465 -9.772  1.00 50.76 ? 21  C   A C2    1 
ATOM   355 O O2    . C   A 1 20 ? -17.028 -9.310  -9.487  1.00 52.52 ? 21  C   A O2    1 
ATOM   356 N N3    . C   A 1 20 ? -15.933 -10.737 -10.860 1.00 47.40 ? 21  C   A N3    1 
ATOM   357 C C4    . C   A 1 20 ? -15.621 -12.000 -11.149 1.00 47.38 ? 21  C   A C4    1 
ATOM   358 N N4    . C   A 1 20 ? -14.896 -12.231 -12.232 1.00 50.98 ? 21  C   A N4    1 
ATOM   359 C C5    . C   A 1 20 ? -16.040 -13.089 -10.334 1.00 54.85 ? 21  C   A C5    1 
ATOM   360 C C6    . C   A 1 20 ? -16.765 -12.807 -9.251  1.00 56.50 ? 21  C   A C6    1 
ATOM   361 P P     . G   A 1 21 ? -22.204 -12.625 -8.857  1.00 57.35 ? 22  G   A P     1 
ATOM   362 O OP1   . G   A 1 21 ? -23.527 -12.833 -8.216  1.00 62.72 ? 22  G   A OP1   1 
ATOM   363 O OP2   . G   A 1 21 ? -21.824 -13.448 -10.020 1.00 58.15 ? 22  G   A OP2   1 
ATOM   364 O "O5'" . G   A 1 21 ? -22.110 -11.080 -9.222  1.00 47.46 ? 22  G   A "O5'" 1 
ATOM   365 C "C5'" . G   A 1 21 ? -22.733 -10.109 -8.407  1.00 52.20 ? 22  G   A "C5'" 1 
ATOM   366 C "C4'" . G   A 1 21 ? -22.679 -8.756  -9.072  1.00 54.66 ? 22  G   A "C4'" 1 
ATOM   367 O "O4'" . G   A 1 21 ? -21.284 -8.402  -9.260  1.00 55.28 ? 22  G   A "O4'" 1 
ATOM   368 C "C3'" . G   A 1 21 ? -23.262 -8.677  -10.471 1.00 51.27 ? 22  G   A "C3'" 1 
ATOM   369 O "O3'" . G   A 1 21 ? -24.665 -8.484  -10.500 1.00 54.40 ? 22  G   A "O3'" 1 
ATOM   370 C "C2'" . G   A 1 21 ? -22.531 -7.486  -11.062 1.00 55.95 ? 22  G   A "C2'" 1 
ATOM   371 O "O2'" . G   A 1 21 ? -23.098 -6.234  -10.744 1.00 58.14 ? 22  G   A "O2'" 1 
ATOM   372 C "C1'" . G   A 1 21 ? -21.138 -7.655  -10.458 1.00 53.83 ? 22  G   A "C1'" 1 
ATOM   373 N N9    . G   A 1 21 ? -20.254 -8.373  -11.370 1.00 53.40 ? 22  G   A N9    1 
ATOM   374 C C8    . G   A 1 21 ? -19.879 -9.695  -11.331 1.00 51.59 ? 22  G   A C8    1 
ATOM   375 N N7    . G   A 1 21 ? -19.103 -10.037 -12.333 1.00 49.51 ? 22  G   A N7    1 
ATOM   376 C C5    . G   A 1 21 ? -18.948 -8.866  -13.065 1.00 50.43 ? 22  G   A C5    1 
ATOM   377 C C6    . G   A 1 21 ? -18.204 -8.607  -14.245 1.00 50.64 ? 22  G   A C6    1 
ATOM   378 O O6    . G   A 1 21 ? -17.483 -9.389  -14.898 1.00 50.08 ? 22  G   A O6    1 
ATOM   379 N N1    . G   A 1 21 ? -18.344 -7.281  -14.656 1.00 54.30 ? 22  G   A N1    1 
ATOM   380 C C2    . G   A 1 21 ? -19.085 -6.325  -14.006 1.00 52.46 ? 22  G   A C2    1 
ATOM   381 N N2    . G   A 1 21 ? -19.114 -5.094  -14.559 1.00 51.16 ? 22  G   A N2    1 
ATOM   382 N N3    . G   A 1 21 ? -19.756 -6.552  -12.894 1.00 50.53 ? 22  G   A N3    1 
ATOM   383 C C4    . G   A 1 21 ? -19.648 -7.831  -12.486 1.00 52.27 ? 22  G   A C4    1 
ATOM   384 P P     . C   A 1 22 ? -25.520 -9.132  -11.700 1.00 55.89 ? 23  C   A P     1 
ATOM   385 O OP1   . C   A 1 22 ? -26.949 -9.203  -11.331 1.00 58.48 ? 23  C   A OP1   1 
ATOM   386 O OP2   . C   A 1 22 ? -24.820 -10.367 -12.113 1.00 58.49 ? 23  C   A OP2   1 
ATOM   387 O "O5'" . C   A 1 22 ? -25.344 -8.104  -12.898 1.00 50.99 ? 23  C   A "O5'" 1 
ATOM   388 C "C5'" . C   A 1 22 ? -25.361 -6.697  -12.668 1.00 54.96 ? 23  C   A "C5'" 1 
ATOM   389 C "C4'" . C   A 1 22 ? -24.752 -5.976  -13.846 1.00 57.25 ? 23  C   A "C4'" 1 
ATOM   390 O "O4'" . C   A 1 22 ? -23.377 -6.405  -13.985 1.00 54.76 ? 23  C   A "O4'" 1 
ATOM   391 C "C3'" . C   A 1 22 ? -25.360 -6.328  -15.198 1.00 61.38 ? 23  C   A "C3'" 1 
ATOM   392 O "O3'" . C   A 1 22 ? -26.608 -5.701  -15.520 1.00 68.84 ? 23  C   A "O3'" 1 
ATOM   393 C "C2'" . C   A 1 22 ? -24.238 -6.015  -16.183 1.00 54.92 ? 23  C   A "C2'" 1 
ATOM   394 O "O2'" . C   A 1 22 ? -24.306 -4.666  -16.620 1.00 64.82 ? 23  C   A "O2'" 1 
ATOM   395 C "C1'" . C   A 1 22 ? -22.983 -6.236  -15.328 1.00 52.10 ? 23  C   A "C1'" 1 
ATOM   396 N N1    . C   A 1 22 ? -22.154 -7.380  -15.726 1.00 53.21 ? 23  C   A N1    1 
ATOM   397 C C2    . C   A 1 22 ? -21.224 -7.177  -16.725 1.00 52.23 ? 23  C   A C2    1 
ATOM   398 O O2    . C   A 1 22 ? -21.130 -6.046  -17.211 1.00 52.21 ? 23  C   A O2    1 
ATOM   399 N N3    . C   A 1 22 ? -20.441 -8.207  -17.135 1.00 54.17 ? 23  C   A N3    1 
ATOM   400 C C4    . C   A 1 22 ? -20.560 -9.402  -16.563 1.00 44.94 ? 23  C   A C4    1 
ATOM   401 N N4    . C   A 1 22 ? -19.762 -10.382 -17.005 1.00 44.34 ? 23  C   A N4    1 
ATOM   402 C C5    . C   A 1 22 ? -21.499 -9.642  -15.519 1.00 41.30 ? 23  C   A C5    1 
ATOM   403 C C6    . C   A 1 22 ? -22.276 -8.612  -15.138 1.00 50.04 ? 23  C   A C6    1 
ATOM   404 P P     . U   B 1 1  ? -8.719  -13.256 -28.019 1.00 73.91 ? 25  U   B P     1 
ATOM   405 O OP1   . U   B 1 1  ? -8.657  -14.780 -28.060 1.00 76.51 ? 25  U   B OP1   1 
ATOM   406 O OP2   . U   B 1 1  ? -9.904  -12.708 -28.808 1.00 75.07 ? 25  U   B OP2   1 
ATOM   407 O "O5'" . U   B 1 1  ? -8.963  -12.800 -26.476 1.00 77.02 ? 25  U   B "O5'" 1 
ATOM   408 C "C5'" . U   B 1 1  ? -9.133  -11.410 -26.155 1.00 73.58 ? 25  U   B "C5'" 1 
ATOM   409 C "C4'" . U   B 1 1  ? -9.492  -11.253 -24.700 1.00 76.94 ? 25  U   B "C4'" 1 
ATOM   410 O "O4'" . U   B 1 1  ? -8.333  -11.585 -23.890 1.00 82.72 ? 25  U   B "O4'" 1 
ATOM   411 C "C3'" . U   B 1 1  ? -9.867  -9.842  -24.262 1.00 75.98 ? 25  U   B "C3'" 1 
ATOM   412 O "O3'" . U   B 1 1  ? -10.523 -9.954  -23.012 1.00 76.56 ? 25  U   B "O3'" 1 
ATOM   413 C "C2'" . U   B 1 1  ? -8.498  -9.228  -24.009 1.00 74.95 ? 25  U   B "C2'" 1 
ATOM   414 O "O2'" . U   B 1 1  ? -8.526  -8.112  -23.139 1.00 84.82 ? 25  U   B "O2'" 1 
ATOM   415 C "C1'" . U   B 1 1  ? -7.799  -10.399 -23.321 1.00 74.60 ? 25  U   B "C1'" 1 
ATOM   416 N N1    . U   B 1 1  ? -6.351  -10.410 -23.523 1.00 74.22 ? 25  U   B N1    1 
ATOM   417 C C2    . U   B 1 1  ? -5.568  -9.989  -22.474 1.00 83.24 ? 25  U   B C2    1 
ATOM   418 O O2    . U   B 1 1  ? -6.045  -9.553  -21.437 1.00 84.47 ? 25  U   B O2    1 
ATOM   419 N N3    . U   B 1 1  ? -4.214  -10.086 -22.685 1.00 78.87 ? 25  U   B N3    1 
ATOM   420 C C4    . U   B 1 1  ? -3.589  -10.524 -23.836 1.00 72.75 ? 25  U   B C4    1 
ATOM   421 O O4    . U   B 1 1  ? -2.362  -10.529 -23.892 1.00 65.56 ? 25  U   B O4    1 
ATOM   422 C C5    . U   B 1 1  ? -4.483  -10.909 -24.894 1.00 72.92 ? 25  U   B C5    1 
ATOM   423 C C6    . U   B 1 1  ? -5.798  -10.840 -24.705 1.00 73.05 ? 25  U   B C6    1 
ATOM   424 P P     . G   B 1 2  ? -12.114 -9.989  -22.947 1.00 77.18 ? 26  G   B P     1 
ATOM   425 O OP1   . G   B 1 2  ? -12.440 -10.640 -21.665 1.00 83.15 ? 26  G   B OP1   1 
ATOM   426 O OP2   . G   B 1 2  ? -12.642 -10.557 -24.207 1.00 78.43 ? 26  G   B OP2   1 
ATOM   427 O "O5'" . G   B 1 2  ? -12.519 -8.453  -22.914 1.00 75.07 ? 26  G   B "O5'" 1 
ATOM   428 C "C5'" . G   B 1 2  ? -12.239 -7.626  -24.032 1.00 73.10 ? 26  G   B "C5'" 1 
ATOM   429 C "C4'" . G   B 1 2  ? -13.281 -6.549  -24.156 1.00 73.85 ? 26  G   B "C4'" 1 
ATOM   430 O "O4'" . G   B 1 2  ? -14.579 -7.122  -24.466 1.00 74.97 ? 26  G   B "O4'" 1 
ATOM   431 C "C3'" . G   B 1 2  ? -13.503 -5.766  -22.884 1.00 72.13 ? 26  G   B "C3'" 1 
ATOM   432 O "O3'" . G   B 1 2  ? -12.595 -4.696  -22.824 1.00 74.10 ? 26  G   B "O3'" 1 
ATOM   433 C "C2'" . G   B 1 2  ? -14.929 -5.290  -23.053 1.00 69.40 ? 26  G   B "C2'" 1 
ATOM   434 O "O2'" . G   B 1 2  ? -15.016 -4.225  -23.975 1.00 72.06 ? 26  G   B "O2'" 1 
ATOM   435 C "C1'" . G   B 1 2  ? -15.562 -6.556  -23.619 1.00 70.02 ? 26  G   B "C1'" 1 
ATOM   436 N N9    . G   B 1 2  ? -15.903 -7.564  -22.615 1.00 69.00 ? 26  G   B N9    1 
ATOM   437 C C8    . G   B 1 2  ? -15.423 -8.851  -22.565 1.00 69.63 ? 26  G   B C8    1 
ATOM   438 N N7    . G   B 1 2  ? -15.961 -9.563  -21.611 1.00 67.92 ? 26  G   B N7    1 
ATOM   439 C C5    . G   B 1 2  ? -16.835 -8.694  -20.976 1.00 64.83 ? 26  G   B C5    1 
ATOM   440 C C6    . G   B 1 2  ? -17.714 -8.918  -19.883 1.00 59.31 ? 26  G   B C6    1 
ATOM   441 O O6    . G   B 1 2  ? -17.895 -9.951  -19.254 1.00 55.58 ? 26  G   B O6    1 
ATOM   442 N N1    . G   B 1 2  ? -18.432 -7.774  -19.552 1.00 57.61 ? 26  G   B N1    1 
ATOM   443 C C2    . G   B 1 2  ? -18.322 -6.562  -20.196 1.00 64.30 ? 26  G   B C2    1 
ATOM   444 N N2    . G   B 1 2  ? -19.109 -5.583  -19.733 1.00 61.48 ? 26  G   B N2    1 
ATOM   445 N N3    . G   B 1 2  ? -17.499 -6.334  -21.225 1.00 66.46 ? 26  G   B N3    1 
ATOM   446 C C4    . G   B 1 2  ? -16.795 -7.444  -21.561 1.00 65.97 ? 26  G   B C4    1 
ATOM   447 P P     . C   B 1 3  ? -11.949 -4.323  -21.420 1.00 73.16 ? 27  C   B P     1 
ATOM   448 O OP1   . C   B 1 3  ? -10.810 -3.380  -21.625 1.00 80.69 ? 27  C   B OP1   1 
ATOM   449 O OP2   . C   B 1 3  ? -11.710 -5.628  -20.770 1.00 61.68 ? 27  C   B OP2   1 
ATOM   450 O "O5'" . C   B 1 3  ? -13.145 -3.542  -20.714 1.00 68.10 ? 27  C   B "O5'" 1 
ATOM   451 C "C5'" . C   B 1 3  ? -13.826 -2.492  -21.400 1.00 66.11 ? 27  C   B "C5'" 1 
ATOM   452 C "C4'" . C   B 1 3  ? -14.770 -1.779  -20.461 1.00 65.33 ? 27  C   B "C4'" 1 
ATOM   453 O "O4'" . C   B 1 3  ? -16.063 -2.439  -20.379 1.00 68.11 ? 27  C   B "O4'" 1 
ATOM   454 C "C3'" . C   B 1 3  ? -14.269 -1.724  -19.041 1.00 67.08 ? 27  C   B "C3'" 1 
ATOM   455 O "O3'" . C   B 1 3  ? -13.453 -0.605  -18.867 1.00 72.44 ? 27  C   B "O3'" 1 
ATOM   456 C "C2'" . C   B 1 3  ? -15.549 -1.626  -18.228 1.00 66.72 ? 27  C   B "C2'" 1 
ATOM   457 O "O2'" . C   B 1 3  ? -16.069 -0.314  -18.155 1.00 69.38 ? 27  C   B "O2'" 1 
ATOM   458 C "C1'" . C   B 1 3  ? -16.459 -2.558  -19.023 1.00 63.11 ? 27  C   B "C1'" 1 
ATOM   459 N N1    . C   B 1 3  ? -16.274 -3.958  -18.617 1.00 61.48 ? 27  C   B N1    1 
ATOM   460 C C2    . C   B 1 3  ? -17.078 -4.473  -17.603 1.00 61.16 ? 27  C   B C2    1 
ATOM   461 O O2    . C   B 1 3  ? -17.971 -3.741  -17.121 1.00 61.29 ? 27  C   B O2    1 
ATOM   462 N N3    . C   B 1 3  ? -16.873 -5.751  -17.184 1.00 54.52 ? 27  C   B N3    1 
ATOM   463 C C4    . C   B 1 3  ? -15.928 -6.497  -17.766 1.00 54.03 ? 27  C   B C4    1 
ATOM   464 N N4    . C   B 1 3  ? -15.751 -7.740  -17.342 1.00 52.15 ? 27  C   B N4    1 
ATOM   465 C C5    . C   B 1 3  ? -15.122 -6.000  -18.813 1.00 54.57 ? 27  C   B C5    1 
ATOM   466 C C6    . C   B 1 3  ? -15.323 -4.739  -19.203 1.00 60.52 ? 27  C   B C6    1 
ATOM   467 P P     . G   B 1 4  ? -12.431 -0.614  -17.670 1.00 66.65 ? 28  G   B P     1 
ATOM   468 O OP1   . G   B 1 4  ? -12.657 0.659   -16.939 1.00 65.66 ? 28  G   B OP1   1 
ATOM   469 O OP2   . G   B 1 4  ? -11.104 -0.927  -18.239 1.00 68.18 ? 28  G   B OP2   1 
ATOM   470 O "O5'" . G   B 1 4  ? -12.941 -1.868  -16.824 1.00 70.86 ? 28  G   B "O5'" 1 
ATOM   471 C "C5'" . G   B 1 4  ? -12.755 -1.957  -15.406 1.00 66.56 ? 28  G   B "C5'" 1 
ATOM   472 C "C4'" . G   B 1 4  ? -14.099 -2.101  -14.709 1.00 64.97 ? 28  G   B "C4'" 1 
ATOM   473 O "O4'" . G   B 1 4  ? -14.910 -3.132  -15.346 1.00 62.22 ? 28  G   B "O4'" 1 
ATOM   474 C "C3'" . G   B 1 4  ? -14.086 -2.494  -13.236 1.00 59.57 ? 28  G   B "C3'" 1 
ATOM   475 O "O3'" . G   B 1 4  ? -13.901 -1.351  -12.412 1.00 53.88 ? 28  G   B "O3'" 1 
ATOM   476 C "C2'" . G   B 1 4  ? -15.507 -3.013  -13.070 1.00 59.80 ? 28  G   B "C2'" 1 
ATOM   477 O "O2'" . G   B 1 4  ? -16.445 -1.954  -13.018 1.00 59.10 ? 28  G   B "O2'" 1 
ATOM   478 C "C1'" . G   B 1 4  ? -15.674 -3.812  -14.363 1.00 56.73 ? 28  G   B "C1'" 1 
ATOM   479 N N9    . G   B 1 4  ? -15.163 -5.175  -14.263 1.00 52.64 ? 28  G   B N9    1 
ATOM   480 C C8    . G   B 1 4  ? -14.207 -5.751  -15.063 1.00 51.52 ? 28  G   B C8    1 
ATOM   481 N N7    . G   B 1 4  ? -13.948 -6.996  -14.746 1.00 48.68 ? 28  G   B N7    1 
ATOM   482 C C5    . G   B 1 4  ? -14.772 -7.257  -13.656 1.00 51.14 ? 28  G   B C5    1 
ATOM   483 C C6    . G   B 1 4  ? -14.923 -8.435  -12.870 1.00 51.10 ? 28  G   B C6    1 
ATOM   484 O O6    . G   B 1 4  ? -14.318 -9.511  -12.959 1.00 50.01 ? 28  G   B O6    1 
ATOM   485 N N1    . G   B 1 4  ? -15.888 -8.270  -11.887 1.00 49.15 ? 28  G   B N1    1 
ATOM   486 C C2    . G   B 1 4  ? -16.598 -7.124  -11.659 1.00 52.43 ? 28  G   B C2    1 
ATOM   487 N N2    . G   B 1 4  ? -17.458 -7.180  -10.637 1.00 51.41 ? 28  G   B N2    1 
ATOM   488 N N3    . G   B 1 4  ? -16.470 -6.014  -12.365 1.00 52.05 ? 28  G   B N3    1 
ATOM   489 C C4    . G   B 1 4  ? -15.543 -6.148  -13.347 1.00 55.18 ? 28  G   B C4    1 
ATOM   490 P P     . U   B 1 5  ? -12.858 -1.397  -11.186 1.00 58.22 ? 29  U   B P     1 
ATOM   491 O OP1   . U   B 1 5  ? -12.854 -0.033  -10.622 1.00 65.37 ? 29  U   B OP1   1 
ATOM   492 O OP2   . U   B 1 5  ? -11.586 -1.981  -11.674 1.00 54.31 ? 29  U   B OP2   1 
ATOM   493 O "O5'" . U   B 1 5  ? -13.509 -2.378  -10.100 1.00 54.36 ? 29  U   B "O5'" 1 
ATOM   494 C "C5'" . U   B 1 5  ? -14.679 -1.996  -9.384  1.00 50.95 ? 29  U   B "C5'" 1 
ATOM   495 C "C4'" . U   B 1 5  ? -15.087 -3.070  -8.394  1.00 55.55 ? 29  U   B "C4'" 1 
ATOM   496 O "O4'" . U   B 1 5  ? -15.465 -4.294  -9.058  1.00 53.60 ? 29  U   B "O4'" 1 
ATOM   497 C "C3'" . U   B 1 5  ? -14.050 -3.547  -7.398  1.00 59.07 ? 29  U   B "C3'" 1 
ATOM   498 O "O3'" . U   B 1 5  ? -13.919 -2.618  -6.344  1.00 63.43 ? 29  U   B "O3'" 1 
ATOM   499 C "C2'" . U   B 1 5  ? -14.686 -4.824  -6.878  1.00 58.92 ? 29  U   B "C2'" 1 
ATOM   500 O "O2'" . U   B 1 5  ? -15.690 -4.561  -5.921  1.00 63.66 ? 29  U   B "O2'" 1 
ATOM   501 C "C1'" . U   B 1 5  ? -15.343 -5.367  -8.144  1.00 51.51 ? 29  U   B "C1'" 1 
ATOM   502 N N1    . U   B 1 5  ? -14.554 -6.427  -8.773  1.00 51.02 ? 29  U   B N1    1 
ATOM   503 C C2    . U   B 1 5  ? -14.654 -7.703  -8.242  1.00 54.72 ? 29  U   B C2    1 
ATOM   504 O O2    . U   B 1 5  ? -15.369 -7.976  -7.268  1.00 54.22 ? 29  U   B O2    1 
ATOM   505 N N3    . U   B 1 5  ? -13.903 -8.645  -8.894  1.00 52.38 ? 29  U   B N3    1 
ATOM   506 C C4    . U   B 1 5  ? -13.091 -8.440  -9.993  1.00 55.46 ? 29  U   B C4    1 
ATOM   507 O O4    . U   B 1 5  ? -12.494 -9.387  -10.486 1.00 56.13 ? 29  U   B O4    1 
ATOM   508 C C5    . U   B 1 5  ? -13.045 -7.100  -10.464 1.00 48.13 ? 29  U   B C5    1 
ATOM   509 C C6    . U   B 1 5  ? -13.757 -6.163  -9.851  1.00 51.06 ? 29  U   B C6    1 
ATOM   510 P P     . C   B 1 6  ? -12.470 -2.295  -5.772  1.00 61.42 ? 30  C   B P     1 
ATOM   511 O OP1   . C   B 1 6  ? -12.629 -1.087  -4.918  1.00 63.16 ? 30  C   B OP1   1 
ATOM   512 O OP2   . C   B 1 6  ? -11.489 -2.286  -6.901  1.00 48.56 ? 30  C   B OP2   1 
ATOM   513 O "O5'" . C   B 1 6  ? -12.139 -3.560  -4.867  1.00 60.99 ? 30  C   B "O5'" 1 
ATOM   514 C "C5'" . C   B 1 6  ? -12.922 -3.871  -3.735  1.00 56.96 ? 30  C   B "C5'" 1 
ATOM   515 C "C4'" . C   B 1 6  ? -12.773 -5.329  -3.401  1.00 64.34 ? 30  C   B "C4'" 1 
ATOM   516 O "O4'" . C   B 1 6  ? -13.111 -6.104  -4.578  1.00 63.20 ? 30  C   B "O4'" 1 
ATOM   517 C "C3'" . C   B 1 6  ? -11.367 -5.815  -3.096  1.00 71.67 ? 30  C   B "C3'" 1 
ATOM   518 O "O3'" . C   B 1 6  ? -11.016 -5.558  -1.746  1.00 74.17 ? 30  C   B "O3'" 1 
ATOM   519 C "C2'" . C   B 1 6  ? -11.520 -7.309  -3.301  1.00 64.57 ? 30  C   B "C2'" 1 
ATOM   520 O "O2'" . C   B 1 6  ? -12.143 -7.880  -2.174  1.00 60.45 ? 30  C   B "O2'" 1 
ATOM   521 C "C1'" . C   B 1 6  ? -12.451 -7.351  -4.516  1.00 56.75 ? 30  C   B "C1'" 1 
ATOM   522 N N1    . C   B 1 6  ? -11.748 -7.543  -5.790  1.00 57.62 ? 30  C   B N1    1 
ATOM   523 C C2    . C   B 1 6  ? -11.298 -8.819  -6.116  1.00 57.86 ? 30  C   B C2    1 
ATOM   524 O O2    . C   B 1 6  ? -11.483 -9.731  -5.312  1.00 60.98 ? 30  C   B O2    1 
ATOM   525 N N3    . C   B 1 6  ? -10.673 -9.027  -7.291  1.00 52.62 ? 30  C   B N3    1 
ATOM   526 C C4    . C   B 1 6  ? -10.485 -8.013  -8.128  1.00 52.48 ? 30  C   B C4    1 
ATOM   527 N N4    . C   B 1 6  ? -9.885  -8.274  -9.282  1.00 48.40 ? 30  C   B N4    1 
ATOM   528 C C5    . C   B 1 6  ? -10.914 -6.685  -7.817  1.00 55.11 ? 30  C   B C5    1 
ATOM   529 C C6    . C   B 1 6  ? -11.540 -6.497  -6.647  1.00 54.41 ? 30  C   B C6    1 
ATOM   530 P P     . G   B 1 7  ? -9.492  -5.239  -1.389  1.00 81.00 ? 31  G   B P     1 
ATOM   531 O OP1   . G   B 1 7  ? -9.432  -4.860  0.053   1.00 89.79 ? 31  G   B OP1   1 
ATOM   532 O OP2   . G   B 1 7  ? -8.920  -4.329  -2.415  1.00 72.75 ? 31  G   B OP2   1 
ATOM   533 O "O5'" . G   B 1 7  ? -8.791  -6.641  -1.582  1.00 66.79 ? 31  G   B "O5'" 1 
ATOM   534 C "C5'" . G   B 1 7  ? -9.153  -7.718  -0.759  1.00 68.24 ? 31  G   B "C5'" 1 
ATOM   535 C "C4'" . G   B 1 7  ? -8.533  -8.966  -1.291  1.00 73.01 ? 31  G   B "C4'" 1 
ATOM   536 O "O4'" . G   B 1 7  ? -9.102  -9.325  -2.573  1.00 70.82 ? 31  G   B "O4'" 1 
ATOM   537 C "C3'" . G   B 1 7  ? -7.070  -8.843  -1.638  1.00 71.04 ? 31  G   B "C3'" 1 
ATOM   538 O "O3'" . G   B 1 7  ? -6.303  -8.799  -0.442  1.00 73.54 ? 31  G   B "O3'" 1 
ATOM   539 C "C2'" . G   B 1 7  ? -6.881  -10.122 -2.437  1.00 68.15 ? 31  G   B "C2'" 1 
ATOM   540 O "O2'" . G   B 1 7  ? -6.832  -11.266 -1.608  1.00 64.15 ? 31  G   B "O2'" 1 
ATOM   541 C "C1'" . G   B 1 7  ? -8.170  -10.131 -3.271  1.00 64.11 ? 31  G   B "C1'" 1 
ATOM   542 N N9    . G   B 1 7  ? -7.948  -9.534  -4.577  1.00 62.67 ? 31  G   B N9    1 
ATOM   543 C C8    . G   B 1 7  ? -8.240  -8.254  -4.969  1.00 60.61 ? 31  G   B C8    1 
ATOM   544 N N7    . G   B 1 7  ? -7.849  -7.992  -6.190  1.00 55.81 ? 31  G   B N7    1 
ATOM   545 C C5    . G   B 1 7  ? -7.281  -9.174  -6.631  1.00 51.77 ? 31  G   B C5    1 
ATOM   546 C C6    . G   B 1 7  ? -6.693  -9.489  -7.859  1.00 51.26 ? 31  G   B C6    1 
ATOM   547 O O6    . G   B 1 7  ? -6.546  -8.755  -8.855  1.00 45.89 ? 31  G   B O6    1 
ATOM   548 N N1    . G   B 1 7  ? -6.252  -10.811 -7.888  1.00 59.63 ? 31  G   B N1    1 
ATOM   549 C C2    . G   B 1 7  ? -6.378  -11.714 -6.854  1.00 58.60 ? 31  G   B C2    1 
ATOM   550 N N2    . G   B 1 7  ? -5.898  -12.948 -7.055  1.00 60.73 ? 31  G   B N2    1 
ATOM   551 N N3    . G   B 1 7  ? -6.932  -11.426 -5.701  1.00 60.02 ? 31  G   B N3    1 
ATOM   552 C C4    . G   B 1 7  ? -7.355  -10.145 -5.656  1.00 62.46 ? 31  G   B C4    1 
ATOM   553 P P     . C   B 1 8  ? -4.742  -8.445  -0.512  1.00 72.80 ? 32  C   B P     1 
ATOM   554 O OP1   . C   B 1 8  ? -4.211  -8.583  0.860   1.00 75.04 ? 32  C   B OP1   1 
ATOM   555 O OP2   . C   B 1 8  ? -4.538  -7.175  -1.253  1.00 79.02 ? 32  C   B OP2   1 
ATOM   556 O "O5'" . C   B 1 8  ? -4.159  -9.618  -1.405  1.00 66.11 ? 32  C   B "O5'" 1 
ATOM   557 C "C5'" . C   B 1 8  ? -4.036  -10.924 -0.893  1.00 63.19 ? 32  C   B "C5'" 1 
ATOM   558 C "C4'" . C   B 1 8  ? -3.228  -11.747 -1.844  1.00 64.58 ? 32  C   B "C4'" 1 
ATOM   559 O "O4'" . C   B 1 8  ? -3.950  -11.820 -3.105  1.00 69.61 ? 32  C   B "O4'" 1 
ATOM   560 C "C3'" . C   B 1 8  ? -1.893  -11.129 -2.216  1.00 71.21 ? 32  C   B "C3'" 1 
ATOM   561 O "O3'" . C   B 1 8  ? -0.896  -11.489 -1.259  1.00 74.25 ? 32  C   B "O3'" 1 
ATOM   562 C "C2'" . C   B 1 8  ? -1.643  -11.766 -3.571  1.00 69.89 ? 32  C   B "C2'" 1 
ATOM   563 O "O2'" . C   B 1 8  ? -1.286  -13.120 -3.383  1.00 77.46 ? 32  C   B "O2'" 1 
ATOM   564 C "C1'" . C   B 1 8  ? -3.044  -11.696 -4.190  1.00 64.60 ? 32  C   B "C1'" 1 
ATOM   565 N N1    . C   B 1 8  ? -3.351  -10.436 -4.892  1.00 61.65 ? 32  C   B N1    1 
ATOM   566 C C2    . C   B 1 8  ? -2.797  -10.206 -6.153  1.00 63.65 ? 32  C   B C2    1 
ATOM   567 O O2    . C   B 1 8  ? -2.116  -11.100 -6.671  1.00 70.83 ? 32  C   B O2    1 
ATOM   568 N N3    . C   B 1 8  ? -3.030  -9.018  -6.778  1.00 55.80 ? 32  C   B N3    1 
ATOM   569 C C4    . C   B 1 8  ? -3.805  -8.100  -6.192  1.00 56.45 ? 32  C   B C4    1 
ATOM   570 N N4    . C   B 1 8  ? -4.009  -6.934  -6.824  1.00 51.79 ? 32  C   B N4    1 
ATOM   571 C C5    . C   B 1 8  ? -4.409  -8.330  -4.924  1.00 63.16 ? 32  C   B C5    1 
ATOM   572 C C6    . C   B 1 8  ? -4.157  -9.497  -4.315  1.00 65.07 ? 32  C   B C6    1 
ATOM   573 P P     . U   B 1 9  ? 0.093   -10.360 -0.671  1.00 67.76 ? 33  U   B P     1 
ATOM   574 O OP1   . U   B 1 9  ? 0.792   -10.944 0.502   1.00 68.57 ? 33  U   B OP1   1 
ATOM   575 O OP2   . U   B 1 9  ? -0.656  -9.086  -0.506  1.00 68.04 ? 33  U   B OP2   1 
ATOM   576 O "O5'" . U   B 1 9  ? 1.155   -10.180 -1.837  1.00 67.34 ? 33  U   B "O5'" 1 
ATOM   577 C "C5'" . U   B 1 9  ? 2.046   -11.237 -2.170  1.00 72.69 ? 33  U   B "C5'" 1 
ATOM   578 C "C4'" . U   B 1 9  ? 2.797   -10.913 -3.441  1.00 70.79 ? 33  U   B "C4'" 1 
ATOM   579 O "O4'" . U   B 1 9  ? 1.832   -10.782 -4.512  1.00 72.83 ? 33  U   B "O4'" 1 
ATOM   580 C "C3'" . U   B 1 9  ? 3.572   -9.597  -3.484  1.00 74.01 ? 33  U   B "C3'" 1 
ATOM   581 O "O3'" . U   B 1 9  ? 4.878   -9.713  -2.901  1.00 83.34 ? 33  U   B "O3'" 1 
ATOM   582 C "C2'" . U   B 1 9  ? 3.668   -9.332  -4.986  1.00 74.96 ? 33  U   B "C2'" 1 
ATOM   583 O "O2'" . U   B 1 9  ? 4.769   -9.930  -5.642  1.00 82.88 ? 33  U   B "O2'" 1 
ATOM   584 C "C1'" . U   B 1 9  ? 2.358   -9.928  -5.506  1.00 63.59 ? 33  U   B "C1'" 1 
ATOM   585 N N1    . U   B 1 9  ? 1.382   -8.879  -5.800  1.00 57.85 ? 33  U   B N1    1 
ATOM   586 C C2    . U   B 1 9  ? 1.597   -8.171  -6.938  1.00 60.96 ? 33  U   B C2    1 
ATOM   587 O O2    . U   B 1 9  ? 2.524   -8.411  -7.676  1.00 68.09 ? 33  U   B O2    1 
ATOM   588 N N3    . U   B 1 9  ? 0.694   -7.174  -7.190  1.00 54.99 ? 33  U   B N3    1 
ATOM   589 C C4    . U   B 1 9  ? -0.385  -6.839  -6.427  1.00 56.55 ? 33  U   B C4    1 
ATOM   590 O O4    . U   B 1 9  ? -1.130  -5.948  -6.813  1.00 59.93 ? 33  U   B O4    1 
ATOM   591 C C5    . U   B 1 9  ? -0.553  -7.631  -5.245  1.00 56.85 ? 33  U   B C5    1 
ATOM   592 C C6    . U   B 1 9  ? 0.319   -8.605  -4.980  1.00 62.02 ? 33  U   B C6    1 
ATOM   593 P P     . C   B 1 10 ? 5.661   -8.393  -2.390  1.00 85.62 ? 34  C   B P     1 
ATOM   594 O OP1   . C   B 1 10 ? 6.992   -8.813  -1.882  1.00 86.56 ? 34  C   B OP1   1 
ATOM   595 O OP2   . C   B 1 10 ? 4.739   -7.649  -1.488  1.00 85.06 ? 34  C   B OP2   1 
ATOM   596 O "O5'" . C   B 1 10 ? 5.900   -7.521  -3.707  1.00 74.59 ? 34  C   B "O5'" 1 
ATOM   597 C "C5'" . C   B 1 10 ? 7.079   -7.698  -4.482  1.00 72.40 ? 34  C   B "C5'" 1 
ATOM   598 C "C4'" . C   B 1 10 ? 7.134   -6.706  -5.625  1.00 70.74 ? 34  C   B "C4'" 1 
ATOM   599 O "O4'" . C   B 1 10 ? 5.985   -6.857  -6.497  1.00 74.77 ? 34  C   B "O4'" 1 
ATOM   600 C "C3'" . C   B 1 10 ? 7.105   -5.223  -5.312  1.00 69.29 ? 34  C   B "C3'" 1 
ATOM   601 O "O3'" . C   B 1 10 ? 8.344   -4.758  -4.787  1.00 80.81 ? 34  C   B "O3'" 1 
ATOM   602 C "C2'" . C   B 1 10 ? 6.813   -4.648  -6.692  1.00 67.73 ? 34  C   B "C2'" 1 
ATOM   603 O "O2'" . C   B 1 10 ? 7.912   -4.677  -7.571  1.00 70.88 ? 34  C   B "O2'" 1 
ATOM   604 C "C1'" . C   B 1 10 ? 5.767   -5.637  -7.200  1.00 69.65 ? 34  C   B "C1'" 1 
ATOM   605 N N1    . C   B 1 10 ? 4.420   -5.163  -6.889  1.00 63.77 ? 34  C   B N1    1 
ATOM   606 C C2    . C   B 1 10 ? 3.896   -4.087  -7.616  1.00 58.99 ? 34  C   B C2    1 
ATOM   607 O O2    . C   B 1 10 ? 4.563   -3.601  -8.530  1.00 54.51 ? 34  C   B O2    1 
ATOM   608 N N3    . C   B 1 10 ? 2.672   -3.612  -7.300  1.00 57.54 ? 34  C   B N3    1 
ATOM   609 C C4    . C   B 1 10 ? 1.974   -4.177  -6.309  1.00 62.93 ? 34  C   B C4    1 
ATOM   610 N N4    . C   B 1 10 ? 0.775   -3.668  -6.017  1.00 57.60 ? 34  C   B N4    1 
ATOM   611 C C5    . C   B 1 10 ? 2.477   -5.290  -5.569  1.00 63.21 ? 34  C   B C5    1 
ATOM   612 C C6    . C   B 1 10 ? 3.693   -5.746  -5.891  1.00 63.63 ? 34  C   B C6    1 
ATOM   613 P P     . C   B 1 11 ? 8.425   -3.301  -4.103  1.00 80.21 ? 35  C   B P     1 
ATOM   614 O OP1   . C   B 1 11 ? 9.855   -3.029  -3.843  1.00 85.30 ? 35  C   B OP1   1 
ATOM   615 O OP2   . C   B 1 11 ? 7.449   -3.222  -2.984  1.00 68.15 ? 35  C   B OP2   1 
ATOM   616 O "O5'" . C   B 1 11 ? 8.012   -2.305  -5.271  1.00 66.14 ? 35  C   B "O5'" 1 
ATOM   617 C "C5'" . C   B 1 11 ? 8.942   -2.007  -6.298  1.00 69.20 ? 35  C   B "C5'" 1 
ATOM   618 C "C4'" . C   B 1 11 ? 8.419   -0.898  -7.161  1.00 66.91 ? 35  C   B "C4'" 1 
ATOM   619 O "O4'" . C   B 1 11 ? 7.150   -1.310  -7.721  1.00 68.80 ? 35  C   B "O4'" 1 
ATOM   620 C "C3'" . C   B 1 11 ? 8.084   0.361   -6.402  1.00 69.29 ? 35  C   B "C3'" 1 
ATOM   621 O "O3'" . C   B 1 11 ? 9.239   1.122   -6.152  1.00 70.63 ? 35  C   B "O3'" 1 
ATOM   622 C "C2'" . C   B 1 11 ? 7.036   1.022   -7.290  1.00 67.35 ? 35  C   B "C2'" 1 
ATOM   623 O "O2'" . C   B 1 11 ? 7.468   1.841   -8.373  1.00 70.06 ? 35  C   B "O2'" 1 
ATOM   624 C "C1'" . C   B 1 11 ? 6.263   -0.207  -7.761  1.00 64.59 ? 35  C   B "C1'" 1 
ATOM   625 N N1    . C   B 1 11 ? 5.141   -0.506  -6.872  1.00 62.36 ? 35  C   B N1    1 
ATOM   626 C C2    . C   B 1 11 ? 3.966   0.194   -7.052  1.00 57.36 ? 35  C   B C2    1 
ATOM   627 O O2    . C   B 1 11 ? 3.917   1.006   -7.964  1.00 54.85 ? 35  C   B O2    1 
ATOM   628 N N3    . C   B 1 11 ? 2.924   -0.036  -6.240  1.00 53.33 ? 35  C   B N3    1 
ATOM   629 C C4    . C   B 1 11 ? 3.031   -0.947  -5.272  1.00 59.88 ? 35  C   B C4    1 
ATOM   630 N N4    . C   B 1 11 ? 1.981   -1.147  -4.477  1.00 62.85 ? 35  C   B N4    1 
ATOM   631 C C5    . C   B 1 11 ? 4.223   -1.696  -5.071  1.00 60.79 ? 35  C   B C5    1 
ATOM   632 C C6    . C   B 1 11 ? 5.248   -1.444  -5.886  1.00 61.30 ? 35  C   B C6    1 
ATOM   633 P P     . G   B 1 12 ? 9.273   2.060   -4.867  1.00 64.16 ? 36  G   B P     1 
ATOM   634 O OP1   . G   B 1 12 ? 10.663  2.551   -4.755  1.00 73.51 ? 36  G   B OP1   1 
ATOM   635 O OP2   . G   B 1 12 ? 8.653   1.333   -3.743  1.00 58.60 ? 36  G   B OP2   1 
ATOM   636 O "O5'" . G   B 1 12 ? 8.351   3.277   -5.297  1.00 62.88 ? 36  G   B "O5'" 1 
ATOM   637 C "C5'" . G   B 1 12 ? 8.730   4.076   -6.395  1.00 62.13 ? 36  G   B "C5'" 1 
ATOM   638 C "C4'" . G   B 1 12 ? 7.628   5.022   -6.745  1.00 64.06 ? 36  G   B "C4'" 1 
ATOM   639 O "O4'" . G   B 1 12 ? 6.465   4.278   -7.187  1.00 62.16 ? 36  G   B "O4'" 1 
ATOM   640 C "C3'" . G   B 1 12 ? 7.063   5.847   -5.611  1.00 61.96 ? 36  G   B "C3'" 1 
ATOM   641 O "O3'" . G   B 1 12 ? 7.911   6.928   -5.263  1.00 67.61 ? 36  G   B "O3'" 1 
ATOM   642 C "C2'" . G   B 1 12 ? 5.776   6.316   -6.253  1.00 55.56 ? 36  G   B "C2'" 1 
ATOM   643 O "O2'" . G   B 1 12 ? 6.034   7.183   -7.331  1.00 60.19 ? 36  G   B "O2'" 1 
ATOM   644 C "C1'" . G   B 1 12 ? 5.291   5.002   -6.843  1.00 54.71 ? 36  G   B "C1'" 1 
ATOM   645 N N9    . G   B 1 12 ? 4.537   4.213   -5.880  1.00 54.40 ? 36  G   B N9    1 
ATOM   646 C C8    . G   B 1 12 ? 4.961   3.093   -5.214  1.00 55.80 ? 36  G   B C8    1 
ATOM   647 N N7    . G   B 1 12 ? 4.043   2.582   -4.440  1.00 53.92 ? 36  G   B N7    1 
ATOM   648 C C5    . G   B 1 12 ? 2.951   3.423   -4.600  1.00 50.22 ? 36  G   B C5    1 
ATOM   649 C C6    . G   B 1 12 ? 1.657   3.368   -4.019  1.00 51.84 ? 36  G   B C6    1 
ATOM   650 O O6    . G   B 1 12 ? 1.204   2.530   -3.230  1.00 48.35 ? 36  G   B O6    1 
ATOM   651 N N1    . G   B 1 12 ? 0.859   4.421   -4.445  1.00 51.17 ? 36  G   B N1    1 
ATOM   652 C C2    . G   B 1 12 ? 1.254   5.406   -5.316  1.00 53.52 ? 36  G   B C2    1 
ATOM   653 N N2    . G   B 1 12 ? 0.343   6.361   -5.578  1.00 57.72 ? 36  G   B N2    1 
ATOM   654 N N3    . G   B 1 12 ? 2.454   5.460   -5.880  1.00 49.99 ? 36  G   B N3    1 
ATOM   655 C C4    . G   B 1 12 ? 3.244   4.442   -5.476  1.00 47.45 ? 36  G   B C4    1 
ATOM   656 P P     . G   B 1 13 ? 8.025   7.377   -3.723  1.00 72.78 ? 37  G   B P     1 
ATOM   657 O OP1   . G   B 1 13 ? 9.008   8.498   -3.676  1.00 66.24 ? 37  G   B OP1   1 
ATOM   658 O OP2   . G   B 1 13 ? 8.256   6.155   -2.893  1.00 68.45 ? 37  G   B OP2   1 
ATOM   659 O "O5'" . G   B 1 13 ? 6.579   7.960   -3.404  1.00 59.26 ? 37  G   B "O5'" 1 
ATOM   660 C "C5'" . G   B 1 13 ? 6.148   9.166   -4.011  1.00 60.78 ? 37  G   B "C5'" 1 
ATOM   661 C "C4'" . G   B 1 13 ? 4.702   9.430   -3.684  1.00 63.94 ? 37  G   B "C4'" 1 
ATOM   662 O "O4'" . G   B 1 13 ? 3.954   8.230   -3.978  1.00 62.31 ? 37  G   B "O4'" 1 
ATOM   663 C "C3'" . G   B 1 13 ? 4.336   9.673   -2.232  1.00 61.18 ? 37  G   B "C3'" 1 
ATOM   664 O "O3'" . G   B 1 13 ? 4.571   11.022  -1.874  1.00 67.87 ? 37  G   B "O3'" 1 
ATOM   665 C "C2'" . G   B 1 13 ? 2.840   9.421   -2.264  1.00 55.49 ? 37  G   B "C2'" 1 
ATOM   666 O "O2'" . G   B 1 13 ? 2.177   10.499  -2.882  1.00 60.18 ? 37  G   B "O2'" 1 
ATOM   667 C "C1'" . G   B 1 13 ? 2.769   8.230   -3.213  1.00 57.61 ? 37  G   B "C1'" 1 
ATOM   668 N N9    . G   B 1 13 ? 2.677   6.960   -2.517  1.00 51.87 ? 37  G   B N9    1 
ATOM   669 C C8    . G   B 1 13 ? 3.620   5.967   -2.430  1.00 53.13 ? 37  G   B C8    1 
ATOM   670 N N7    . G   B 1 13 ? 3.226   4.958   -1.709  1.00 45.71 ? 37  G   B N7    1 
ATOM   671 C C5    . G   B 1 13 ? 1.957   5.320   -1.295  1.00 47.79 ? 37  G   B C5    1 
ATOM   672 C C6    . G   B 1 13 ? 1.043   4.645   -0.478  1.00 55.63 ? 37  G   B C6    1 
ATOM   673 O O6    . G   B 1 13 ? 1.176   3.540   0.075   1.00 56.16 ? 37  G   B O6    1 
ATOM   674 N N1    . G   B 1 13 ? -0.139  5.374   -0.323  1.00 52.62 ? 37  G   B N1    1 
ATOM   675 C C2    . G   B 1 13 ? -0.398  6.588   -0.896  1.00 52.34 ? 37  G   B C2    1 
ATOM   676 N N2    . G   B 1 13 ? -1.582  7.124   -0.639  1.00 50.55 ? 37  G   B N2    1 
ATOM   677 N N3    . G   B 1 13 ? 0.452   7.225   -1.667  1.00 51.78 ? 37  G   B N3    1 
ATOM   678 C C4    . G   B 1 13 ? 1.603   6.541   -1.813  1.00 50.22 ? 37  G   B C4    1 
ATOM   679 P P     . A   B 1 14 ? 5.018   11.372  -0.373  1.00 69.68 ? 38  A   B P     1 
ATOM   680 O OP1   . A   B 1 14 ? 5.753   12.659  -0.476  1.00 63.08 ? 38  A   B OP1   1 
ATOM   681 O OP2   . A   B 1 14 ? 5.681   10.180  0.221   1.00 63.99 ? 38  A   B OP2   1 
ATOM   682 O "O5'" . A   B 1 14 ? 3.651   11.569  0.414   1.00 62.56 ? 38  A   B "O5'" 1 
ATOM   683 C "C5'" . A   B 1 14 ? 2.612   12.367  -0.116  1.00 55.80 ? 38  A   B "C5'" 1 
ATOM   684 C "C4'" . A   B 1 14 ? 1.322   12.004  0.552   1.00 52.54 ? 38  A   B "C4'" 1 
ATOM   685 O "O4'" . A   B 1 14 ? 0.965   10.657  0.169   1.00 57.07 ? 38  A   B "O4'" 1 
ATOM   686 C "C3'" . A   B 1 14 ? 1.421   11.880  2.059   1.00 58.25 ? 38  A   B "C3'" 1 
ATOM   687 O "O3'" . A   B 1 14 ? 1.398   13.145  2.694   1.00 62.48 ? 38  A   B "O3'" 1 
ATOM   688 C "C2'" . A   B 1 14 ? 0.204   11.024  2.387   1.00 56.38 ? 38  A   B "C2'" 1 
ATOM   689 O "O2'" . A   B 1 14 ? -0.997  11.757  2.373   1.00 60.60 ? 38  A   B "O2'" 1 
ATOM   690 C "C1'" . A   B 1 14 ? 0.190   10.059  1.204   1.00 54.90 ? 38  A   B "C1'" 1 
ATOM   691 N N9    . A   B 1 14 ? 0.763   8.752   1.515   1.00 52.80 ? 38  A   B N9    1 
ATOM   692 C C8    . A   B 1 14 ? 2.016   8.309   1.183   1.00 55.12 ? 38  A   B C8    1 
ATOM   693 N N7    . A   B 1 14 ? 2.267   7.088   1.587   1.00 53.77 ? 38  A   B N7    1 
ATOM   694 C C5    . A   B 1 14 ? 1.102   6.706   2.235   1.00 51.30 ? 38  A   B C5    1 
ATOM   695 C C6    . A   B 1 14 ? 0.736   5.520   2.896   1.00 57.44 ? 38  A   B C6    1 
ATOM   696 N N6    . A   B 1 14 ? 1.550   4.464   3.018   1.00 54.59 ? 38  A   B N6    1 
ATOM   697 N N1    . A   B 1 14 ? -0.508  5.453   3.435   1.00 56.78 ? 38  A   B N1    1 
ATOM   698 C C2    . A   B 1 14 ? -1.311  6.517   3.312   1.00 53.58 ? 38  A   B C2    1 
ATOM   699 N N3    . A   B 1 14 ? -1.075  7.688   2.716   1.00 55.16 ? 38  A   B N3    1 
ATOM   700 C C4    . A   B 1 14 ? 0.166   7.718   2.194   1.00 52.89 ? 38  A   B C4    1 
ATOM   701 P P     . A   B 1 15 ? 1.928   13.282  4.198   1.00 61.58 ? 39  A   B P     1 
ATOM   702 O OP1   . A   B 1 15 ? 1.790   14.701  4.589   1.00 63.92 ? 39  A   B OP1   1 
ATOM   703 O OP2   . A   B 1 15 ? 3.247   12.602  4.326   1.00 54.11 ? 39  A   B OP2   1 
ATOM   704 O "O5'" . A   B 1 15 ? 0.877   12.449  5.047   1.00 51.92 ? 39  A   B "O5'" 1 
ATOM   705 C "C5'" . A   B 1 15 ? -0.461  12.875  5.176   1.00 53.17 ? 39  A   B "C5'" 1 
ATOM   706 C "C4'" . A   B 1 15 ? -1.224  11.866  5.983   1.00 58.16 ? 39  A   B "C4'" 1 
ATOM   707 O "O4'" . A   B 1 15 ? -1.195  10.574  5.305   1.00 57.71 ? 39  A   B "O4'" 1 
ATOM   708 C "C3'" . A   B 1 15 ? -0.596  11.539  7.321   1.00 61.54 ? 39  A   B "C3'" 1 
ATOM   709 O "O3'" . A   B 1 15 ? -0.878  12.558  8.286   1.00 67.91 ? 39  A   B "O3'" 1 
ATOM   710 C "C2'" . A   B 1 15 ? -1.285  10.221  7.628   1.00 62.51 ? 39  A   B "C2'" 1 
ATOM   711 O "O2'" . A   B 1 15 ? -2.640  10.508  7.924   1.00 55.77 ? 39  A   B "O2'" 1 
ATOM   712 C "C1'" . A   B 1 15 ? -1.200  9.521   6.262   1.00 56.96 ? 39  A   B "C1'" 1 
ATOM   713 N N9    . A   B 1 15 ? -0.029  8.668   5.995   1.00 52.79 ? 39  A   B N9    1 
ATOM   714 C C8    . A   B 1 15 ? 1.072   9.083   5.292   1.00 55.07 ? 39  A   B C8    1 
ATOM   715 N N7    . A   B 1 15 ? 1.997   8.163   5.153   1.00 54.20 ? 39  A   B N7    1 
ATOM   716 C C5    . A   B 1 15 ? 1.479   7.057   5.810   1.00 52.01 ? 39  A   B C5    1 
ATOM   717 C C6    . A   B 1 15 ? 2.015   5.758   6.040   1.00 53.87 ? 39  A   B C6    1 
ATOM   718 N N6    . A   B 1 15 ? 3.223   5.368   5.604   1.00 60.12 ? 39  A   B N6    1 
ATOM   719 N N1    . A   B 1 15 ? 1.277   4.874   6.748   1.00 55.51 ? 39  A   B N1    1 
ATOM   720 C C2    . A   B 1 15 ? 0.065   5.292   7.191   1.00 56.53 ? 39  A   B C2    1 
ATOM   721 N N3    . A   B 1 15 ? -0.546  6.493   7.044   1.00 57.11 ? 39  A   B N3    1 
ATOM   722 C C4    . A   B 1 15 ? 0.228   7.345   6.339   1.00 55.15 ? 39  A   B C4    1 
ATOM   723 P P     . A   B 1 16 ? 0.306   13.098  9.245   1.00 65.84 ? 40  A   B P     1 
ATOM   724 O OP1   . A   B 1 16 ? -0.033  14.490  9.602   1.00 76.69 ? 40  A   B OP1   1 
ATOM   725 O OP2   . A   B 1 16 ? 1.641   12.805  8.655   1.00 62.33 ? 40  A   B OP2   1 
ATOM   726 O "O5'" . A   B 1 16 ? 0.166   12.198  10.551  1.00 71.78 ? 40  A   B "O5'" 1 
ATOM   727 C "C5'" . A   B 1 16 ? -0.945  12.361  11.417  1.00 63.64 ? 40  A   B "C5'" 1 
ATOM   728 C "C4'" . A   B 1 16 ? -0.477  12.684  12.813  1.00 63.74 ? 40  A   B "C4'" 1 
ATOM   729 O "O4'" . A   B 1 16 ? -1.587  13.256  13.526  1.00 73.50 ? 40  A   B "O4'" 1 
ATOM   730 C "C3'" . A   B 1 16 ? -0.025  11.522  13.686  1.00 62.53 ? 40  A   B "C3'" 1 
ATOM   731 O "O3'" . A   B 1 16 ? 1.355   11.238  13.484  1.00 62.88 ? 40  A   B "O3'" 1 
ATOM   732 C "C2'" . A   B 1 16 ? -0.261  12.052  15.100  1.00 61.00 ? 40  A   B "C2'" 1 
ATOM   733 O "O2'" . A   B 1 16 ? 0.840   12.762  15.641  1.00 59.43 ? 40  A   B "O2'" 1 
ATOM   734 C "C1'" . A   B 1 16 ? -1.441  13.002  14.899  1.00 65.94 ? 40  A   B "C1'" 1 
ATOM   735 N N9    . A   B 1 16 ? -2.714  12.488  15.378  1.00 64.21 ? 40  A   B N9    1 
ATOM   736 C C8    . A   B 1 16 ? -3.539  11.556  14.808  1.00 67.98 ? 40  A   B C8    1 
ATOM   737 N N7    . A   B 1 16 ? -4.644  11.353  15.478  1.00 69.61 ? 40  A   B N7    1 
ATOM   738 C C5    . A   B 1 16 ? -4.532  12.208  16.564  1.00 63.07 ? 40  A   B C5    1 
ATOM   739 C C6    . A   B 1 16 ? -5.381  12.481  17.633  1.00 61.57 ? 40  A   B C6    1 
ATOM   740 N N6    . A   B 1 16 ? -6.569  11.897  17.797  1.00 62.55 ? 40  A   B N6    1 
ATOM   741 N N1    . A   B 1 16 ? -4.972  13.392  18.544  1.00 63.45 ? 40  A   B N1    1 
ATOM   742 C C2    . A   B 1 16 ? -3.778  13.979  18.374  1.00 63.55 ? 40  A   B C2    1 
ATOM   743 N N3    . A   B 1 16 ? -2.891  13.804  17.405  1.00 61.62 ? 40  A   B N3    1 
ATOM   744 C C4    . A   B 1 16 ? -3.339  12.897  16.521  1.00 63.09 ? 40  A   B C4    1 
ATOM   745 P P     . A   B 1 17 ? 1.895   9.735   13.679  1.00 60.85 ? 41  A   B P     1 
ATOM   746 O OP1   . A   B 1 17 ? 3.246   9.673   13.065  1.00 58.76 ? 41  A   B OP1   1 
ATOM   747 O OP2   . A   B 1 17 ? 0.851   8.768   13.263  1.00 60.38 ? 41  A   B OP2   1 
ATOM   748 O "O5'" . A   B 1 17 ? 2.061   9.568   15.248  1.00 60.01 ? 41  A   B "O5'" 1 
ATOM   749 C "C5'" . A   B 1 17 ? 3.088   10.248  15.947  1.00 58.44 ? 41  A   B "C5'" 1 
ATOM   750 C "C4'" . A   B 1 17 ? 2.869   10.088  17.422  1.00 59.95 ? 41  A   B "C4'" 1 
ATOM   751 O "O4'" . A   B 1 17 ? 1.568   10.657  17.736  1.00 60.85 ? 41  A   B "O4'" 1 
ATOM   752 C "C3'" . A   B 1 17 ? 2.815   8.647   17.923  1.00 58.49 ? 41  A   B "C3'" 1 
ATOM   753 O "O3'" . A   B 1 17 ? 4.115   8.260   18.373  1.00 61.45 ? 41  A   B "O3'" 1 
ATOM   754 C "C2'" . A   B 1 17 ? 1.923   8.801   19.157  1.00 60.25 ? 41  A   B "C2'" 1 
ATOM   755 O "O2'" . A   B 1 17 ? 2.655   9.329   20.265  1.00 56.57 ? 41  A   B "O2'" 1 
ATOM   756 C "C1'" . A   B 1 17 ? 0.910   9.854   18.688  1.00 57.92 ? 41  A   B "C1'" 1 
ATOM   757 N N9    . A   B 1 17 ? -0.336  9.353   18.097  1.00 55.14 ? 41  A   B N9    1 
ATOM   758 C C8    . A   B 1 17 ? -0.485  8.517   17.027  1.00 55.85 ? 41  A   B C8    1 
ATOM   759 N N7    . A   B 1 17 ? -1.734  8.236   16.745  1.00 59.80 ? 41  A   B N7    1 
ATOM   760 C C5    . A   B 1 17 ? -2.460  8.942   17.692  1.00 58.93 ? 41  A   B C5    1 
ATOM   761 C C6    . A   B 1 17 ? -3.847  9.079   17.924  1.00 56.82 ? 41  A   B C6    1 
ATOM   762 N N6    . A   B 1 17 ? -4.792  8.513   17.177  1.00 55.66 ? 41  A   B N6    1 
ATOM   763 N N1    . A   B 1 17 ? -4.234  9.844   18.955  1.00 58.26 ? 41  A   B N1    1 
ATOM   764 C C2    . A   B 1 17 ? -3.298  10.458  19.678  1.00 57.33 ? 41  A   B C2    1 
ATOM   765 N N3    . A   B 1 17 ? -1.976  10.428  19.547  1.00 56.90 ? 41  A   B N3    1 
ATOM   766 C C4    . A   B 1 17 ? -1.615  9.636   18.527  1.00 57.36 ? 41  A   B C4    1 
ATOM   767 P P     . G   B 1 18 ? 5.108   7.401   17.428  1.00 60.07 ? 42  G   B P     1 
ATOM   768 O OP1   . G   B 1 18 ? 6.363   7.260   18.213  1.00 58.54 ? 42  G   B OP1   1 
ATOM   769 O OP2   . G   B 1 18 ? 5.191   7.942   16.052  1.00 62.73 ? 42  G   B OP2   1 
ATOM   770 O "O5'" . G   B 1 18 ? 4.420   5.973   17.325  1.00 63.68 ? 42  G   B "O5'" 1 
ATOM   771 C "C5'" . G   B 1 18 ? 3.936   5.309   18.482  1.00 66.34 ? 42  G   B "C5'" 1 
ATOM   772 C "C4'" . G   B 1 18 ? 3.725   3.842   18.186  1.00 68.01 ? 42  G   B "C4'" 1 
ATOM   773 O "O4'" . G   B 1 18 ? 2.931   3.729   16.971  1.00 61.68 ? 42  G   B "O4'" 1 
ATOM   774 C "C3'" . G   B 1 18 ? 4.968   3.006   17.892  1.00 68.33 ? 42  G   B "C3'" 1 
ATOM   775 O "O3'" . G   B 1 18 ? 5.519   2.472   19.086  1.00 75.34 ? 42  G   B "O3'" 1 
ATOM   776 C "C2'" . G   B 1 18 ? 4.376   1.851   17.104  1.00 65.15 ? 42  G   B "C2'" 1 
ATOM   777 O "O2'" . G   B 1 18 ? 3.767   0.891   17.944  1.00 71.43 ? 42  G   B "O2'" 1 
ATOM   778 C "C1'" . G   B 1 18 ? 3.355   2.589   16.233  1.00 63.57 ? 42  G   B "C1'" 1 
ATOM   779 N N9    . G   B 1 18 ? 3.972   3.052   14.997  1.00 59.53 ? 42  G   B N9    1 
ATOM   780 C C8    . G   B 1 18 ? 4.044   4.341   14.543  1.00 57.52 ? 42  G   B C8    1 
ATOM   781 N N7    . G   B 1 18 ? 4.693   4.449   13.418  1.00 59.95 ? 42  G   B N7    1 
ATOM   782 C C5    . G   B 1 18 ? 5.060   3.150   13.106  1.00 56.76 ? 42  G   B C5    1 
ATOM   783 C C6    . G   B 1 18 ? 5.789   2.644   12.000  1.00 58.95 ? 42  G   B C6    1 
ATOM   784 O O6    . G   B 1 18 ? 6.259   3.269   11.032  1.00 61.40 ? 42  G   B O6    1 
ATOM   785 N N1    . G   B 1 18 ? 5.944   1.263   12.081  1.00 62.65 ? 42  G   B N1    1 
ATOM   786 C C2    . G   B 1 18 ? 5.455   0.469   13.088  1.00 63.70 ? 42  G   B C2    1 
ATOM   787 N N2    . G   B 1 18 ? 5.704   -0.854  12.974  1.00 66.70 ? 42  G   B N2    1 
ATOM   788 N N3    . G   B 1 18 ? 4.775   0.930   14.123  1.00 63.38 ? 42  G   B N3    1 
ATOM   789 C C4    . G   B 1 18 ? 4.618   2.273   14.066  1.00 56.79 ? 42  G   B C4    1 
ATOM   790 P P     . U   B 1 19 ? 7.111   2.272   19.215  1.00 72.15 ? 43  U   B P     1 
ATOM   791 O OP1   . U   B 1 19 ? 7.352   1.742   20.572  1.00 75.44 ? 43  U   B OP1   1 
ATOM   792 O OP2   . U   B 1 19 ? 7.759   3.539   18.798  1.00 72.23 ? 43  U   B OP2   1 
ATOM   793 O "O5'" . U   B 1 19 ? 7.469   1.133   18.163  1.00 64.73 ? 43  U   B "O5'" 1 
ATOM   794 C "C5'" . U   B 1 19 ? 7.027   -0.196  18.368  1.00 65.19 ? 43  U   B "C5'" 1 
ATOM   795 C "C4'" . U   B 1 19 ? 7.701   -1.122  17.392  1.00 67.45 ? 43  U   B "C4'" 1 
ATOM   796 O "O4'" . U   B 1 19 ? 7.199   -0.894  16.046  1.00 65.69 ? 43  U   B "O4'" 1 
ATOM   797 C "C3'" . U   B 1 19 ? 9.204   -0.962  17.267  1.00 70.20 ? 43  U   B "C3'" 1 
ATOM   798 O "O3'" . U   B 1 19 ? 9.856   -1.690  18.294  1.00 70.57 ? 43  U   B "O3'" 1 
ATOM   799 C "C2'" . U   B 1 19 ? 9.455   -1.573  15.897  1.00 70.16 ? 43  U   B "C2'" 1 
ATOM   800 O "O2'" . U   B 1 19 ? 9.425   -2.988  15.915  1.00 69.65 ? 43  U   B "O2'" 1 
ATOM   801 C "C1'" . U   B 1 19 ? 8.261   -1.022  15.114  1.00 64.57 ? 43  U   B "C1'" 1 
ATOM   802 N N1    . U   B 1 19 ? 8.537   0.310   14.572  1.00 61.21 ? 43  U   B N1    1 
ATOM   803 C C2    . U   B 1 19 ? 9.308   0.401   13.426  1.00 60.44 ? 43  U   B C2    1 
ATOM   804 O O2    . U   B 1 19 ? 9.768   -0.572  12.867  1.00 64.41 ? 43  U   B O2    1 
ATOM   805 N N3    . U   B 1 19 ? 9.520   1.679   12.967  1.00 59.13 ? 43  U   B N3    1 
ATOM   806 C C4    . U   B 1 19 ? 9.049   2.848   13.538  1.00 54.96 ? 43  U   B C4    1 
ATOM   807 O O4    . U   B 1 19 ? 9.259   3.918   12.984  1.00 53.56 ? 43  U   B O4    1 
ATOM   808 C C5    . U   B 1 19 ? 8.278   2.662   14.730  1.00 59.11 ? 43  U   B C5    1 
ATOM   809 C C6    . U   B 1 19 ? 8.050   1.428   15.191  1.00 63.91 ? 43  U   B C6    1 
ATOM   810 P P     . C   B 1 20 ? 11.354  -1.290  18.732  1.00 77.81 ? 44  C   B P     1 
ATOM   811 O OP1   . C   B 1 20 ? 11.749  -2.292  19.754  1.00 77.63 ? 44  C   B OP1   1 
ATOM   812 O OP2   . C   B 1 20 ? 11.415  0.159   19.062  1.00 77.81 ? 44  C   B OP2   1 
ATOM   813 O "O5'" . C   B 1 20 ? 12.225  -1.492  17.414  1.00 70.89 ? 44  C   B "O5'" 1 
ATOM   814 C "C5'" . C   B 1 20 ? 12.362  -2.772  16.813  1.00 69.48 ? 44  C   B "C5'" 1 
ATOM   815 C "C4'" . C   B 1 20 ? 13.149  -2.659  15.529  1.00 69.80 ? 44  C   B "C4'" 1 
ATOM   816 O "O4'" . C   B 1 20 ? 12.417  -1.853  14.562  1.00 70.22 ? 44  C   B "O4'" 1 
ATOM   817 C "C3'" . C   B 1 20 ? 14.495  -1.960  15.629  1.00 69.12 ? 44  C   B "C3'" 1 
ATOM   818 O "O3'" . C   B 1 20 ? 15.483  -2.877  16.094  1.00 77.52 ? 44  C   B "O3'" 1 
ATOM   819 C "C2'" . C   B 1 20 ? 14.744  -1.595  14.172  1.00 65.28 ? 44  C   B "C2'" 1 
ATOM   820 O "O2'" . C   B 1 20 ? 15.181  -2.712  13.428  1.00 68.40 ? 44  C   B "O2'" 1 
ATOM   821 C "C1'" . C   B 1 20 ? 13.339  -1.201  13.706  1.00 61.76 ? 44  C   B "C1'" 1 
ATOM   822 N N1    . C   B 1 20 ? 13.080  0.245   13.750  1.00 61.80 ? 44  C   B N1    1 
ATOM   823 C C2    . C   B 1 20 ? 13.614  1.054   12.737  1.00 63.72 ? 44  C   B C2    1 
ATOM   824 O O2    . C   B 1 20 ? 14.293  0.529   11.850  1.00 61.44 ? 44  C   B O2    1 
ATOM   825 N N3    . C   B 1 20 ? 13.374  2.383   12.753  1.00 60.88 ? 44  C   B N3    1 
ATOM   826 C C4    . C   B 1 20 ? 12.626  2.914   13.725  1.00 59.99 ? 44  C   B C4    1 
ATOM   827 N N4    . C   B 1 20 ? 12.392  4.229   13.679  1.00 63.37 ? 44  C   B N4    1 
ATOM   828 C C5    . C   B 1 20 ? 12.080  2.118   14.783  1.00 57.39 ? 44  C   B C5    1 
ATOM   829 C C6    . C   B 1 20 ? 12.329  0.803   14.754  1.00 63.39 ? 44  C   B C6    1 
ATOM   830 P P     . G   B 1 21 ? 16.774  -2.341  16.907  1.00 84.78 ? 45  G   B P     1 
ATOM   831 O OP1   . G   B 1 21 ? 17.485  -3.552  17.422  1.00 74.44 ? 45  G   B OP1   1 
ATOM   832 O OP2   . G   B 1 21 ? 16.352  -1.278  17.858  1.00 76.37 ? 45  G   B OP2   1 
ATOM   833 O "O5'" . G   B 1 21 ? 17.690  -1.677  15.791  1.00 71.96 ? 45  G   B "O5'" 1 
ATOM   834 C "C5'" . G   B 1 21 ? 18.128  -2.436  14.681  1.00 76.97 ? 45  G   B "C5'" 1 
ATOM   835 C "C4'" . G   B 1 21 ? 18.634  -1.522  13.592  1.00 73.98 ? 45  G   B "C4'" 1 
ATOM   836 O "O4'" . G   B 1 21 ? 17.558  -0.666  13.145  1.00 72.81 ? 45  G   B "O4'" 1 
ATOM   837 C "C3'" . G   B 1 21 ? 19.704  -0.520  13.986  1.00 71.86 ? 45  G   B "C3'" 1 
ATOM   838 O "O3'" . G   B 1 21 ? 20.975  -1.136  14.011  1.00 68.65 ? 45  G   B "O3'" 1 
ATOM   839 C "C2'" . G   B 1 21 ? 19.614  0.482   12.841  1.00 70.09 ? 45  G   B "C2'" 1 
ATOM   840 O "O2'" . G   B 1 21 ? 20.273  0.030   11.676  1.00 67.34 ? 45  G   B "O2'" 1 
ATOM   841 C "C1'" . G   B 1 21 ? 18.107  0.502   12.571  1.00 65.91 ? 45  G   B "C1'" 1 
ATOM   842 N N9    . G   B 1 21 ? 17.400  1.657   13.108  1.00 57.69 ? 45  G   B N9    1 
ATOM   843 C C8    . G   B 1 21 ? 16.549  1.688   14.184  1.00 61.72 ? 45  G   B C8    1 
ATOM   844 N N7    . G   B 1 21 ? 16.029  2.870   14.388  1.00 63.13 ? 45  G   B N7    1 
ATOM   845 C C5    . G   B 1 21 ? 16.582  3.663   13.394  1.00 58.87 ? 45  G   B C5    1 
ATOM   846 C C6    . G   B 1 21 ? 16.385  5.034   13.098  1.00 59.95 ? 45  G   B C6    1 
ATOM   847 O O6    . G   B 1 21 ? 15.648  5.838   13.656  1.00 62.43 ? 45  G   B O6    1 
ATOM   848 N N1    . G   B 1 21 ? 17.152  5.439   12.019  1.00 59.56 ? 45  G   B N1    1 
ATOM   849 C C2    . G   B 1 21 ? 17.989  4.626   11.302  1.00 61.01 ? 45  G   B C2    1 
ATOM   850 N N2    . G   B 1 21 ? 18.658  5.207   10.297  1.00 59.65 ? 45  G   B N2    1 
ATOM   851 N N3    . G   B 1 21 ? 18.165  3.338   11.552  1.00 62.42 ? 45  G   B N3    1 
ATOM   852 C C4    . G   B 1 21 ? 17.439  2.931   12.607  1.00 60.33 ? 45  G   B C4    1 
ATOM   853 P P     . C   B 1 22 ? 22.123  -0.536  14.949  1.00 77.35 ? 46  C   B P     1 
ATOM   854 O OP1   . C   B 1 22 ? 23.310  -1.416  14.790  1.00 74.09 ? 46  C   B OP1   1 
ATOM   855 O OP2   . C   B 1 22 ? 21.534  -0.314  16.295  1.00 74.79 ? 46  C   B OP2   1 
ATOM   856 O "O5'" . C   B 1 22 ? 22.477  0.872   14.300  1.00 69.54 ? 46  C   B "O5'" 1 
ATOM   857 C "C5'" . C   B 1 22 ? 23.217  0.929   13.087  1.00 65.22 ? 46  C   B "C5'" 1 
ATOM   858 C "C4'" . C   B 1 22 ? 23.291  2.346   12.580  1.00 67.12 ? 46  C   B "C4'" 1 
ATOM   859 O "O4'" . C   B 1 22 ? 21.963  2.874   12.309  1.00 67.90 ? 46  C   B "O4'" 1 
ATOM   860 C "C3'" . C   B 1 22 ? 23.847  3.390   13.529  1.00 72.79 ? 46  C   B "C3'" 1 
ATOM   861 O "O3'" . C   B 1 22 ? 25.212  3.256   13.940  1.00 77.14 ? 46  C   B "O3'" 1 
ATOM   862 C "C2'" . C   B 1 22 ? 23.427  4.671   12.816  1.00 69.22 ? 46  C   B "C2'" 1 
ATOM   863 O "O2'" . C   B 1 22 ? 24.198  4.950   11.667  1.00 68.86 ? 46  C   B "O2'" 1 
ATOM   864 C "C1'" . C   B 1 22 ? 22.007  4.298   12.375  1.00 62.99 ? 46  C   B "C1'" 1 
ATOM   865 N N1    . C   B 1 22 ? 20.987  4.766   13.329  1.00 61.42 ? 46  C   B N1    1 
ATOM   866 C C2    . C   B 1 22 ? 20.696  6.134   13.376  1.00 60.06 ? 46  C   B C2    1 
ATOM   867 O O2    . C   B 1 22 ? 21.302  6.892   12.619  1.00 63.44 ? 46  C   B O2    1 
ATOM   868 N N3    . C   B 1 22 ? 19.764  6.588   14.252  1.00 58.11 ? 46  C   B N3    1 
ATOM   869 C C4    . C   B 1 22 ? 19.136  5.726   15.057  1.00 57.24 ? 46  C   B C4    1 
ATOM   870 N N4    . C   B 1 22 ? 18.232  6.209   15.910  1.00 56.77 ? 46  C   B N4    1 
ATOM   871 C C5    . C   B 1 22 ? 19.411  4.328   15.029  1.00 56.65 ? 46  C   B C5    1 
ATOM   872 C C6    . C   B 1 22 ? 20.337  3.893   14.157  1.00 62.24 ? 46  C   B C6    1 
HETATM 873 C C11   . GET C 2 .  ? 3.859   6.718   9.660   1.00 55.12 ? 201 GET B C11   1 
HETATM 874 O O11   . GET C 2 .  ? 4.600   7.511   10.589  1.00 63.65 ? 201 GET B O11   1 
HETATM 875 C C21   . GET C 2 .  ? 3.213   7.722   8.670   1.00 53.93 ? 201 GET B C21   1 
HETATM 876 N N21   . GET C 2 .  ? 4.245   8.526   8.005   1.00 53.32 ? 201 GET B N21   1 
HETATM 877 C C31   . GET C 2 .  ? 2.216   8.642   9.418   1.00 56.67 ? 201 GET B C31   1 
HETATM 878 O O31   . GET C 2 .  ? 1.627   9.585   8.498   1.00 53.15 ? 201 GET B O31   1 
HETATM 879 C C41   . GET C 2 .  ? 1.133   7.743   10.105  1.00 55.54 ? 201 GET B C41   1 
HETATM 880 O O41   . GET C 2 .  ? 0.184   8.550   10.804  1.00 61.45 ? 201 GET B O41   1 
HETATM 881 C C51   . GET C 2 .  ? 1.826   6.753   11.099  1.00 53.45 ? 201 GET B C51   1 
HETATM 882 O O51   . GET C 2 .  ? 2.825   5.912   10.364  1.00 58.87 ? 201 GET B O51   1 
HETATM 883 C C61   . GET C 2 .  ? 0.768   5.843   11.800  1.00 55.50 ? 201 GET B C61   1 
HETATM 884 O O61   . GET C 2 .  ? 1.379   4.961   12.725  1.00 59.83 ? 201 GET B O61   1 
HETATM 885 C C71   . GET C 2 .  ? -0.020  4.998   10.785  1.00 58.59 ? 201 GET B C71   1 
HETATM 886 C C12   . GET C 2 .  ? 8.545   7.236   12.228  1.00 63.30 ? 201 GET B C12   1 
HETATM 887 N N12   . GET C 2 .  ? 9.773   6.692   12.796  1.00 54.38 ? 201 GET B N12   1 
HETATM 888 C C22   . GET C 2 .  ? 7.339   6.839   13.144  1.00 60.59 ? 201 GET B C22   1 
HETATM 889 C C32   . GET C 2 .  ? 6.033   7.442   12.521  1.00 61.25 ? 201 GET B C32   1 
HETATM 890 N N32   . GET C 2 .  ? 4.850   7.091   13.345  1.00 58.73 ? 201 GET B N32   1 
HETATM 891 C C42   . GET C 2 .  ? 5.820   6.903   11.088  1.00 59.07 ? 201 GET B C42   1 
HETATM 892 C C52   . GET C 2 .  ? 7.049   7.281   10.220  1.00 62.29 ? 201 GET B C52   1 
HETATM 893 O O52   . GET C 2 .  ? 6.845   6.783   8.904   1.00 69.23 ? 201 GET B O52   1 
HETATM 894 C C62   . GET C 2 .  ? 8.344   6.651   10.795  1.00 65.98 ? 201 GET B C62   1 
HETATM 895 O O62   . GET C 2 .  ? 9.438   7.037   9.970   1.00 65.42 ? 201 GET B O62   1 
HETATM 896 C C13   . GET C 2 .  ? 10.287  5.969   9.552   1.00 61.45 ? 201 GET B C13   1 
HETATM 897 C C23   . GET C 2 .  ? 11.646  6.662   9.290   1.00 59.73 ? 201 GET B C23   1 
HETATM 898 O O23   . GET C 2 .  ? 12.142  7.219   10.490  1.00 66.69 ? 201 GET B O23   1 
HETATM 899 C C33   . GET C 2 .  ? 11.435  7.772   8.212   1.00 60.30 ? 201 GET B C33   1 
HETATM 900 N N33   . GET C 2 .  ? 12.709  8.485   7.953   1.00 64.02 ? 201 GET B N33   1 
HETATM 901 C C93   . GET C 2 .  ? 12.632  9.802   8.642   1.00 63.52 ? 201 GET B C93   1 
HETATM 902 C C43   . GET C 2 .  ? 10.897  7.111   6.909   1.00 58.29 ? 201 GET B C43   1 
HETATM 903 O O43   . GET C 2 .  ? 11.833  6.165   6.445   1.00 64.69 ? 201 GET B O43   1 
HETATM 904 C C83   . GET C 2 .  ? 10.665  8.127   5.796   1.00 55.37 ? 201 GET B C83   1 
HETATM 905 C C53   . GET C 2 .  ? 9.573   6.390   7.237   1.00 60.97 ? 201 GET B C53   1 
HETATM 906 O O53   . GET C 2 .  ? 9.771   5.396   8.312   1.00 60.68 ? 201 GET B O53   1 
HETATM 907 O O     . HOH D 3 .  ? -12.445 -13.285 -23.888 1.00 70.59 ? 301 HOH B O     1 
HETATM 908 O O     . HOH D 3 .  ? 8.231   9.687   7.385   1.00 64.68 ? 302 HOH B O     1 
HETATM 909 O O     . HOH D 3 .  ? 23.587  2.018   9.235   1.00 48.78 ? 303 HOH B O     1 
HETATM 910 O O     . HOH D 3 .  ? 10.687  -0.410  -1.306  1.00 60.76 ? 304 HOH B O     1 
# 
